data_3EIO
#
_entry.id   3EIO
#
_cell.length_a   119.368
_cell.length_b   123.387
_cell.length_c   133.185
_cell.angle_alpha   90.000
_cell.angle_beta   90.000
_cell.angle_gamma   90.000
#
_symmetry.space_group_name_H-M   'P 21 21 21'
#
loop_
_entity.id
_entity.type
_entity.pdbx_description
1 polymer 'Dipeptidyl peptidase 4 soluble form'
2 branched alpha-D-mannopyranose-(1-4)-2-acetamido-2-deoxy-beta-D-glucopyranose-(1-4)-2-acetamido-2-deoxy-beta-D-glucopyranose
3 branched 2-acetamido-2-deoxy-beta-D-glucopyranose-(1-4)-2-acetamido-2-deoxy-beta-D-glucopyranose
4 non-polymer '4-({4-[(3R)-3-amino-4-(2,4,5-trifluorophenyl)butanoyl]-1,4-diazepan-1-yl}carbonyl)benzoic acid'
5 non-polymer 2-acetamido-2-deoxy-beta-D-glucopyranose
6 water water
#
_entity_poly.entity_id   1
_entity_poly.type   'polypeptide(L)'
_entity_poly.pdbx_seq_one_letter_code
;SRKTYTLTDYLKNTYRLKLYSLRWISDHEYLYKQENNILVFNAEYGNSSVFLENSTFDEFGHSINDYSISPDGQFILLEY
NYVKQWRHSYTASYDIYDLNKRQLITEERIPNNTQWVTWSPVGHKLAYVWNNDIYVKIEPNLPSYRITWTGKEDIIYNGI
TDWVYEEEVFSAYSALWWSPNGTFLAYAQFNDTEVPLIEYSFYSDESLQYPKTVRVPYPKAGAVNPTVKFFVVNTDSLSS
VTNATSIQITAPASMLIGDHYLCDVTWATQERISLQWLRRIQNYSVMDICDYDESSGRWNCLVARQHIEMSTTGWVGRFR
PSEPHFTLDGNSFYKIISNEEGYRHICYFQIDKKDCTFITKGTWEVIGIEALTSDYLYYISNEYKGMPGGRNLYKIQLSD
YTKVTCLSCELNPERCQYYSVSFSKEAKYYQLRCSGPGLPLYTLHSSVNDKGLRVLEDNSALDKMLQNVQMPSKKLDFII
LNETKFWYQMILPPHFDKSKKYPLLLDVYAGPCSQKADTVFRLNWATYLASTENIIVASFDGRGSGYQGDKIMHAINRRL
GTFEVEDQIEAARQFSKMGFVDNKRIAIWGWSYGGYVTSMVLGSGSGVFKCGIAVAPVSRWEYYDSVYTERYMGLPTPED
NLDHYRNSTVMSRAENFKQVEYLLIHGTADDNVHFQQSAQISKALVDVGVDFQAMWYTDEDHGIASSTAHQHIYTHMSHF
IKQCFSLP
;
_entity_poly.pdbx_strand_id   A,B
#
loop_
_chem_comp.id
_chem_comp.type
_chem_comp.name
_chem_comp.formula
AJH non-polymer '4-({4-[(3R)-3-amino-4-(2,4,5-trifluorophenyl)butanoyl]-1,4-diazepan-1-yl}carbonyl)benzoic acid' 'C23 H24 F3 N3 O4'
MAN D-saccharide, alpha linking alpha-D-mannopyranose 'C6 H12 O6'
NAG D-saccharide, beta linking 2-acetamido-2-deoxy-beta-D-glucopyranose 'C8 H15 N O6'
#
# COMPACT_ATOMS: atom_id res chain seq x y z
N SER A 1 -4.12 40.29 24.03
CA SER A 1 -4.09 41.32 22.95
C SER A 1 -4.03 40.71 21.56
N ARG A 2 -5.18 40.63 20.89
CA ARG A 2 -5.32 40.05 19.56
C ARG A 2 -4.84 38.59 19.42
N LYS A 3 -5.67 37.76 18.80
CA LYS A 3 -5.27 36.37 18.61
C LYS A 3 -4.27 36.20 17.48
N THR A 4 -3.75 35.00 17.37
CA THR A 4 -2.79 34.70 16.32
C THR A 4 -3.48 33.97 15.15
N TYR A 5 -2.74 33.71 14.07
CA TYR A 5 -3.30 33.00 12.92
C TYR A 5 -3.12 31.54 13.29
N THR A 6 -4.22 30.83 13.59
CA THR A 6 -4.09 29.44 14.04
C THR A 6 -4.15 28.32 12.99
N LEU A 7 -4.01 27.10 13.47
CA LEU A 7 -4.07 25.97 12.56
C LEU A 7 -5.48 25.90 11.97
N THR A 8 -6.48 26.04 12.83
CA THR A 8 -7.87 26.01 12.35
C THR A 8 -8.11 27.14 11.37
N ASP A 9 -7.57 28.32 11.65
CA ASP A 9 -7.74 29.40 10.70
C ASP A 9 -7.27 28.94 9.31
N TYR A 10 -6.12 28.27 9.26
CA TYR A 10 -5.59 27.80 7.99
C TYR A 10 -6.44 26.69 7.40
N LEU A 11 -6.71 25.66 8.20
CA LEU A 11 -7.49 24.55 7.72
C LEU A 11 -8.94 24.88 7.38
N LYS A 12 -9.55 25.85 8.07
CA LYS A 12 -10.95 26.20 7.77
C LYS A 12 -11.07 27.46 6.88
N ASN A 13 -9.93 28.04 6.49
CA ASN A 13 -9.95 29.19 5.62
C ASN A 13 -10.73 30.36 6.18
N THR A 14 -10.53 30.68 7.44
CA THR A 14 -11.26 31.82 8.02
C THR A 14 -10.88 33.12 7.28
N TYR A 15 -9.60 33.26 6.90
CA TYR A 15 -9.11 34.45 6.19
C TYR A 15 -8.88 34.11 4.73
N ARG A 16 -9.78 34.59 3.88
CA ARG A 16 -9.73 34.28 2.47
C ARG A 16 -9.31 35.41 1.54
N LEU A 17 -8.28 35.17 0.74
CA LEU A 17 -7.82 36.15 -0.23
C LEU A 17 -8.95 36.31 -1.29
N LYS A 18 -9.29 37.54 -1.66
CA LYS A 18 -10.29 37.75 -2.68
C LYS A 18 -9.61 37.82 -4.03
N LEU A 19 -10.27 37.34 -5.07
CA LEU A 19 -9.70 37.33 -6.42
C LEU A 19 -10.61 38.13 -7.37
N TYR A 20 -10.19 38.26 -8.62
CA TYR A 20 -11.03 38.91 -9.65
C TYR A 20 -10.75 38.21 -10.97
N SER A 21 -11.41 37.06 -11.16
CA SER A 21 -11.21 36.24 -12.35
C SER A 21 -12.15 36.69 -13.45
N LEU A 22 -11.60 37.34 -14.47
CA LEU A 22 -12.41 37.79 -15.56
C LEU A 22 -12.09 37.00 -16.80
N ARG A 23 -13.03 36.95 -17.72
CA ARG A 23 -12.76 36.24 -18.95
C ARG A 23 -13.02 37.20 -20.09
N TRP A 24 -11.95 37.62 -20.77
CA TRP A 24 -12.10 38.51 -21.91
C TRP A 24 -12.92 37.83 -23.03
N ILE A 25 -13.89 38.55 -23.60
CA ILE A 25 -14.67 37.97 -24.69
C ILE A 25 -14.42 38.76 -25.97
N SER A 26 -13.72 39.86 -25.85
CA SER A 26 -13.40 40.67 -27.02
C SER A 26 -12.27 41.58 -26.65
N ASP A 27 -12.08 42.62 -27.44
CA ASP A 27 -11.02 43.54 -27.15
C ASP A 27 -11.56 44.63 -26.22
N HIS A 28 -12.87 44.62 -25.95
CA HIS A 28 -13.53 45.65 -25.14
C HIS A 28 -14.39 45.20 -23.94
N GLU A 29 -14.70 43.91 -23.83
CA GLU A 29 -15.55 43.46 -22.72
C GLU A 29 -15.07 42.15 -22.11
N TYR A 30 -15.42 41.92 -20.86
CA TYR A 30 -15.00 40.69 -20.22
C TYR A 30 -16.14 40.21 -19.38
N LEU A 31 -16.20 38.92 -19.12
CA LEU A 31 -17.28 38.35 -18.30
C LEU A 31 -16.73 38.19 -16.91
N TYR A 32 -17.59 38.35 -15.92
CA TYR A 32 -17.18 38.19 -14.55
C TYR A 32 -18.14 37.29 -13.81
N LYS A 33 -17.74 36.02 -13.73
CA LYS A 33 -18.44 34.92 -13.08
C LYS A 33 -18.68 35.38 -11.64
N GLN A 34 -19.94 35.58 -11.27
CA GLN A 34 -20.26 36.09 -9.95
C GLN A 34 -20.82 35.16 -8.88
N GLU A 35 -20.73 33.84 -9.07
CA GLU A 35 -21.23 32.89 -8.05
C GLU A 35 -22.74 32.87 -7.95
N ASN A 36 -23.42 33.50 -8.89
CA ASN A 36 -24.87 33.49 -8.98
C ASN A 36 -24.99 33.54 -10.49
N ASN A 37 -24.97 34.78 -10.98
CA ASN A 37 -25.07 35.06 -12.41
C ASN A 37 -23.75 35.51 -12.97
N ILE A 38 -23.67 35.51 -14.29
CA ILE A 38 -22.46 35.94 -14.92
C ILE A 38 -22.77 37.28 -15.61
N LEU A 39 -21.98 38.31 -15.33
CA LEU A 39 -22.21 39.61 -15.94
C LEU A 39 -21.17 39.88 -16.99
N VAL A 40 -21.44 40.89 -17.81
CA VAL A 40 -20.50 41.27 -18.83
C VAL A 40 -20.17 42.72 -18.50
N PHE A 41 -18.89 43.06 -18.60
CA PHE A 41 -18.36 44.39 -18.26
C PHE A 41 -17.73 45.06 -19.46
N ASN A 42 -17.86 46.38 -19.50
CA ASN A 42 -17.27 47.19 -20.55
C ASN A 42 -16.01 47.74 -19.91
N ALA A 43 -14.86 47.41 -20.47
CA ALA A 43 -13.57 47.80 -19.89
C ALA A 43 -13.37 49.30 -19.78
N GLU A 44 -13.78 49.99 -20.84
CA GLU A 44 -13.65 51.44 -20.93
C GLU A 44 -14.26 52.19 -19.74
N TYR A 45 -15.55 51.97 -19.49
CA TYR A 45 -16.26 52.66 -18.41
C TYR A 45 -16.54 51.90 -17.12
N GLY A 46 -16.63 50.58 -17.19
CA GLY A 46 -16.90 49.86 -15.96
C GLY A 46 -18.35 49.51 -15.75
N ASN A 47 -19.26 49.88 -16.67
CA ASN A 47 -20.70 49.50 -16.57
C ASN A 47 -20.85 48.01 -16.87
N SER A 48 -21.89 47.39 -16.29
CA SER A 48 -22.11 45.98 -16.53
C SER A 48 -23.58 45.66 -16.84
N SER A 49 -23.82 44.41 -17.21
CA SER A 49 -25.16 43.90 -17.50
C SER A 49 -25.12 42.42 -17.23
N VAL A 50 -26.26 41.83 -16.89
CA VAL A 50 -26.30 40.39 -16.65
C VAL A 50 -26.16 39.73 -18.03
N PHE A 51 -25.34 38.68 -18.12
CA PHE A 51 -25.18 37.99 -19.38
C PHE A 51 -25.99 36.72 -19.27
N LEU A 52 -26.14 36.21 -18.04
CA LEU A 52 -26.88 34.99 -17.81
C LEU A 52 -27.34 35.01 -16.35
N GLU A 53 -28.64 34.85 -16.13
CA GLU A 53 -29.21 34.84 -14.77
C GLU A 53 -28.79 33.65 -13.93
N ASN A 54 -28.80 33.82 -12.61
CA ASN A 54 -28.40 32.68 -11.77
C ASN A 54 -29.49 31.60 -11.74
N SER A 55 -30.70 31.95 -12.18
CA SER A 55 -31.80 30.99 -12.17
C SER A 55 -32.10 30.41 -13.54
N THR A 56 -31.30 30.76 -14.52
CA THR A 56 -31.51 30.26 -15.87
C THR A 56 -31.46 28.72 -15.93
N PHE A 57 -30.71 28.09 -15.04
CA PHE A 57 -30.57 26.63 -15.08
C PHE A 57 -31.01 25.89 -13.81
N ASP A 58 -31.95 26.44 -13.06
CA ASP A 58 -32.38 25.78 -11.84
C ASP A 58 -32.92 24.36 -12.01
N GLU A 59 -33.95 24.17 -12.82
CA GLU A 59 -34.46 22.82 -13.00
C GLU A 59 -33.70 22.05 -14.10
N PHE A 60 -32.38 22.02 -13.95
CA PHE A 60 -31.48 21.29 -14.86
C PHE A 60 -31.37 19.90 -14.21
N GLY A 61 -31.28 19.89 -12.87
CA GLY A 61 -31.18 18.64 -12.15
C GLY A 61 -29.74 18.23 -11.96
N HIS A 62 -28.84 19.07 -12.48
CA HIS A 62 -27.41 18.82 -12.42
C HIS A 62 -26.67 20.05 -11.96
N SER A 63 -25.72 19.88 -11.04
CA SER A 63 -24.94 21.00 -10.59
C SER A 63 -23.95 21.24 -11.72
N ILE A 64 -23.81 22.49 -12.16
CA ILE A 64 -22.89 22.81 -13.23
C ILE A 64 -21.59 23.32 -12.63
N ASN A 65 -20.46 22.68 -12.96
CA ASN A 65 -19.21 23.13 -12.36
C ASN A 65 -18.43 24.12 -13.22
N ASP A 66 -18.84 24.31 -14.47
CA ASP A 66 -18.14 25.27 -15.34
C ASP A 66 -18.93 25.43 -16.63
N TYR A 67 -18.58 26.46 -17.39
CA TYR A 67 -19.22 26.71 -18.66
C TYR A 67 -18.26 27.43 -19.56
N SER A 68 -18.58 27.46 -20.84
CA SER A 68 -17.73 28.11 -21.80
C SER A 68 -18.63 28.68 -22.88
N ILE A 69 -18.47 29.97 -23.13
CA ILE A 69 -19.28 30.64 -24.14
C ILE A 69 -18.54 30.64 -25.48
N SER A 70 -19.27 30.26 -26.53
CA SER A 70 -18.70 30.20 -27.85
C SER A 70 -18.17 31.57 -28.18
N PRO A 71 -17.12 31.63 -28.99
CA PRO A 71 -16.54 32.93 -29.37
C PRO A 71 -17.55 33.90 -30.04
N ASP A 72 -18.57 33.37 -30.70
CA ASP A 72 -19.55 34.27 -31.32
C ASP A 72 -20.72 34.61 -30.41
N GLY A 73 -20.66 34.19 -29.15
CA GLY A 73 -21.70 34.52 -28.19
C GLY A 73 -23.06 33.87 -28.36
N GLN A 74 -23.19 32.96 -29.31
CA GLN A 74 -24.48 32.33 -29.55
C GLN A 74 -24.80 31.15 -28.64
N PHE A 75 -23.76 30.44 -28.20
CA PHE A 75 -23.96 29.27 -27.36
C PHE A 75 -23.16 29.24 -26.05
N ILE A 76 -23.61 28.40 -25.14
CA ILE A 76 -22.93 28.26 -23.87
C ILE A 76 -22.78 26.76 -23.63
N LEU A 77 -21.55 26.31 -23.39
CA LEU A 77 -21.31 24.89 -23.12
C LEU A 77 -21.48 24.73 -21.62
N LEU A 78 -22.30 23.78 -21.19
CA LEU A 78 -22.49 23.54 -19.77
C LEU A 78 -21.81 22.26 -19.34
N GLU A 79 -20.87 22.35 -18.41
CA GLU A 79 -20.10 21.20 -17.94
C GLU A 79 -20.63 20.70 -16.60
N TYR A 80 -21.01 19.44 -16.54
CA TYR A 80 -21.48 18.86 -15.29
C TYR A 80 -21.00 17.43 -15.25
N ASN A 81 -21.18 16.77 -14.11
CA ASN A 81 -20.71 15.41 -13.92
C ASN A 81 -19.18 15.34 -14.01
N TYR A 82 -18.52 16.39 -13.52
CA TYR A 82 -17.06 16.49 -13.53
C TYR A 82 -16.44 15.38 -12.67
N VAL A 83 -15.54 14.60 -13.28
CA VAL A 83 -14.85 13.51 -12.55
C VAL A 83 -13.36 13.67 -12.85
N LYS A 84 -12.62 14.14 -11.86
CA LYS A 84 -11.20 14.37 -12.03
C LYS A 84 -10.37 13.16 -12.42
N GLN A 85 -9.36 13.37 -13.27
CA GLN A 85 -8.44 12.26 -13.54
C GLN A 85 -7.06 12.63 -12.94
N TRP A 86 -6.10 13.11 -13.74
CA TRP A 86 -4.75 13.45 -13.23
C TRP A 86 -4.56 14.92 -12.86
N ARG A 87 -3.39 15.53 -13.03
CA ARG A 87 -3.30 16.96 -12.64
C ARG A 87 -4.24 17.86 -13.49
N HIS A 88 -4.40 17.56 -14.77
CA HIS A 88 -5.23 18.39 -15.66
C HIS A 88 -6.42 17.67 -16.30
N SER A 89 -6.26 16.38 -16.58
CA SER A 89 -7.31 15.63 -17.22
C SER A 89 -8.51 15.37 -16.32
N TYR A 90 -9.66 15.13 -16.94
CA TYR A 90 -10.91 14.83 -16.26
C TYR A 90 -11.94 14.54 -17.33
N THR A 91 -13.05 13.92 -16.95
CA THR A 91 -14.13 13.62 -17.88
C THR A 91 -15.36 14.37 -17.38
N ALA A 92 -16.32 14.61 -18.27
CA ALA A 92 -17.53 15.32 -17.88
C ALA A 92 -18.65 15.16 -18.89
N SER A 93 -19.86 15.50 -18.47
CA SER A 93 -21.02 15.47 -19.36
C SER A 93 -21.21 16.91 -19.84
N TYR A 94 -21.72 17.09 -21.05
CA TYR A 94 -21.92 18.43 -21.59
C TYR A 94 -23.27 18.60 -22.28
N ASP A 95 -23.82 19.80 -22.15
CA ASP A 95 -25.08 20.15 -22.80
C ASP A 95 -24.78 21.53 -23.38
N ILE A 96 -25.38 21.83 -24.53
CA ILE A 96 -25.17 23.12 -25.18
C ILE A 96 -26.44 23.95 -25.13
N TYR A 97 -26.33 25.16 -24.61
CA TYR A 97 -27.48 26.04 -24.49
C TYR A 97 -27.46 27.11 -25.57
N ASP A 98 -28.50 27.11 -26.39
CA ASP A 98 -28.63 28.09 -27.46
C ASP A 98 -29.04 29.40 -26.78
N LEU A 99 -28.33 30.48 -27.07
CA LEU A 99 -28.62 31.76 -26.45
C LEU A 99 -29.65 32.63 -27.18
N ASN A 100 -29.85 32.39 -28.46
CA ASN A 100 -30.81 33.22 -29.17
C ASN A 100 -32.20 32.61 -29.14
N LYS A 101 -32.25 31.33 -28.86
CA LYS A 101 -33.51 30.62 -28.80
C LYS A 101 -33.76 30.35 -27.32
N ARG A 102 -32.73 30.57 -26.52
CA ARG A 102 -32.79 30.36 -25.09
C ARG A 102 -33.35 28.96 -24.82
N GLN A 103 -32.81 27.99 -25.56
CA GLN A 103 -33.24 26.61 -25.47
C GLN A 103 -32.03 25.69 -25.30
N LEU A 104 -32.17 24.67 -24.47
CA LEU A 104 -31.10 23.69 -24.33
C LEU A 104 -31.25 22.85 -25.59
N ILE A 105 -30.15 22.51 -26.25
CA ILE A 105 -30.25 21.67 -27.43
C ILE A 105 -30.45 20.22 -26.92
N THR A 106 -31.37 19.48 -27.53
CA THR A 106 -31.61 18.13 -27.06
C THR A 106 -31.22 17.01 -28.01
N GLU A 107 -30.88 17.35 -29.25
CA GLU A 107 -30.51 16.33 -30.21
C GLU A 107 -29.04 16.36 -30.53
N GLU A 108 -28.50 15.19 -30.82
CA GLU A 108 -27.08 15.05 -31.13
C GLU A 108 -26.19 15.64 -30.02
N ARG A 109 -26.58 15.39 -28.76
CA ARG A 109 -25.83 15.89 -27.62
C ARG A 109 -24.43 15.30 -27.60
N ILE A 110 -23.52 15.98 -26.90
CA ILE A 110 -22.16 15.52 -26.73
C ILE A 110 -22.32 14.31 -25.81
N PRO A 111 -21.54 13.25 -26.04
CA PRO A 111 -21.63 12.04 -25.21
C PRO A 111 -21.33 12.25 -23.72
N ASN A 112 -21.72 11.28 -22.91
CA ASN A 112 -21.39 11.31 -21.49
C ASN A 112 -19.93 10.82 -21.48
N ASN A 113 -19.17 11.09 -20.42
CA ASN A 113 -17.78 10.62 -20.37
C ASN A 113 -16.91 11.23 -21.43
N THR A 114 -17.18 12.49 -21.78
CA THR A 114 -16.38 13.18 -22.76
C THR A 114 -15.08 13.56 -22.06
N GLN A 115 -13.96 13.45 -22.77
CA GLN A 115 -12.63 13.72 -22.20
C GLN A 115 -12.11 15.13 -22.44
N TRP A 116 -12.40 15.70 -23.59
CA TRP A 116 -11.98 17.07 -23.87
C TRP A 116 -12.91 17.74 -24.88
N VAL A 117 -13.16 19.03 -24.70
CA VAL A 117 -14.03 19.79 -25.59
C VAL A 117 -13.48 21.20 -25.75
N THR A 118 -13.58 21.75 -26.95
CA THR A 118 -13.10 23.10 -27.19
C THR A 118 -13.75 23.80 -28.40
N TRP A 119 -14.32 24.99 -28.18
CA TRP A 119 -14.94 25.75 -29.29
C TRP A 119 -13.83 26.09 -30.26
N SER A 120 -14.18 26.39 -31.51
CA SER A 120 -13.15 26.81 -32.45
C SER A 120 -12.83 28.22 -31.95
N PRO A 121 -11.73 28.83 -32.39
CA PRO A 121 -11.40 30.18 -31.92
C PRO A 121 -12.34 31.27 -32.39
N VAL A 122 -13.16 30.94 -33.38
CA VAL A 122 -14.13 31.86 -33.93
C VAL A 122 -15.37 31.05 -34.23
N GLY A 123 -16.52 31.72 -34.27
CA GLY A 123 -17.75 31.01 -34.60
C GLY A 123 -18.23 30.11 -33.49
N HIS A 124 -18.72 28.94 -33.88
CA HIS A 124 -19.22 27.99 -32.91
C HIS A 124 -19.02 26.55 -33.29
N LYS A 125 -17.90 26.26 -33.94
CA LYS A 125 -17.60 24.87 -34.27
C LYS A 125 -17.15 24.25 -32.94
N LEU A 126 -17.20 22.93 -32.83
CA LEU A 126 -16.83 22.23 -31.62
C LEU A 126 -15.98 21.02 -31.96
N ALA A 127 -14.93 20.78 -31.18
CA ALA A 127 -14.07 19.60 -31.36
C ALA A 127 -14.03 18.96 -29.98
N TYR A 128 -14.33 17.67 -29.87
CA TYR A 128 -14.31 16.98 -28.59
C TYR A 128 -13.68 15.61 -28.75
N VAL A 129 -13.25 15.03 -27.63
CA VAL A 129 -12.64 13.70 -27.61
C VAL A 129 -13.48 12.85 -26.73
N TRP A 130 -13.91 11.71 -27.26
CA TRP A 130 -14.73 10.76 -26.54
C TRP A 130 -14.14 9.38 -26.88
N ASN A 131 -13.96 8.54 -25.86
CA ASN A 131 -13.36 7.22 -26.05
C ASN A 131 -12.06 7.27 -26.85
N ASN A 132 -11.26 8.30 -26.59
CA ASN A 132 -9.95 8.47 -27.24
C ASN A 132 -9.96 8.85 -28.73
N ASP A 133 -11.13 9.14 -29.29
CA ASP A 133 -11.19 9.53 -30.70
C ASP A 133 -11.73 10.95 -30.80
N ILE A 134 -11.33 11.66 -31.85
CA ILE A 134 -11.76 13.03 -32.07
C ILE A 134 -13.06 13.09 -32.88
N TYR A 135 -13.94 14.03 -32.54
CA TYR A 135 -15.21 14.25 -33.22
C TYR A 135 -15.36 15.76 -33.42
N VAL A 136 -15.99 16.18 -34.54
CA VAL A 136 -16.21 17.60 -34.79
C VAL A 136 -17.68 17.88 -35.10
N LYS A 137 -18.19 18.95 -34.50
CA LYS A 137 -19.57 19.39 -34.70
C LYS A 137 -19.53 20.78 -35.34
N ILE A 138 -19.95 20.89 -36.59
CA ILE A 138 -19.98 22.17 -37.29
C ILE A 138 -21.10 23.03 -36.68
N GLU A 139 -22.17 22.36 -36.22
CA GLU A 139 -23.30 23.04 -35.59
C GLU A 139 -23.73 22.30 -34.34
N PRO A 140 -23.94 23.03 -33.25
CA PRO A 140 -24.34 22.49 -31.94
C PRO A 140 -25.39 21.38 -31.91
N ASN A 141 -26.37 21.47 -32.80
CA ASN A 141 -27.49 20.50 -32.87
C ASN A 141 -27.40 19.39 -33.94
N LEU A 142 -26.45 19.50 -34.87
CA LEU A 142 -26.24 18.49 -35.92
C LEU A 142 -25.32 17.33 -35.50
N PRO A 143 -25.37 16.21 -36.25
CA PRO A 143 -24.51 15.08 -35.90
C PRO A 143 -23.02 15.46 -36.01
N SER A 144 -22.20 14.80 -35.21
CA SER A 144 -20.77 15.04 -35.23
C SER A 144 -20.16 14.23 -36.36
N TYR A 145 -18.93 14.56 -36.70
CA TYR A 145 -18.16 13.85 -37.73
C TYR A 145 -16.94 13.21 -37.05
N ARG A 146 -16.84 11.89 -37.12
CA ARG A 146 -15.70 11.20 -36.51
C ARG A 146 -14.46 11.49 -37.32
N ILE A 147 -13.42 11.98 -36.66
CA ILE A 147 -12.14 12.28 -37.34
C ILE A 147 -11.10 11.15 -37.22
N THR A 148 -11.16 10.38 -36.14
CA THR A 148 -10.20 9.29 -35.91
C THR A 148 -10.99 8.08 -35.50
N TRP A 149 -10.44 6.90 -35.76
CA TRP A 149 -11.11 5.62 -35.44
C TRP A 149 -10.18 4.71 -34.65
N THR A 150 -8.94 5.16 -34.50
CA THR A 150 -7.90 4.39 -33.84
C THR A 150 -7.90 4.49 -32.31
N GLY A 151 -8.68 5.40 -31.75
CA GLY A 151 -8.69 5.56 -30.31
C GLY A 151 -8.92 4.27 -29.52
N LYS A 152 -8.02 3.97 -28.59
CA LYS A 152 -8.19 2.78 -27.77
C LYS A 152 -7.66 3.06 -26.38
N GLU A 153 -8.48 2.75 -25.39
CA GLU A 153 -8.11 2.97 -24.01
C GLU A 153 -6.70 2.53 -23.68
N ASP A 154 -6.03 3.38 -22.90
CA ASP A 154 -4.66 3.22 -22.41
C ASP A 154 -3.69 2.93 -23.51
N ILE A 155 -4.25 2.86 -24.71
CA ILE A 155 -3.49 2.48 -25.87
C ILE A 155 -3.25 3.59 -26.88
N ILE A 156 -4.24 3.93 -27.71
CA ILE A 156 -4.01 4.99 -28.70
C ILE A 156 -4.78 6.24 -28.23
N TYR A 157 -4.11 7.38 -28.19
CA TYR A 157 -4.76 8.62 -27.72
C TYR A 157 -4.80 9.66 -28.85
N ASN A 158 -6.00 10.05 -29.31
CA ASN A 158 -6.09 11.07 -30.39
C ASN A 158 -6.63 12.40 -29.83
N GLY A 159 -5.85 13.47 -29.93
CA GLY A 159 -6.36 14.73 -29.44
C GLY A 159 -6.30 14.95 -27.93
N ILE A 160 -5.78 13.98 -27.18
CA ILE A 160 -5.57 14.09 -25.74
C ILE A 160 -4.18 13.51 -25.48
N THR A 161 -3.62 13.85 -24.32
CA THR A 161 -2.26 13.44 -23.94
C THR A 161 -2.33 12.19 -23.10
N ASP A 162 -1.23 11.43 -23.06
CA ASP A 162 -1.19 10.26 -22.18
C ASP A 162 -0.64 10.83 -20.85
N TRP A 163 -0.39 9.96 -19.87
CA TRP A 163 0.02 10.45 -18.56
C TRP A 163 1.25 11.32 -18.55
N VAL A 164 2.33 10.84 -19.16
CA VAL A 164 3.57 11.59 -19.11
C VAL A 164 3.52 12.87 -19.97
N TYR A 165 2.77 12.88 -21.06
CA TYR A 165 2.73 14.12 -21.84
C TYR A 165 1.84 15.15 -21.11
N GLU A 166 0.79 14.68 -20.45
CA GLU A 166 -0.05 15.59 -19.69
C GLU A 166 0.79 16.27 -18.57
N GLU A 167 1.48 15.46 -17.78
CA GLU A 167 2.25 16.02 -16.66
C GLU A 167 3.54 16.80 -16.97
N GLU A 168 4.36 16.24 -17.85
CA GLU A 168 5.67 16.79 -18.11
C GLU A 168 5.92 17.59 -19.38
N VAL A 169 5.05 17.52 -20.37
CA VAL A 169 5.39 18.37 -21.49
C VAL A 169 4.35 19.43 -21.78
N PHE A 170 3.08 19.08 -21.92
CA PHE A 170 2.05 20.07 -22.21
C PHE A 170 1.29 20.67 -21.02
N SER A 171 1.41 20.10 -19.82
CA SER A 171 0.68 20.60 -18.66
C SER A 171 -0.80 20.82 -19.04
N ALA A 172 -1.32 19.82 -19.73
CA ALA A 172 -2.70 19.84 -20.17
C ALA A 172 -3.06 18.46 -20.74
N TYR A 173 -4.35 18.22 -20.81
CA TYR A 173 -4.90 16.97 -21.32
C TYR A 173 -5.20 17.10 -22.83
N SER A 174 -5.49 18.33 -23.25
CA SER A 174 -5.80 18.62 -24.62
C SER A 174 -4.62 18.44 -25.53
N ALA A 175 -4.85 17.82 -26.68
CA ALA A 175 -3.78 17.66 -27.64
C ALA A 175 -4.34 18.01 -29.04
N LEU A 176 -5.09 19.09 -29.10
CA LEU A 176 -5.61 19.54 -30.38
C LEU A 176 -5.48 21.07 -30.39
N TRP A 177 -5.18 21.62 -31.57
CA TRP A 177 -4.97 23.04 -31.75
C TRP A 177 -5.72 23.53 -33.00
N TRP A 178 -6.75 24.32 -32.82
CA TRP A 178 -7.53 24.88 -33.94
C TRP A 178 -6.73 25.96 -34.63
N SER A 179 -6.80 26.07 -35.96
CA SER A 179 -6.11 27.16 -36.62
C SER A 179 -6.85 28.46 -36.22
N PRO A 180 -6.27 29.62 -36.53
CA PRO A 180 -6.91 30.91 -36.17
C PRO A 180 -8.39 31.14 -36.50
N ASN A 181 -8.83 30.83 -37.72
CA ASN A 181 -10.25 31.03 -38.03
C ASN A 181 -11.10 29.77 -38.00
N GLY A 182 -10.55 28.70 -37.43
CA GLY A 182 -11.29 27.45 -37.29
C GLY A 182 -11.34 26.53 -38.48
N THR A 183 -10.62 26.85 -39.55
CA THR A 183 -10.62 26.00 -40.73
C THR A 183 -9.97 24.66 -40.50
N PHE A 184 -8.72 24.69 -40.03
CA PHE A 184 -7.99 23.47 -39.74
C PHE A 184 -8.03 23.07 -38.27
N LEU A 185 -7.91 21.77 -38.00
CA LEU A 185 -7.91 21.25 -36.62
C LEU A 185 -6.65 20.38 -36.64
N ALA A 186 -5.62 20.83 -35.93
CA ALA A 186 -4.39 20.07 -35.83
C ALA A 186 -4.46 19.22 -34.52
N TYR A 187 -3.80 18.05 -34.49
CA TYR A 187 -3.83 17.17 -33.30
C TYR A 187 -2.65 16.19 -33.21
N ALA A 188 -2.40 15.61 -32.02
CA ALA A 188 -1.31 14.62 -31.87
C ALA A 188 -1.94 13.26 -31.50
N GLN A 189 -1.15 12.21 -31.69
CA GLN A 189 -1.61 10.86 -31.42
C GLN A 189 -0.51 10.16 -30.60
N PHE A 190 -0.81 9.88 -29.32
CA PHE A 190 0.11 9.23 -28.34
C PHE A 190 -0.09 7.70 -28.21
N ASN A 191 0.95 6.86 -28.75
CA ASN A 191 0.99 5.37 -28.85
C ASN A 191 1.83 4.69 -27.78
N ASP A 192 1.04 4.33 -26.77
CA ASP A 192 1.54 3.68 -25.59
C ASP A 192 1.28 2.21 -25.69
N THR A 193 2.04 1.47 -26.51
CA THR A 193 1.77 0.03 -26.63
C THR A 193 2.89 -0.77 -26.08
N GLU A 194 3.92 -0.06 -25.79
CA GLU A 194 5.03 -0.74 -25.20
C GLU A 194 5.43 0.00 -23.96
N VAL A 195 4.63 0.95 -23.55
CA VAL A 195 4.91 1.65 -22.32
C VAL A 195 4.46 0.78 -21.16
N PRO A 196 5.35 0.46 -20.20
CA PRO A 196 4.96 -0.40 -19.06
C PRO A 196 3.85 0.29 -18.27
N LEU A 197 3.11 -0.48 -17.48
CA LEU A 197 2.04 0.04 -16.65
C LEU A 197 2.39 0.09 -15.17
N ILE A 198 2.11 1.20 -14.50
CA ILE A 198 2.33 1.26 -13.06
C ILE A 198 1.03 0.69 -12.56
N GLU A 199 1.07 -0.20 -11.58
CA GLU A 199 -0.16 -0.77 -11.01
C GLU A 199 -0.17 -0.55 -9.48
N TYR A 200 -1.32 -0.19 -8.94
CA TYR A 200 -1.48 0.02 -7.51
C TYR A 200 -2.93 -0.19 -7.09
N SER A 201 -3.14 -0.59 -5.85
CA SER A 201 -4.49 -0.80 -5.35
C SER A 201 -5.17 0.49 -5.04
N PHE A 202 -6.50 0.47 -5.23
CA PHE A 202 -7.41 1.58 -4.94
C PHE A 202 -8.53 0.89 -4.12
N TYR A 203 -8.69 1.34 -2.89
CA TYR A 203 -9.63 0.69 -1.98
C TYR A 203 -11.09 1.08 -2.06
N SER A 204 -11.34 2.33 -2.42
CA SER A 204 -12.67 2.89 -2.59
C SER A 204 -13.47 2.93 -1.30
N ASP A 205 -14.77 3.18 -1.45
CA ASP A 205 -15.63 3.21 -0.29
C ASP A 205 -15.58 1.85 0.36
N GLU A 206 -15.86 1.89 1.65
CA GLU A 206 -15.93 0.73 2.49
C GLU A 206 -16.81 -0.41 1.92
N SER A 207 -17.80 -0.05 1.11
CA SER A 207 -18.70 -1.03 0.51
C SER A 207 -17.97 -1.95 -0.48
N LEU A 208 -16.91 -1.47 -1.13
CA LEU A 208 -16.22 -2.33 -2.10
C LEU A 208 -15.58 -3.53 -1.36
N GLN A 209 -16.03 -4.73 -1.71
CA GLN A 209 -15.52 -5.93 -1.07
C GLN A 209 -14.06 -6.26 -1.43
N TYR A 210 -13.69 -6.17 -2.71
CA TYR A 210 -12.31 -6.44 -3.18
C TYR A 210 -11.68 -5.15 -3.76
N PRO A 211 -10.44 -4.80 -3.34
CA PRO A 211 -9.77 -3.60 -3.85
C PRO A 211 -9.64 -3.71 -5.37
N LYS A 212 -9.59 -2.56 -6.03
CA LYS A 212 -9.44 -2.51 -7.47
C LYS A 212 -7.98 -2.14 -7.69
N THR A 213 -7.42 -2.65 -8.78
CA THR A 213 -6.07 -2.36 -9.15
C THR A 213 -6.19 -1.39 -10.32
N VAL A 214 -5.64 -0.19 -10.14
CA VAL A 214 -5.59 0.84 -11.16
C VAL A 214 -4.32 0.53 -11.97
N ARG A 215 -4.37 0.68 -13.31
CA ARG A 215 -3.18 0.52 -14.16
C ARG A 215 -3.05 1.65 -15.17
N VAL A 216 -1.89 2.29 -15.15
CA VAL A 216 -1.65 3.45 -15.97
C VAL A 216 -0.35 3.32 -16.77
N PRO A 217 -0.39 3.56 -18.11
CA PRO A 217 0.81 3.49 -18.94
C PRO A 217 1.68 4.64 -18.40
N TYR A 218 2.87 4.33 -17.92
CA TYR A 218 3.73 5.35 -17.29
C TYR A 218 5.18 4.93 -17.49
N PRO A 219 5.96 5.67 -18.29
CA PRO A 219 7.35 5.31 -18.53
C PRO A 219 8.26 5.80 -17.39
N LYS A 220 8.86 4.88 -16.62
CA LYS A 220 9.77 5.28 -15.55
C LYS A 220 11.12 5.51 -16.26
N ALA A 221 12.08 6.14 -15.60
CA ALA A 221 13.34 6.47 -16.27
C ALA A 221 13.93 5.31 -17.08
N GLY A 222 14.25 5.60 -18.33
CA GLY A 222 14.85 4.62 -19.22
C GLY A 222 13.97 3.57 -19.84
N ALA A 223 12.67 3.57 -19.53
CA ALA A 223 11.76 2.58 -20.09
C ALA A 223 11.27 2.98 -21.47
N VAL A 224 10.51 2.11 -22.11
CA VAL A 224 9.99 2.45 -23.42
C VAL A 224 9.01 3.63 -23.28
N ASN A 225 9.20 4.67 -24.10
CA ASN A 225 8.34 5.86 -24.08
C ASN A 225 7.21 5.81 -25.06
N PRO A 226 6.21 6.67 -24.89
CA PRO A 226 5.15 6.61 -25.90
C PRO A 226 5.75 7.21 -27.17
N THR A 227 5.12 6.92 -28.33
CA THR A 227 5.58 7.48 -29.61
C THR A 227 4.51 8.46 -30.01
N VAL A 228 4.81 9.36 -30.94
CA VAL A 228 3.81 10.36 -31.28
C VAL A 228 3.80 10.69 -32.76
N LYS A 229 2.62 11.03 -33.26
CA LYS A 229 2.44 11.44 -34.65
C LYS A 229 1.62 12.73 -34.63
N PHE A 230 1.82 13.57 -35.64
CA PHE A 230 1.09 14.82 -35.72
C PHE A 230 0.27 14.94 -37.02
N PHE A 231 -1.03 15.25 -36.89
CA PHE A 231 -1.94 15.40 -38.04
C PHE A 231 -2.69 16.75 -38.10
N VAL A 232 -3.14 17.10 -39.32
CA VAL A 232 -3.94 18.32 -39.58
C VAL A 232 -5.11 17.97 -40.52
N VAL A 233 -6.33 18.26 -40.08
CA VAL A 233 -7.50 17.98 -40.89
C VAL A 233 -8.27 19.27 -41.18
N ASN A 234 -8.80 19.38 -42.40
CA ASN A 234 -9.56 20.55 -42.82
C ASN A 234 -11.01 20.36 -42.44
N THR A 235 -11.49 21.10 -41.44
CA THR A 235 -12.87 20.92 -41.02
C THR A 235 -13.92 21.45 -41.98
N ASP A 236 -13.51 22.23 -42.97
CA ASP A 236 -14.48 22.75 -43.92
C ASP A 236 -14.94 21.72 -44.98
N SER A 237 -14.09 20.74 -45.27
CA SER A 237 -14.37 19.67 -46.23
C SER A 237 -15.08 18.47 -45.54
N LEU A 238 -16.28 18.77 -45.06
CA LEU A 238 -17.16 17.85 -44.31
C LEU A 238 -17.81 16.72 -45.13
N SER A 239 -18.40 15.72 -44.47
CA SER A 239 -19.01 14.63 -45.20
C SER A 239 -19.98 13.76 -44.43
N SER A 240 -21.07 13.41 -45.10
CA SER A 240 -22.08 12.52 -44.52
C SER A 240 -21.49 11.12 -44.74
N VAL A 241 -20.96 10.88 -45.94
CA VAL A 241 -20.27 9.62 -46.22
C VAL A 241 -18.87 10.00 -46.71
N THR A 242 -17.94 10.11 -45.79
CA THR A 242 -16.55 10.41 -46.13
C THR A 242 -15.79 10.52 -44.84
N ASN A 243 -14.57 10.02 -44.85
CA ASN A 243 -13.75 10.20 -43.67
C ASN A 243 -12.98 11.41 -44.13
N ALA A 244 -12.90 12.43 -43.30
CA ALA A 244 -12.11 13.58 -43.71
C ALA A 244 -10.69 13.04 -43.68
N THR A 245 -9.82 13.57 -44.52
CA THR A 245 -8.46 13.10 -44.57
C THR A 245 -7.60 13.88 -43.59
N SER A 246 -6.87 13.16 -42.74
CA SER A 246 -5.98 13.82 -41.81
C SER A 246 -4.64 13.78 -42.48
N ILE A 247 -4.02 14.93 -42.66
CA ILE A 247 -2.73 14.98 -43.30
C ILE A 247 -1.66 14.95 -42.23
N GLN A 248 -0.74 13.99 -42.30
CA GLN A 248 0.26 13.94 -41.26
C GLN A 248 1.46 14.80 -41.55
N ILE A 249 2.03 15.36 -40.48
CA ILE A 249 3.24 16.16 -40.63
C ILE A 249 4.32 15.33 -39.94
N THR A 250 5.28 14.84 -40.69
CA THR A 250 6.31 14.00 -40.11
C THR A 250 7.49 14.77 -39.55
N ALA A 251 8.45 14.03 -39.01
CA ALA A 251 9.60 14.59 -38.36
C ALA A 251 10.76 15.16 -39.14
N PRO A 252 11.45 16.14 -38.56
CA PRO A 252 12.60 16.81 -39.16
C PRO A 252 13.71 15.97 -39.81
N ALA A 253 13.91 14.76 -39.28
CA ALA A 253 14.94 13.80 -39.72
C ALA A 253 15.95 13.70 -38.59
N SER A 254 16.41 14.85 -38.11
CA SER A 254 17.35 14.87 -37.00
C SER A 254 16.63 14.36 -35.73
N MET A 255 15.30 14.19 -35.83
CA MET A 255 14.48 13.67 -34.72
C MET A 255 14.16 12.17 -34.96
N LEU A 256 13.72 11.84 -36.17
CA LEU A 256 13.37 10.44 -36.50
C LEU A 256 14.49 9.42 -36.24
N ILE A 257 15.73 9.90 -36.18
CA ILE A 257 16.90 9.07 -35.94
C ILE A 257 16.86 8.35 -34.57
N GLY A 258 16.01 8.82 -33.64
CA GLY A 258 15.90 8.21 -32.33
C GLY A 258 14.62 8.56 -31.60
N ASP A 259 14.54 8.19 -30.31
CA ASP A 259 13.35 8.51 -29.49
C ASP A 259 13.23 10.04 -29.41
N HIS A 260 12.03 10.58 -29.53
CA HIS A 260 11.86 12.03 -29.46
C HIS A 260 10.49 12.38 -28.91
N TYR A 261 10.24 13.67 -28.71
CA TYR A 261 8.94 14.14 -28.22
C TYR A 261 8.50 15.34 -29.07
N LEU A 262 7.20 15.58 -29.13
CA LEU A 262 6.63 16.76 -29.76
C LEU A 262 6.46 17.65 -28.50
N CYS A 263 7.09 18.82 -28.45
CA CYS A 263 6.99 19.66 -27.25
C CYS A 263 6.20 20.99 -27.34
N ASP A 264 5.93 21.46 -28.57
CA ASP A 264 5.19 22.71 -28.74
C ASP A 264 4.51 22.80 -30.09
N VAL A 265 3.28 23.31 -30.11
CA VAL A 265 2.61 23.56 -31.37
C VAL A 265 1.92 24.95 -31.32
N THR A 266 2.34 25.82 -32.21
CA THR A 266 1.80 27.17 -32.27
C THR A 266 1.45 27.55 -33.69
N TRP A 267 0.19 27.85 -33.92
CA TRP A 267 -0.28 28.28 -35.24
C TRP A 267 0.25 29.69 -35.48
N ALA A 268 0.84 29.92 -36.66
CA ALA A 268 1.38 31.21 -37.04
C ALA A 268 0.36 32.01 -37.87
N THR A 269 -0.26 31.41 -38.87
CA THR A 269 -1.27 32.10 -39.69
C THR A 269 -2.42 31.15 -40.00
N GLN A 270 -3.28 31.55 -40.93
CA GLN A 270 -4.41 30.70 -41.29
C GLN A 270 -3.89 29.43 -41.95
N GLU A 271 -2.68 29.50 -42.51
CA GLU A 271 -2.09 28.38 -43.23
C GLU A 271 -0.62 28.08 -42.92
N ARG A 272 -0.17 28.45 -41.73
CA ARG A 272 1.20 28.17 -41.33
C ARG A 272 1.17 27.72 -39.86
N ILE A 273 1.78 26.57 -39.56
CA ILE A 273 1.82 26.06 -38.20
C ILE A 273 3.28 25.75 -37.89
N SER A 274 3.70 26.08 -36.67
CA SER A 274 5.08 25.78 -36.25
C SER A 274 4.98 24.63 -35.22
N LEU A 275 6.03 23.82 -35.19
CA LEU A 275 6.06 22.67 -34.31
C LEU A 275 7.47 22.57 -33.79
N GLN A 276 7.61 22.32 -32.51
CA GLN A 276 8.93 22.13 -31.92
C GLN A 276 9.03 20.66 -31.47
N TRP A 277 10.18 20.05 -31.76
CA TRP A 277 10.48 18.66 -31.45
C TRP A 277 11.71 18.60 -30.58
N LEU A 278 11.71 17.69 -29.62
CA LEU A 278 12.82 17.54 -28.69
C LEU A 278 13.31 16.09 -28.66
N ARG A 279 14.63 15.89 -28.70
CA ARG A 279 15.12 14.50 -28.64
C ARG A 279 15.00 13.98 -27.20
N ARG A 280 15.06 12.67 -27.04
CA ARG A 280 14.95 12.11 -25.70
C ARG A 280 16.09 12.58 -24.85
N ILE A 281 17.25 12.84 -25.45
CA ILE A 281 18.37 13.43 -24.69
C ILE A 281 17.99 14.91 -24.90
N GLN A 282 17.32 15.50 -23.92
CA GLN A 282 16.76 16.85 -24.01
C GLN A 282 17.65 18.10 -24.05
N ASN A 283 18.70 18.06 -24.86
CA ASN A 283 19.60 19.20 -25.00
C ASN A 283 19.69 19.59 -26.47
N TYR A 284 18.68 19.19 -27.24
CA TYR A 284 18.60 19.47 -28.68
C TYR A 284 17.15 19.43 -29.11
N SER A 285 16.66 20.51 -29.71
CA SER A 285 15.29 20.56 -30.21
C SER A 285 15.31 21.29 -31.56
N VAL A 286 14.26 21.10 -32.35
CA VAL A 286 14.14 21.73 -33.65
C VAL A 286 12.74 22.31 -33.88
N MET A 287 12.69 23.52 -34.42
CA MET A 287 11.39 24.08 -34.75
C MET A 287 11.15 23.91 -36.26
N ASP A 288 9.97 23.40 -36.63
CA ASP A 288 9.64 23.27 -38.04
C ASP A 288 8.58 24.32 -38.31
N ILE A 289 8.58 24.88 -39.51
CA ILE A 289 7.60 25.89 -39.90
C ILE A 289 6.94 25.36 -41.15
N CYS A 290 5.69 24.94 -41.00
CA CYS A 290 4.99 24.32 -42.10
C CYS A 290 3.86 25.11 -42.70
N ASP A 291 3.81 25.09 -44.04
CA ASP A 291 2.77 25.77 -44.79
C ASP A 291 1.89 24.81 -45.56
N TYR A 292 0.60 25.16 -45.63
CA TYR A 292 -0.36 24.38 -46.37
C TYR A 292 -0.14 24.64 -47.86
N ASP A 293 -0.10 23.55 -48.65
CA ASP A 293 0.08 23.69 -50.09
C ASP A 293 -1.29 23.48 -50.72
N GLU A 294 -1.93 24.57 -51.11
CA GLU A 294 -3.27 24.58 -51.70
C GLU A 294 -3.51 23.68 -52.91
N SER A 295 -2.44 23.39 -53.65
CA SER A 295 -2.54 22.57 -54.85
C SER A 295 -1.97 21.18 -54.66
N SER A 296 -1.70 20.84 -53.41
CA SER A 296 -1.14 19.55 -53.09
C SER A 296 -1.98 18.97 -51.98
N GLY A 297 -2.54 19.84 -51.13
CA GLY A 297 -3.35 19.39 -50.03
C GLY A 297 -2.45 18.96 -48.90
N ARG A 298 -1.14 19.10 -49.11
CA ARG A 298 -0.15 18.75 -48.11
C ARG A 298 0.36 19.92 -47.30
N TRP A 299 1.08 19.58 -46.24
CA TRP A 299 1.71 20.57 -45.40
C TRP A 299 3.18 20.28 -45.58
N ASN A 300 3.94 21.27 -46.03
CA ASN A 300 5.36 21.10 -46.23
C ASN A 300 6.08 22.02 -45.27
N CYS A 301 7.18 21.52 -44.73
CA CYS A 301 7.99 22.27 -43.78
C CYS A 301 9.36 22.37 -44.42
N LEU A 302 9.67 23.53 -45.00
CA LEU A 302 10.93 23.75 -45.68
C LEU A 302 12.11 23.61 -44.75
N VAL A 303 13.06 22.78 -45.13
CA VAL A 303 14.20 22.58 -44.29
C VAL A 303 14.96 23.85 -43.98
N ALA A 304 15.01 24.78 -44.93
CA ALA A 304 15.76 26.02 -44.71
C ALA A 304 15.04 26.92 -43.69
N ARG A 305 13.84 26.48 -43.32
CA ARG A 305 13.00 27.22 -42.40
C ARG A 305 13.10 26.73 -40.95
N GLN A 306 13.81 25.64 -40.73
CA GLN A 306 13.85 25.14 -39.37
C GLN A 306 14.85 25.84 -38.50
N HIS A 307 14.56 25.87 -37.20
CA HIS A 307 15.44 26.50 -36.22
C HIS A 307 15.80 25.50 -35.14
N ILE A 308 17.09 25.41 -34.85
CA ILE A 308 17.64 24.48 -33.88
C ILE A 308 17.93 25.23 -32.62
N GLU A 309 17.52 24.66 -31.49
CA GLU A 309 17.77 25.29 -30.19
C GLU A 309 18.42 24.21 -29.33
N MET A 310 19.63 24.46 -28.87
CA MET A 310 20.34 23.46 -28.13
C MET A 310 21.09 24.05 -26.94
N SER A 311 21.60 23.16 -26.09
CA SER A 311 22.35 23.59 -24.92
C SER A 311 23.55 22.70 -24.72
N THR A 312 24.67 23.33 -24.37
CA THR A 312 25.88 22.59 -24.13
C THR A 312 26.06 22.32 -22.63
N THR A 313 25.32 23.05 -21.78
CA THR A 313 25.47 22.89 -20.32
C THR A 313 24.32 22.20 -19.60
N GLY A 314 23.18 22.10 -20.26
CA GLY A 314 22.02 21.46 -19.67
C GLY A 314 20.98 21.05 -20.70
N TRP A 315 19.72 21.12 -20.30
CA TRP A 315 18.63 20.74 -21.17
C TRP A 315 18.19 22.01 -21.91
N VAL A 316 17.14 21.92 -22.74
CA VAL A 316 16.64 23.08 -23.49
C VAL A 316 15.34 23.64 -22.87
N GLY A 317 15.34 24.91 -22.51
CA GLY A 317 14.16 25.49 -21.94
C GLY A 317 14.21 25.46 -20.41
N ARG A 318 13.20 26.02 -19.77
CA ARG A 318 13.18 25.99 -18.32
C ARG A 318 12.75 24.56 -18.00
N PHE A 319 11.60 24.14 -18.51
CA PHE A 319 11.15 22.75 -18.32
C PHE A 319 10.97 22.17 -19.73
N ARG A 320 11.05 23.05 -20.73
CA ARG A 320 10.90 22.68 -22.16
C ARG A 320 11.13 23.92 -23.02
N PRO A 321 11.46 23.72 -24.30
CA PRO A 321 11.69 24.88 -25.18
C PRO A 321 10.50 25.87 -25.11
N SER A 322 10.83 27.15 -25.06
CA SER A 322 9.82 28.19 -24.99
C SER A 322 8.98 28.27 -26.27
N GLU A 323 7.82 28.89 -26.15
CA GLU A 323 6.94 29.00 -27.31
C GLU A 323 7.21 30.29 -28.09
N PRO A 324 6.98 30.24 -29.41
CA PRO A 324 7.20 31.42 -30.27
C PRO A 324 5.98 32.33 -30.35
N HIS A 325 6.20 33.62 -30.56
CA HIS A 325 5.10 34.57 -30.75
C HIS A 325 5.28 35.19 -32.16
N PHE A 326 4.39 34.79 -33.07
CA PHE A 326 4.47 35.22 -34.47
C PHE A 326 3.88 36.59 -34.81
N THR A 327 4.49 37.25 -35.77
CA THR A 327 3.96 38.54 -36.19
C THR A 327 2.73 38.33 -37.06
N LEU A 328 2.04 39.43 -37.34
CA LEU A 328 0.80 39.40 -38.11
C LEU A 328 0.89 38.50 -39.33
N ASP A 329 1.93 38.71 -40.13
CA ASP A 329 2.12 37.96 -41.36
C ASP A 329 2.84 36.63 -41.20
N GLY A 330 3.09 36.25 -39.96
CA GLY A 330 3.75 34.98 -39.72
C GLY A 330 5.10 34.82 -40.38
N ASN A 331 5.75 35.91 -40.77
CA ASN A 331 7.07 35.78 -41.36
C ASN A 331 8.22 35.98 -40.39
N SER A 332 7.92 36.39 -39.16
CA SER A 332 8.94 36.58 -38.15
C SER A 332 8.31 36.24 -36.78
N PHE A 333 9.12 36.04 -35.74
CA PHE A 333 8.54 35.72 -34.44
C PHE A 333 9.50 36.02 -33.31
N TYR A 334 8.96 36.16 -32.10
CA TYR A 334 9.81 36.44 -30.91
C TYR A 334 9.75 35.19 -29.98
N LYS A 335 10.85 34.91 -29.30
CA LYS A 335 10.95 33.70 -28.49
C LYS A 335 12.00 33.90 -27.43
N ILE A 336 11.73 33.40 -26.22
CA ILE A 336 12.67 33.50 -25.10
C ILE A 336 13.64 32.33 -25.19
N ILE A 337 14.94 32.62 -25.30
CA ILE A 337 15.94 31.58 -25.32
C ILE A 337 17.11 32.06 -24.49
N SER A 338 17.98 31.14 -24.12
CA SER A 338 19.13 31.44 -23.30
C SER A 338 20.23 32.10 -24.16
N ASN A 339 20.72 33.25 -23.74
CA ASN A 339 21.74 33.93 -24.53
C ASN A 339 23.14 33.42 -24.19
N GLU A 340 24.15 34.03 -24.81
CA GLU A 340 25.53 33.60 -24.59
C GLU A 340 26.05 33.68 -23.16
N GLU A 341 25.31 34.34 -22.29
CA GLU A 341 25.73 34.44 -20.91
C GLU A 341 24.94 33.52 -20.01
N GLY A 342 23.97 32.85 -20.59
CA GLY A 342 23.16 31.96 -19.80
C GLY A 342 21.83 32.58 -19.36
N TYR A 343 21.60 33.85 -19.70
CA TYR A 343 20.36 34.50 -19.29
C TYR A 343 19.26 34.43 -20.36
N ARG A 344 18.07 34.04 -19.95
CA ARG A 344 16.94 33.92 -20.86
C ARG A 344 16.39 35.29 -21.25
N HIS A 345 16.41 35.56 -22.55
CA HIS A 345 15.96 36.85 -23.08
C HIS A 345 15.20 36.64 -24.37
N ILE A 346 14.53 37.70 -24.83
CA ILE A 346 13.72 37.61 -26.03
C ILE A 346 14.56 37.76 -27.27
N CYS A 347 14.41 36.81 -28.20
CA CYS A 347 15.17 36.84 -29.44
C CYS A 347 14.18 37.03 -30.57
N TYR A 348 14.54 37.86 -31.55
CA TYR A 348 13.71 38.16 -32.71
C TYR A 348 14.22 37.38 -33.93
N PHE A 349 13.33 36.57 -34.51
CA PHE A 349 13.62 35.72 -35.66
C PHE A 349 12.82 36.09 -36.93
N GLN A 350 13.41 35.78 -38.09
CA GLN A 350 12.79 35.92 -39.42
C GLN A 350 12.66 34.44 -39.80
N ILE A 351 11.46 33.97 -40.18
CA ILE A 351 11.26 32.53 -40.46
C ILE A 351 12.27 31.81 -41.34
N ASP A 352 12.95 32.53 -42.22
CA ASP A 352 13.96 31.90 -43.09
C ASP A 352 15.38 32.40 -42.82
N LYS A 353 15.59 32.97 -41.64
CA LYS A 353 16.92 33.44 -41.27
C LYS A 353 17.37 32.65 -40.05
N LYS A 354 18.53 32.04 -40.17
CA LYS A 354 19.08 31.19 -39.13
C LYS A 354 19.41 31.88 -37.83
N ASP A 355 19.89 33.11 -37.92
CA ASP A 355 20.23 33.83 -36.72
C ASP A 355 19.14 34.77 -36.24
N CYS A 356 19.04 34.88 -34.92
CA CYS A 356 18.07 35.75 -34.31
C CYS A 356 18.81 36.87 -33.61
N THR A 357 18.09 37.95 -33.33
CA THR A 357 18.66 39.11 -32.65
C THR A 357 17.98 39.29 -31.29
N PHE A 358 18.80 39.44 -30.26
CA PHE A 358 18.28 39.62 -28.90
C PHE A 358 17.79 41.04 -28.71
N ILE A 359 16.55 41.17 -28.25
CA ILE A 359 16.00 42.50 -28.04
C ILE A 359 16.03 42.94 -26.58
N THR A 360 16.42 42.02 -25.69
CA THR A 360 16.60 42.33 -24.27
C THR A 360 17.89 41.64 -23.82
N LYS A 361 18.52 42.20 -22.81
CA LYS A 361 19.75 41.62 -22.29
C LYS A 361 20.03 42.09 -20.89
N GLY A 362 20.99 41.45 -20.23
CA GLY A 362 21.35 41.81 -18.87
C GLY A 362 21.31 40.63 -17.92
N THR A 363 21.78 40.82 -16.69
CA THR A 363 21.76 39.74 -15.72
C THR A 363 20.45 39.65 -14.95
N TRP A 364 19.39 39.28 -15.66
CA TRP A 364 18.06 39.04 -15.08
C TRP A 364 17.37 38.25 -16.19
N GLU A 365 16.13 37.84 -16.01
CA GLU A 365 15.52 37.09 -17.10
C GLU A 365 14.11 37.49 -17.46
N VAL A 366 13.74 37.21 -18.70
CA VAL A 366 12.38 37.44 -19.17
C VAL A 366 11.67 36.17 -18.72
N ILE A 367 10.58 36.34 -17.95
CA ILE A 367 9.82 35.24 -17.41
C ILE A 367 8.92 34.73 -18.53
N GLY A 368 8.21 35.65 -19.18
CA GLY A 368 7.36 35.27 -20.31
C GLY A 368 6.91 36.40 -21.24
N ILE A 369 6.61 36.07 -22.51
CA ILE A 369 6.09 37.04 -23.46
C ILE A 369 4.58 36.98 -23.26
N GLU A 370 3.98 38.11 -22.87
CA GLU A 370 2.54 38.17 -22.59
C GLU A 370 1.58 38.61 -23.72
N ALA A 371 2.05 39.49 -24.60
CA ALA A 371 1.22 39.97 -25.69
C ALA A 371 2.13 40.64 -26.73
N LEU A 372 1.71 40.56 -28.00
CA LEU A 372 2.49 41.17 -29.08
C LEU A 372 1.54 41.96 -29.99
N THR A 373 1.93 43.16 -30.39
CA THR A 373 1.11 43.99 -31.30
C THR A 373 2.11 44.42 -32.38
N SER A 374 1.66 45.21 -33.35
CA SER A 374 2.57 45.69 -34.39
C SER A 374 3.56 46.69 -33.78
N ASP A 375 3.09 47.36 -32.74
CA ASP A 375 3.78 48.40 -31.98
C ASP A 375 4.79 47.91 -30.93
N TYR A 376 4.27 47.09 -30.03
CA TYR A 376 5.07 46.64 -28.90
C TYR A 376 5.00 45.16 -28.58
N LEU A 377 5.90 44.75 -27.70
CA LEU A 377 5.91 43.38 -27.21
C LEU A 377 5.85 43.59 -25.70
N TYR A 378 4.86 42.97 -25.06
CA TYR A 378 4.69 43.09 -23.61
C TYR A 378 5.29 41.83 -22.94
N TYR A 379 6.06 41.98 -21.87
CA TYR A 379 6.61 40.80 -21.21
C TYR A 379 6.78 41.05 -19.71
N ILE A 380 7.00 39.98 -18.97
CA ILE A 380 7.20 40.04 -17.53
C ILE A 380 8.65 39.59 -17.31
N SER A 381 9.33 40.22 -16.37
CA SER A 381 10.72 39.85 -16.12
C SER A 381 11.02 40.17 -14.68
N ASN A 382 12.16 39.70 -14.17
CA ASN A 382 12.54 40.01 -12.79
C ASN A 382 13.63 41.07 -12.79
N GLU A 383 13.68 41.90 -13.83
CA GLU A 383 14.70 42.94 -13.87
C GLU A 383 14.65 43.96 -12.73
N TYR A 384 13.46 44.35 -12.31
CA TYR A 384 13.37 45.38 -11.28
C TYR A 384 14.15 45.14 -10.00
N LYS A 385 14.91 46.17 -9.60
CA LYS A 385 15.69 46.11 -8.37
C LYS A 385 16.63 44.93 -8.32
N GLY A 386 16.85 44.27 -9.46
CA GLY A 386 17.73 43.12 -9.46
C GLY A 386 17.21 41.99 -8.56
N MET A 387 15.90 41.88 -8.33
CA MET A 387 15.46 40.76 -7.49
C MET A 387 14.81 39.66 -8.30
N PRO A 388 15.47 38.50 -8.36
CA PRO A 388 14.90 37.41 -9.15
C PRO A 388 13.54 36.87 -8.74
N GLY A 389 13.14 37.14 -7.51
CA GLY A 389 11.84 36.72 -6.98
C GLY A 389 10.75 37.78 -7.15
N GLY A 390 11.07 38.85 -7.90
CA GLY A 390 10.10 39.90 -8.16
C GLY A 390 9.62 39.77 -9.61
N ARG A 391 8.41 40.23 -9.94
CA ARG A 391 7.88 40.13 -11.30
C ARG A 391 7.16 41.42 -11.72
N ASN A 392 7.54 41.96 -12.86
CA ASN A 392 6.91 43.18 -13.35
C ASN A 392 6.66 43.08 -14.84
N LEU A 393 5.69 43.85 -15.29
CA LEU A 393 5.27 43.94 -16.68
C LEU A 393 5.98 45.11 -17.40
N TYR A 394 6.62 44.80 -18.53
CA TYR A 394 7.33 45.80 -19.32
C TYR A 394 6.81 45.77 -20.76
N LYS A 395 7.07 46.83 -21.51
CA LYS A 395 6.73 46.83 -22.93
C LYS A 395 7.95 47.38 -23.66
N ILE A 396 8.29 46.75 -24.79
CA ILE A 396 9.43 47.20 -25.54
C ILE A 396 8.93 47.59 -26.94
N GLN A 397 9.38 48.76 -27.40
CA GLN A 397 8.98 49.27 -28.71
C GLN A 397 9.71 48.42 -29.77
N LEU A 398 8.96 47.78 -30.64
CA LEU A 398 9.52 46.91 -31.67
C LEU A 398 10.39 47.61 -32.72
N SER A 399 10.18 48.91 -32.89
CA SER A 399 10.94 49.71 -33.82
C SER A 399 12.21 50.29 -33.21
N ASP A 400 12.27 50.33 -31.87
CA ASP A 400 13.42 50.88 -31.15
C ASP A 400 13.60 50.23 -29.76
N TYR A 401 14.40 49.17 -29.70
CA TYR A 401 14.63 48.42 -28.46
C TYR A 401 15.13 49.26 -27.28
N THR A 402 15.47 50.52 -27.53
CA THR A 402 15.94 51.44 -26.52
C THR A 402 14.76 51.93 -25.69
N LYS A 403 13.57 51.84 -26.28
CA LYS A 403 12.35 52.28 -25.60
C LYS A 403 11.66 51.13 -24.87
N VAL A 404 12.09 50.93 -23.64
CA VAL A 404 11.58 49.89 -22.77
C VAL A 404 10.89 50.61 -21.61
N THR A 405 9.64 50.30 -21.41
CA THR A 405 8.90 50.93 -20.30
C THR A 405 8.41 49.91 -19.25
N CYS A 406 8.62 50.18 -17.96
CA CYS A 406 8.10 49.24 -16.99
C CYS A 406 6.68 49.74 -16.69
N LEU A 407 5.67 48.90 -16.88
CA LEU A 407 4.29 49.32 -16.64
C LEU A 407 3.74 49.09 -15.25
N SER A 408 4.39 48.22 -14.48
CA SER A 408 3.90 47.92 -13.16
C SER A 408 4.82 48.29 -12.01
N CYS A 409 6.13 48.45 -12.28
CA CYS A 409 7.12 48.73 -11.23
C CYS A 409 6.79 49.77 -10.18
N GLU A 410 6.29 50.89 -10.67
CA GLU A 410 6.03 52.03 -9.84
C GLU A 410 4.63 52.24 -9.32
N LEU A 411 3.68 51.38 -9.72
CA LEU A 411 2.31 51.55 -9.29
C LEU A 411 2.19 51.63 -7.79
N ASN A 412 2.81 50.68 -7.11
CA ASN A 412 2.80 50.66 -5.65
C ASN A 412 3.94 49.74 -5.29
N PRO A 413 5.14 50.31 -5.32
CA PRO A 413 6.38 49.59 -5.02
C PRO A 413 6.45 48.92 -3.65
N GLU A 414 5.70 49.47 -2.70
CA GLU A 414 5.65 48.96 -1.33
C GLU A 414 4.84 47.67 -1.21
N ARG A 415 3.65 47.70 -1.81
CA ARG A 415 2.74 46.59 -1.74
C ARG A 415 2.85 45.57 -2.86
N CYS A 416 3.30 46.02 -4.04
CA CYS A 416 3.33 45.16 -5.22
C CYS A 416 4.64 45.00 -5.95
N GLN A 417 5.20 43.80 -5.88
CA GLN A 417 6.47 43.52 -6.55
C GLN A 417 6.41 42.25 -7.36
N TYR A 418 5.21 41.67 -7.47
CA TYR A 418 5.05 40.42 -8.17
C TYR A 418 3.72 40.48 -8.93
N TYR A 419 3.78 40.63 -10.24
CA TYR A 419 2.58 40.73 -11.07
C TYR A 419 2.41 39.63 -12.13
N SER A 420 1.17 39.39 -12.53
CA SER A 420 0.86 38.54 -13.68
C SER A 420 -0.10 39.46 -14.43
N VAL A 421 -0.38 39.15 -15.71
CA VAL A 421 -1.19 40.02 -16.50
C VAL A 421 -2.19 39.30 -17.39
N SER A 422 -3.29 39.96 -17.73
CA SER A 422 -4.30 39.36 -18.63
C SER A 422 -4.76 40.42 -19.61
N PHE A 423 -4.35 40.34 -20.86
CA PHE A 423 -4.74 41.33 -21.89
C PHE A 423 -6.05 40.97 -22.57
N SER A 424 -6.76 41.97 -23.08
CA SER A 424 -8.00 41.75 -23.83
C SER A 424 -7.57 41.13 -25.18
N LYS A 425 -8.53 40.74 -26.01
CA LYS A 425 -8.26 40.11 -27.30
C LYS A 425 -7.20 40.76 -28.20
N GLU A 426 -7.24 42.08 -28.36
CA GLU A 426 -6.27 42.74 -29.22
C GLU A 426 -5.34 43.58 -28.37
N ALA A 427 -5.30 43.25 -27.07
CA ALA A 427 -4.42 43.96 -26.17
C ALA A 427 -4.77 45.45 -26.05
N LYS A 428 -6.05 45.81 -26.18
CA LYS A 428 -6.45 47.21 -26.01
C LYS A 428 -6.43 47.54 -24.49
N TYR A 429 -6.74 46.54 -23.67
CA TYR A 429 -6.77 46.70 -22.22
C TYR A 429 -6.01 45.60 -21.54
N TYR A 430 -5.62 45.81 -20.30
CA TYR A 430 -5.01 44.73 -19.53
C TYR A 430 -5.30 44.85 -18.04
N GLN A 431 -5.50 43.70 -17.41
CA GLN A 431 -5.76 43.60 -15.99
C GLN A 431 -4.42 43.19 -15.35
N LEU A 432 -3.95 43.95 -14.38
CA LEU A 432 -2.70 43.58 -13.72
C LEU A 432 -3.11 42.90 -12.43
N ARG A 433 -2.41 41.83 -12.06
CA ARG A 433 -2.67 41.09 -10.82
C ARG A 433 -1.39 41.06 -9.98
N CYS A 434 -1.43 41.82 -8.88
CA CYS A 434 -0.31 41.93 -7.95
C CYS A 434 -0.57 40.86 -6.87
N SER A 435 0.43 40.03 -6.56
CA SER A 435 0.22 38.98 -5.55
C SER A 435 1.11 39.08 -4.31
N GLY A 436 1.77 40.23 -4.15
CA GLY A 436 2.65 40.40 -2.99
C GLY A 436 3.65 41.51 -3.23
N PRO A 437 4.40 41.92 -2.20
CA PRO A 437 4.34 41.35 -0.85
C PRO A 437 3.13 41.68 0.04
N GLY A 438 2.32 42.66 -0.35
CA GLY A 438 1.14 43.02 0.43
C GLY A 438 -0.02 42.20 -0.13
N LEU A 439 -1.25 42.50 0.29
CA LEU A 439 -2.44 41.77 -0.18
C LEU A 439 -2.65 41.95 -1.67
N PRO A 440 -3.17 40.89 -2.33
CA PRO A 440 -3.40 40.95 -3.77
C PRO A 440 -4.20 42.17 -4.15
N LEU A 441 -3.85 42.71 -5.30
CA LEU A 441 -4.48 43.90 -5.85
C LEU A 441 -4.69 43.75 -7.38
N TYR A 442 -5.94 43.85 -7.80
CA TYR A 442 -6.29 43.71 -9.21
C TYR A 442 -6.71 45.04 -9.81
N THR A 443 -6.05 45.46 -10.89
CA THR A 443 -6.40 46.75 -11.49
C THR A 443 -6.55 46.57 -12.98
N LEU A 444 -7.24 47.52 -13.61
CA LEU A 444 -7.52 47.48 -15.04
C LEU A 444 -6.91 48.70 -15.73
N HIS A 445 -6.27 48.46 -16.87
CA HIS A 445 -5.58 49.50 -17.64
C HIS A 445 -5.89 49.54 -19.14
N SER A 446 -5.67 50.69 -19.78
CA SER A 446 -5.89 50.82 -21.23
C SER A 446 -4.49 50.94 -21.83
N SER A 447 -4.21 50.14 -22.85
CA SER A 447 -2.89 50.12 -23.45
C SER A 447 -2.47 51.38 -24.20
N VAL A 448 -3.44 52.14 -24.69
CA VAL A 448 -3.16 53.40 -25.41
C VAL A 448 -2.12 54.29 -24.71
N ASN A 449 -2.40 54.73 -23.49
CA ASN A 449 -1.43 55.56 -22.74
C ASN A 449 -1.04 54.92 -21.41
N ASP A 450 -1.45 53.67 -21.23
CA ASP A 450 -1.18 52.92 -20.00
C ASP A 450 -1.79 53.59 -18.77
N LYS A 451 -3.00 54.10 -18.94
CA LYS A 451 -3.69 54.72 -17.82
C LYS A 451 -4.22 53.62 -16.95
N GLY A 452 -4.24 53.86 -15.66
CA GLY A 452 -4.81 52.84 -14.78
C GLY A 452 -6.31 53.16 -14.64
N LEU A 453 -7.19 52.56 -15.44
CA LEU A 453 -8.60 52.87 -15.33
C LEU A 453 -9.18 52.75 -13.92
N ARG A 454 -9.04 51.60 -13.26
CA ARG A 454 -9.62 51.50 -11.94
C ARG A 454 -9.20 50.29 -11.15
N VAL A 455 -9.55 50.32 -9.88
CA VAL A 455 -9.28 49.22 -8.96
C VAL A 455 -10.41 48.21 -9.01
N LEU A 456 -10.10 46.98 -9.43
CA LEU A 456 -11.12 45.94 -9.53
C LEU A 456 -11.39 45.26 -8.17
N GLU A 457 -10.33 44.91 -7.44
CA GLU A 457 -10.50 44.24 -6.14
C GLU A 457 -9.23 44.56 -5.39
N ASP A 458 -9.31 45.12 -4.19
CA ASP A 458 -8.08 45.44 -3.47
C ASP A 458 -8.00 44.70 -2.12
N ASN A 459 -8.89 43.74 -1.88
CA ASN A 459 -8.87 43.01 -0.59
C ASN A 459 -8.92 43.90 0.68
N SER A 460 -9.55 45.07 0.58
CA SER A 460 -9.67 45.95 1.77
C SER A 460 -10.40 45.24 2.94
N ALA A 461 -11.33 44.32 2.62
CA ALA A 461 -12.08 43.59 3.66
C ALA A 461 -11.17 42.60 4.42
N LEU A 462 -10.25 41.92 3.74
CA LEU A 462 -9.35 41.00 4.43
C LEU A 462 -8.38 41.85 5.25
N ASP A 463 -7.90 42.95 4.65
CA ASP A 463 -7.01 43.84 5.37
C ASP A 463 -7.58 44.25 6.75
N LYS A 464 -8.87 44.62 6.79
CA LYS A 464 -9.50 45.02 8.08
C LYS A 464 -9.50 43.84 9.04
N MET A 465 -9.82 42.65 8.56
CA MET A 465 -9.80 41.49 9.44
C MET A 465 -8.40 41.17 9.99
N LEU A 466 -7.40 41.16 9.11
CA LEU A 466 -6.06 40.83 9.54
C LEU A 466 -5.39 41.78 10.52
N GLN A 467 -5.80 43.05 10.58
CA GLN A 467 -5.15 43.95 11.52
C GLN A 467 -5.52 43.58 12.96
N ASN A 468 -6.49 42.69 13.09
CA ASN A 468 -6.90 42.26 14.39
C ASN A 468 -6.26 40.95 14.83
N VAL A 469 -5.25 40.48 14.08
CA VAL A 469 -4.55 39.25 14.43
C VAL A 469 -3.05 39.47 14.32
N GLN A 470 -2.30 38.80 15.16
CA GLN A 470 -0.86 39.03 15.14
C GLN A 470 -0.27 38.24 13.97
N MET A 471 -0.17 38.87 12.80
CA MET A 471 0.36 38.16 11.63
C MET A 471 1.90 38.16 11.61
N PRO A 472 2.50 37.12 11.02
CA PRO A 472 3.97 37.09 10.95
C PRO A 472 4.41 38.06 9.84
N SER A 473 5.69 38.38 9.78
CA SER A 473 6.21 39.21 8.69
C SER A 473 7.06 38.30 7.80
N LYS A 474 7.60 38.85 6.72
CA LYS A 474 8.43 38.09 5.77
C LYS A 474 9.65 38.85 5.32
N LYS A 475 10.84 38.29 5.55
CA LYS A 475 12.06 38.93 5.08
C LYS A 475 12.55 38.19 3.84
N LEU A 476 12.93 38.92 2.81
CA LEU A 476 13.45 38.33 1.57
C LEU A 476 14.81 38.99 1.42
N ASP A 477 15.88 38.21 1.39
CA ASP A 477 17.20 38.80 1.32
C ASP A 477 18.13 37.74 0.71
N PHE A 478 19.42 37.89 0.89
CA PHE A 478 20.34 36.93 0.31
C PHE A 478 21.59 36.75 1.11
N ILE A 479 22.37 35.75 0.72
CA ILE A 479 23.65 35.50 1.35
C ILE A 479 24.56 35.26 0.15
N ILE A 480 25.87 35.36 0.38
CA ILE A 480 26.80 35.13 -0.69
C ILE A 480 27.55 33.87 -0.36
N LEU A 481 27.78 33.06 -1.38
CA LEU A 481 28.51 31.80 -1.27
C LEU A 481 29.40 31.69 -2.51
N ASN A 482 30.72 31.71 -2.30
CA ASN A 482 31.66 31.62 -3.41
C ASN A 482 31.39 32.68 -4.47
N GLU A 483 31.32 33.93 -4.04
CA GLU A 483 31.08 35.01 -4.99
C GLU A 483 29.70 35.02 -5.64
N THR A 484 28.84 34.07 -5.30
CA THR A 484 27.52 34.10 -5.91
C THR A 484 26.48 34.40 -4.87
N LYS A 485 25.56 35.31 -5.16
CA LYS A 485 24.51 35.54 -4.15
C LYS A 485 23.32 34.62 -4.35
N PHE A 486 22.82 34.09 -3.25
CA PHE A 486 21.69 33.15 -3.29
C PHE A 486 20.61 33.69 -2.36
N TRP A 487 19.39 33.75 -2.87
CA TRP A 487 18.26 34.29 -2.11
C TRP A 487 17.53 33.35 -1.15
N TYR A 488 16.97 33.92 -0.09
CA TYR A 488 16.24 33.14 0.88
C TYR A 488 15.12 34.02 1.43
N GLN A 489 14.17 33.41 2.12
CA GLN A 489 13.11 34.17 2.73
C GLN A 489 12.84 33.54 4.06
N MET A 490 12.37 34.36 5.00
CA MET A 490 11.99 33.84 6.32
C MET A 490 10.61 34.35 6.70
N ILE A 491 9.73 33.47 7.18
CA ILE A 491 8.43 33.89 7.62
C ILE A 491 8.75 34.10 9.10
N LEU A 492 8.71 35.36 9.55
CA LEU A 492 9.08 35.68 10.93
C LEU A 492 7.96 35.82 11.94
N PRO A 493 8.05 35.17 13.12
CA PRO A 493 7.00 35.27 14.14
C PRO A 493 6.69 36.74 14.45
N PRO A 494 5.44 37.03 14.89
CA PRO A 494 5.04 38.41 15.21
C PRO A 494 5.92 38.93 16.35
N HIS A 495 6.29 40.21 16.30
CA HIS A 495 7.15 40.80 17.32
C HIS A 495 8.53 40.16 17.34
N PHE A 496 8.98 39.72 16.17
CA PHE A 496 10.28 39.12 16.03
C PHE A 496 11.30 39.98 16.76
N ASP A 497 12.13 39.33 17.56
CA ASP A 497 13.15 39.97 18.38
C ASP A 497 14.47 39.22 18.18
N LYS A 498 15.34 39.73 17.32
CA LYS A 498 16.60 39.05 17.03
C LYS A 498 17.51 38.86 18.22
N SER A 499 17.01 39.21 19.40
CA SER A 499 17.76 39.06 20.63
C SER A 499 17.50 37.66 21.18
N LYS A 500 16.34 37.11 20.83
CA LYS A 500 15.91 35.78 21.25
C LYS A 500 16.35 34.67 20.29
N LYS A 501 16.26 33.43 20.75
CA LYS A 501 16.62 32.26 19.93
C LYS A 501 15.35 31.51 19.54
N TYR A 502 15.08 31.41 18.24
CA TYR A 502 13.88 30.73 17.75
C TYR A 502 14.15 29.41 17.06
N PRO A 503 13.25 28.43 17.20
CA PRO A 503 13.47 27.16 16.51
C PRO A 503 13.23 27.49 15.02
N LEU A 504 13.85 26.77 14.11
CA LEU A 504 13.70 27.08 12.70
C LEU A 504 13.37 25.87 11.86
N LEU A 505 12.38 26.03 10.98
CA LEU A 505 11.92 24.98 10.07
C LEU A 505 12.29 25.36 8.62
N LEU A 506 13.14 24.56 7.98
CA LEU A 506 13.55 24.83 6.62
C LEU A 506 12.48 24.21 5.70
N ASP A 507 11.77 25.04 4.94
CA ASP A 507 10.70 24.62 4.02
C ASP A 507 11.35 24.50 2.63
N VAL A 508 11.54 23.26 2.16
CA VAL A 508 12.24 23.09 0.88
C VAL A 508 11.52 22.46 -0.29
N TYR A 509 11.89 22.91 -1.48
CA TYR A 509 11.38 22.25 -2.67
C TYR A 509 12.69 21.96 -3.40
N ALA A 510 13.32 22.98 -4.00
CA ALA A 510 14.66 22.87 -4.62
C ALA A 510 14.87 22.05 -5.90
N GLY A 511 13.79 21.73 -6.58
CA GLY A 511 13.90 21.00 -7.82
C GLY A 511 14.46 21.97 -8.88
N PRO A 512 14.92 21.45 -10.00
CA PRO A 512 15.48 22.27 -11.07
C PRO A 512 14.54 23.40 -11.51
N CYS A 513 15.06 24.62 -11.56
CA CYS A 513 14.31 25.82 -11.96
C CYS A 513 13.22 26.18 -10.94
N SER A 514 13.35 25.71 -9.70
CA SER A 514 12.38 26.06 -8.67
C SER A 514 12.73 27.42 -8.06
N GLN A 515 11.77 28.02 -7.37
CA GLN A 515 12.04 29.29 -6.67
C GLN A 515 11.16 29.30 -5.43
N LYS A 516 11.77 29.27 -4.26
CA LYS A 516 11.02 29.25 -2.99
C LYS A 516 11.23 30.56 -2.21
N ALA A 517 12.05 31.45 -2.77
CA ALA A 517 12.29 32.75 -2.15
C ALA A 517 11.76 33.79 -3.14
N ASP A 518 10.57 34.34 -2.84
CA ASP A 518 9.94 35.35 -3.69
C ASP A 518 9.14 36.41 -2.90
N THR A 519 8.44 37.27 -3.63
CA THR A 519 7.72 38.36 -2.98
C THR A 519 6.19 38.12 -2.84
N VAL A 520 5.75 36.90 -3.10
CA VAL A 520 4.34 36.56 -3.04
C VAL A 520 3.85 36.43 -1.60
N PHE A 521 2.66 36.99 -1.34
CA PHE A 521 1.98 36.97 -0.02
C PHE A 521 1.20 35.67 0.04
N ARG A 522 1.41 34.91 1.10
CA ARG A 522 0.70 33.65 1.23
C ARG A 522 0.12 33.44 2.62
N LEU A 523 -0.97 32.69 2.69
CA LEU A 523 -1.57 32.34 3.98
C LEU A 523 -1.53 30.80 3.90
N ASN A 524 -0.60 30.21 4.64
CA ASN A 524 -0.45 28.77 4.58
C ASN A 524 -0.02 28.20 5.93
N TRP A 525 0.51 26.99 5.92
CA TRP A 525 0.90 26.35 7.15
C TRP A 525 2.03 27.13 7.84
N ALA A 526 2.96 27.64 7.04
CA ALA A 526 4.05 28.43 7.57
C ALA A 526 3.50 29.66 8.33
N THR A 527 2.39 30.24 7.87
CA THR A 527 1.82 31.42 8.54
C THR A 527 1.43 31.04 9.95
N TYR A 528 0.79 29.89 10.08
CA TYR A 528 0.37 29.42 11.39
C TYR A 528 1.57 29.09 12.27
N LEU A 529 2.53 28.33 11.73
CA LEU A 529 3.74 27.96 12.50
C LEU A 529 4.49 29.17 13.04
N ALA A 530 4.53 30.24 12.25
CA ALA A 530 5.20 31.45 12.69
C ALA A 530 4.28 32.21 13.66
N SER A 531 3.05 32.48 13.25
CA SER A 531 2.12 33.24 14.08
C SER A 531 1.76 32.66 15.42
N THR A 532 1.41 31.38 15.43
CA THR A 532 1.00 30.76 16.68
C THR A 532 2.08 30.00 17.44
N GLU A 533 2.98 29.32 16.73
CA GLU A 533 4.02 28.55 17.41
C GLU A 533 5.36 29.27 17.55
N ASN A 534 5.51 30.43 16.93
CA ASN A 534 6.76 31.18 17.02
C ASN A 534 7.94 30.45 16.45
N ILE A 535 7.74 29.88 15.26
CA ILE A 535 8.79 29.18 14.58
C ILE A 535 9.13 30.02 13.37
N ILE A 536 10.41 30.16 13.07
CA ILE A 536 10.85 30.86 11.88
C ILE A 536 10.81 29.78 10.79
N VAL A 537 10.13 30.06 9.69
CA VAL A 537 10.05 29.11 8.55
C VAL A 537 10.81 29.77 7.40
N ALA A 538 11.95 29.19 7.04
CA ALA A 538 12.84 29.73 6.01
C ALA A 538 12.88 28.89 4.75
N SER A 539 13.21 29.53 3.62
CA SER A 539 13.36 28.81 2.37
C SER A 539 14.57 29.41 1.69
N PHE A 540 15.32 28.56 0.97
CA PHE A 540 16.53 28.99 0.30
C PHE A 540 16.62 28.49 -1.15
N ASP A 541 17.06 29.36 -2.06
CA ASP A 541 17.19 28.98 -3.46
C ASP A 541 18.68 28.81 -3.78
N GLY A 542 19.17 27.57 -3.83
CA GLY A 542 20.58 27.36 -4.13
C GLY A 542 20.81 26.88 -5.57
N ARG A 543 21.93 26.21 -5.77
CA ARG A 543 22.25 25.75 -7.09
C ARG A 543 21.10 24.91 -7.67
N GLY A 544 20.80 25.15 -8.93
CA GLY A 544 19.72 24.44 -9.57
C GLY A 544 18.47 25.30 -9.62
N SER A 545 18.37 26.28 -8.73
CA SER A 545 17.18 27.13 -8.69
C SER A 545 17.07 27.96 -9.98
N GLY A 546 15.86 28.40 -10.31
CA GLY A 546 15.65 29.08 -11.56
C GLY A 546 15.57 30.59 -11.61
N TYR A 547 15.39 31.12 -12.82
CA TYR A 547 15.23 32.56 -13.03
C TYR A 547 16.43 33.43 -12.73
N GLN A 548 17.60 32.81 -12.60
CA GLN A 548 18.82 33.54 -12.28
C GLN A 548 19.97 33.20 -13.25
N GLY A 549 19.68 32.59 -14.39
CA GLY A 549 20.73 32.25 -15.34
C GLY A 549 21.11 30.78 -15.32
N ASP A 550 21.55 30.29 -16.46
CA ASP A 550 21.94 28.90 -16.56
C ASP A 550 23.12 28.47 -15.66
N LYS A 551 23.99 29.41 -15.28
CA LYS A 551 25.13 29.04 -14.45
C LYS A 551 24.64 28.41 -13.14
N ILE A 552 23.61 29.03 -12.56
CA ILE A 552 23.03 28.52 -11.34
C ILE A 552 22.06 27.36 -11.61
N MET A 553 21.21 27.47 -12.63
CA MET A 553 20.22 26.42 -12.88
C MET A 553 20.82 25.08 -13.35
N HIS A 554 21.81 25.16 -14.24
CA HIS A 554 22.43 23.96 -14.78
C HIS A 554 23.50 23.35 -13.90
N ALA A 555 23.77 23.98 -12.77
CA ALA A 555 24.80 23.45 -11.90
C ALA A 555 24.50 21.99 -11.47
N ILE A 556 23.23 21.57 -11.44
CA ILE A 556 22.94 20.19 -11.06
C ILE A 556 22.73 19.23 -12.22
N ASN A 557 23.01 19.69 -13.45
CA ASN A 557 22.83 18.83 -14.61
C ASN A 557 23.47 17.45 -14.44
N ARG A 558 22.70 16.38 -14.64
CA ARG A 558 23.18 14.99 -14.47
C ARG A 558 23.62 14.72 -13.03
N ARG A 559 23.31 15.63 -12.12
CA ARG A 559 23.75 15.47 -10.74
C ARG A 559 22.67 15.75 -9.71
N LEU A 560 21.42 15.33 -9.96
CA LEU A 560 20.33 15.57 -8.98
C LEU A 560 20.69 14.92 -7.65
N GLY A 561 20.28 15.52 -6.56
CA GLY A 561 20.61 14.95 -5.28
C GLY A 561 22.01 15.30 -4.79
N THR A 562 22.64 16.33 -5.36
CA THR A 562 23.98 16.72 -4.91
C THR A 562 24.07 18.15 -4.39
N PHE A 563 24.32 19.12 -5.27
CA PHE A 563 24.46 20.50 -4.83
C PHE A 563 23.19 21.13 -4.29
N GLU A 564 22.03 20.79 -4.83
CA GLU A 564 20.85 21.45 -4.27
C GLU A 564 20.65 21.00 -2.83
N VAL A 565 21.10 19.78 -2.51
CA VAL A 565 20.99 19.22 -1.16
C VAL A 565 22.02 19.88 -0.24
N GLU A 566 23.28 19.91 -0.69
CA GLU A 566 24.37 20.53 0.07
C GLU A 566 24.07 22.00 0.32
N ASP A 567 23.59 22.71 -0.70
CA ASP A 567 23.25 24.12 -0.53
C ASP A 567 22.15 24.32 0.55
N GLN A 568 21.21 23.39 0.67
CA GLN A 568 20.20 23.56 1.73
C GLN A 568 20.88 23.37 3.10
N ILE A 569 21.82 22.42 3.18
CA ILE A 569 22.49 22.21 4.47
C ILE A 569 23.28 23.50 4.82
N GLU A 570 24.05 24.01 3.86
CA GLU A 570 24.85 25.25 4.04
C GLU A 570 23.98 26.44 4.46
N ALA A 571 22.80 26.57 3.87
CA ALA A 571 21.92 27.68 4.25
C ALA A 571 21.48 27.50 5.70
N ALA A 572 21.18 26.27 6.10
CA ALA A 572 20.78 26.05 7.50
C ALA A 572 21.95 26.41 8.44
N ARG A 573 23.18 26.15 8.02
CA ARG A 573 24.35 26.53 8.83
C ARG A 573 24.41 28.03 8.93
N GLN A 574 24.29 28.72 7.80
CA GLN A 574 24.35 30.16 7.82
C GLN A 574 23.25 30.72 8.71
N PHE A 575 22.01 30.25 8.56
CA PHE A 575 20.92 30.77 9.38
C PHE A 575 21.23 30.66 10.86
N SER A 576 21.74 29.51 11.27
CA SER A 576 22.07 29.32 12.66
C SER A 576 23.11 30.33 13.17
N LYS A 577 24.03 30.73 12.29
CA LYS A 577 25.06 31.70 12.64
C LYS A 577 24.53 33.13 12.52
N MET A 578 23.21 33.29 12.53
CA MET A 578 22.65 34.63 12.44
C MET A 578 22.34 35.18 13.82
N GLY A 579 22.34 34.30 14.81
CA GLY A 579 22.13 34.75 16.17
C GLY A 579 20.76 34.54 16.76
N PHE A 580 19.71 34.63 15.94
CA PHE A 580 18.35 34.45 16.46
C PHE A 580 17.79 33.04 16.21
N VAL A 581 18.69 32.09 15.93
CA VAL A 581 18.27 30.72 15.67
C VAL A 581 18.80 29.75 16.72
N ASP A 582 17.88 28.98 17.32
CA ASP A 582 18.28 27.98 18.30
C ASP A 582 18.87 26.78 17.54
N ASN A 583 20.18 26.60 17.67
CA ASN A 583 20.92 25.53 17.01
C ASN A 583 20.44 24.14 17.26
N LYS A 584 19.88 23.91 18.43
CA LYS A 584 19.39 22.60 18.80
C LYS A 584 17.98 22.33 18.28
N ARG A 585 17.35 23.33 17.66
CA ARG A 585 16.00 23.11 17.13
C ARG A 585 15.85 23.59 15.69
N ILE A 586 16.52 22.89 14.79
CA ILE A 586 16.43 23.15 13.34
C ILE A 586 15.80 21.93 12.66
N ALA A 587 14.67 22.11 11.99
CA ALA A 587 13.99 20.99 11.31
C ALA A 587 13.90 21.31 9.84
N ILE A 588 13.49 20.31 9.05
CA ILE A 588 13.36 20.52 7.61
C ILE A 588 12.18 19.69 7.09
N TRP A 589 11.49 20.17 6.07
CA TRP A 589 10.36 19.43 5.51
C TRP A 589 10.12 19.84 4.09
N GLY A 590 9.49 18.93 3.32
CA GLY A 590 9.20 19.21 1.94
C GLY A 590 8.26 18.18 1.33
N TRP A 591 7.71 18.56 0.20
CA TRP A 591 6.75 17.69 -0.48
C TRP A 591 7.30 17.36 -1.85
N SER A 592 7.05 16.13 -2.31
CA SER A 592 7.53 15.70 -3.61
C SER A 592 9.06 15.93 -3.78
N TYR A 593 9.50 16.73 -4.73
CA TYR A 593 10.96 16.94 -4.88
C TYR A 593 11.51 17.41 -3.55
N GLY A 594 10.73 18.25 -2.85
CA GLY A 594 11.17 18.74 -1.55
C GLY A 594 11.26 17.61 -0.55
N GLY A 595 10.48 16.54 -0.78
CA GLY A 595 10.53 15.41 0.14
C GLY A 595 11.80 14.61 -0.12
N TYR A 596 12.18 14.53 -1.39
CA TYR A 596 13.40 13.85 -1.75
C TYR A 596 14.60 14.57 -1.11
N VAL A 597 14.67 15.89 -1.30
CA VAL A 597 15.74 16.71 -0.74
C VAL A 597 15.75 16.64 0.77
N THR A 598 14.56 16.68 1.39
CA THR A 598 14.46 16.61 2.84
C THR A 598 15.08 15.28 3.30
N SER A 599 14.76 14.19 2.62
CA SER A 599 15.27 12.88 3.03
C SER A 599 16.80 12.76 2.82
N MET A 600 17.30 13.28 1.71
CA MET A 600 18.74 13.27 1.43
C MET A 600 19.46 14.13 2.51
N VAL A 601 18.91 15.29 2.84
CA VAL A 601 19.52 16.11 3.89
C VAL A 601 19.57 15.33 5.21
N LEU A 602 18.44 14.74 5.60
CA LEU A 602 18.32 14.00 6.86
C LEU A 602 19.21 12.77 6.91
N GLY A 603 19.60 12.28 5.74
CA GLY A 603 20.43 11.10 5.65
C GLY A 603 21.89 11.42 5.41
N SER A 604 22.22 12.71 5.40
CA SER A 604 23.57 13.19 5.13
C SER A 604 24.52 13.08 6.32
N GLY A 605 23.95 12.96 7.51
CA GLY A 605 24.79 12.87 8.70
C GLY A 605 25.44 14.21 9.02
N SER A 606 24.91 15.32 8.50
CA SER A 606 25.51 16.63 8.79
C SER A 606 25.39 17.06 10.25
N GLY A 607 24.43 16.48 10.96
CA GLY A 607 24.22 16.87 12.34
C GLY A 607 23.45 18.18 12.54
N VAL A 608 23.28 18.95 11.49
CA VAL A 608 22.57 20.23 11.57
C VAL A 608 21.10 20.15 11.99
N PHE A 609 20.38 19.16 11.45
CA PHE A 609 18.93 19.01 11.68
C PHE A 609 18.55 18.01 12.76
N LYS A 610 17.56 18.36 13.59
CA LYS A 610 17.07 17.48 14.66
C LYS A 610 15.98 16.52 14.12
N CYS A 611 15.13 17.01 13.22
CA CYS A 611 14.02 16.20 12.68
C CYS A 611 13.55 16.75 11.33
N GLY A 612 12.72 15.99 10.64
CA GLY A 612 12.24 16.42 9.34
C GLY A 612 11.07 15.59 8.86
N ILE A 613 10.35 16.11 7.86
CA ILE A 613 9.16 15.43 7.36
C ILE A 613 9.23 15.41 5.84
N ALA A 614 9.07 14.24 5.25
CA ALA A 614 9.07 14.13 3.80
C ALA A 614 7.68 13.64 3.38
N VAL A 615 7.02 14.38 2.49
CA VAL A 615 5.70 14.04 2.00
C VAL A 615 5.78 13.62 0.53
N ALA A 616 5.30 12.42 0.23
CA ALA A 616 5.33 11.91 -1.14
C ALA A 616 6.71 12.11 -1.84
N PRO A 617 7.82 11.75 -1.15
CA PRO A 617 9.15 11.93 -1.78
C PRO A 617 9.51 10.98 -2.90
N VAL A 618 10.42 11.44 -3.77
CA VAL A 618 11.04 10.58 -4.77
C VAL A 618 12.13 9.99 -3.86
N SER A 619 12.50 8.72 -4.07
CA SER A 619 13.53 8.06 -3.25
C SER A 619 14.62 7.49 -4.18
N ARG A 620 14.32 7.25 -5.44
CA ARG A 620 15.34 6.78 -6.37
C ARG A 620 14.85 7.18 -7.76
N TRP A 621 15.73 7.84 -8.52
CA TRP A 621 15.31 8.37 -9.82
C TRP A 621 14.84 7.40 -10.85
N GLU A 622 15.23 6.14 -10.71
CA GLU A 622 14.78 5.12 -11.62
C GLU A 622 13.28 4.86 -11.44
N TYR A 623 12.71 5.35 -10.34
CA TYR A 623 11.28 5.15 -10.10
C TYR A 623 10.39 6.28 -10.67
N TYR A 624 10.98 7.41 -11.01
CA TYR A 624 10.14 8.52 -11.48
C TYR A 624 10.00 8.50 -12.99
N ASP A 625 9.23 9.41 -13.57
CA ASP A 625 8.99 9.31 -15.01
C ASP A 625 10.13 9.76 -15.90
N SER A 626 10.15 9.22 -17.11
CA SER A 626 11.22 9.48 -18.08
C SER A 626 11.43 10.92 -18.49
N VAL A 627 10.36 11.61 -18.85
CA VAL A 627 10.50 12.98 -19.35
C VAL A 627 11.12 13.93 -18.38
N TYR A 628 10.67 13.85 -17.14
CA TYR A 628 11.22 14.75 -16.12
C TYR A 628 12.60 14.29 -15.66
N THR A 629 12.70 13.01 -15.32
CA THR A 629 13.94 12.48 -14.79
C THR A 629 15.07 12.58 -15.79
N GLU A 630 14.86 12.05 -16.99
CA GLU A 630 15.94 12.08 -17.98
C GLU A 630 16.34 13.52 -18.40
N ARG A 631 15.42 14.49 -18.23
CA ARG A 631 15.77 15.86 -18.59
C ARG A 631 17.01 16.29 -17.80
N TYR A 632 17.07 15.93 -16.52
CA TYR A 632 18.19 16.33 -15.70
C TYR A 632 19.23 15.24 -15.46
N MET A 633 18.86 13.99 -15.67
CA MET A 633 19.78 12.87 -15.39
C MET A 633 20.26 12.03 -16.60
N GLY A 634 19.88 12.37 -17.82
CA GLY A 634 20.28 11.53 -18.95
C GLY A 634 19.66 10.13 -18.73
N LEU A 635 20.19 9.08 -19.34
CA LEU A 635 19.64 7.73 -19.18
C LEU A 635 20.31 6.86 -18.11
N PRO A 636 19.56 5.96 -17.46
CA PRO A 636 20.15 5.08 -16.42
C PRO A 636 20.84 3.86 -17.03
N THR A 637 21.84 4.06 -17.89
CA THR A 637 22.56 2.95 -18.53
C THR A 637 24.03 3.13 -18.19
N PRO A 638 24.79 2.02 -18.09
CA PRO A 638 26.21 2.16 -17.77
C PRO A 638 26.97 3.09 -18.71
N GLU A 639 26.58 3.10 -19.98
CA GLU A 639 27.21 3.97 -20.98
C GLU A 639 26.93 5.46 -20.72
N ASP A 640 25.83 5.74 -20.00
CA ASP A 640 25.46 7.14 -19.74
C ASP A 640 25.65 7.60 -18.32
N ASN A 641 24.58 7.56 -17.52
CA ASN A 641 24.64 8.09 -16.16
C ASN A 641 24.10 7.14 -15.06
N LEU A 642 24.14 5.85 -15.34
CA LEU A 642 23.62 4.89 -14.36
C LEU A 642 24.30 4.99 -13.01
N ASP A 643 25.61 5.27 -13.01
CA ASP A 643 26.30 5.39 -11.73
C ASP A 643 25.68 6.45 -10.83
N HIS A 644 25.46 7.65 -11.36
CA HIS A 644 24.89 8.65 -10.50
C HIS A 644 23.43 8.35 -10.13
N TYR A 645 22.67 7.67 -10.99
CA TYR A 645 21.30 7.29 -10.65
C TYR A 645 21.37 6.43 -9.38
N ARG A 646 22.37 5.54 -9.34
CA ARG A 646 22.49 4.63 -8.20
C ARG A 646 23.08 5.21 -6.95
N ASN A 647 23.79 6.31 -7.09
CA ASN A 647 24.46 6.97 -5.97
C ASN A 647 23.59 8.02 -5.30
N SER A 648 22.43 8.30 -5.90
CA SER A 648 21.58 9.37 -5.40
C SER A 648 20.24 8.92 -4.85
N THR A 649 20.18 7.69 -4.35
CA THR A 649 18.94 7.18 -3.80
C THR A 649 18.88 7.55 -2.31
N VAL A 650 17.67 7.65 -1.77
CA VAL A 650 17.54 7.90 -0.34
C VAL A 650 17.95 6.63 0.48
N MET A 651 17.59 5.47 -0.05
CA MET A 651 17.85 4.20 0.62
C MET A 651 19.33 3.99 0.99
N SER A 652 20.25 4.45 0.14
CA SER A 652 21.66 4.22 0.47
C SER A 652 22.11 4.94 1.74
N ARG A 653 21.29 5.87 2.21
CA ARG A 653 21.59 6.63 3.42
C ARG A 653 20.81 6.22 4.64
N ALA A 654 20.11 5.09 4.55
CA ALA A 654 19.29 4.61 5.66
C ALA A 654 19.97 4.71 7.02
N GLU A 655 21.18 4.18 7.07
CA GLU A 655 21.95 4.17 8.30
C GLU A 655 22.04 5.51 9.04
N ASN A 656 22.25 6.60 8.30
CA ASN A 656 22.39 7.90 8.95
C ASN A 656 21.09 8.48 9.53
N PHE A 657 19.95 7.82 9.32
CA PHE A 657 18.69 8.30 9.89
C PHE A 657 18.63 7.98 11.35
N LYS A 658 19.59 7.19 11.83
CA LYS A 658 19.61 6.85 13.25
C LYS A 658 19.80 8.12 14.07
N GLN A 659 20.34 9.16 13.48
CA GLN A 659 20.62 10.42 14.18
C GLN A 659 19.49 11.44 14.24
N VAL A 660 18.40 11.19 13.53
CA VAL A 660 17.32 12.18 13.47
C VAL A 660 15.90 11.58 13.66
N GLU A 661 14.93 12.47 13.89
CA GLU A 661 13.53 12.06 14.01
C GLU A 661 12.92 12.34 12.63
N TYR A 662 12.41 11.28 12.01
CA TYR A 662 11.87 11.38 10.66
C TYR A 662 10.40 10.97 10.53
N LEU A 663 9.61 11.78 9.83
CA LEU A 663 8.19 11.46 9.58
C LEU A 663 8.06 11.30 8.05
N LEU A 664 7.59 10.12 7.59
CA LEU A 664 7.47 9.79 6.17
C LEU A 664 5.98 9.65 5.89
N ILE A 665 5.48 10.43 4.93
CA ILE A 665 4.05 10.45 4.58
C ILE A 665 3.86 10.25 3.07
N HIS A 666 2.92 9.41 2.68
CA HIS A 666 2.69 9.22 1.25
C HIS A 666 1.25 8.74 1.03
N GLY A 667 0.58 9.18 -0.04
CA GLY A 667 -0.77 8.70 -0.31
C GLY A 667 -0.71 7.37 -1.06
N THR A 668 -1.56 6.40 -0.74
CA THR A 668 -1.49 5.13 -1.42
C THR A 668 -1.89 5.13 -2.90
N ALA A 669 -2.62 6.15 -3.35
CA ALA A 669 -3.04 6.21 -4.76
C ALA A 669 -2.30 7.30 -5.52
N ASP A 670 -1.06 7.53 -5.13
CA ASP A 670 -0.27 8.56 -5.80
C ASP A 670 0.12 7.99 -7.17
N ASP A 671 -0.40 8.61 -8.24
CA ASP A 671 -0.13 8.15 -9.61
C ASP A 671 1.12 8.81 -10.18
N ASN A 672 1.64 9.80 -9.47
CA ASN A 672 2.77 10.62 -9.90
C ASN A 672 4.11 10.11 -9.26
N VAL A 673 4.25 10.26 -7.95
CA VAL A 673 5.38 9.70 -7.23
C VAL A 673 4.72 8.46 -6.60
N HIS A 674 4.96 7.30 -7.16
CA HIS A 674 4.24 6.12 -6.67
C HIS A 674 4.53 5.77 -5.20
N PHE A 675 3.51 5.25 -4.49
CA PHE A 675 3.65 4.86 -3.07
C PHE A 675 4.93 4.02 -2.95
N GLN A 676 5.21 3.26 -4.00
CA GLN A 676 6.44 2.46 -4.10
C GLN A 676 7.70 3.20 -3.58
N GLN A 677 7.83 4.48 -3.91
CA GLN A 677 9.00 5.27 -3.52
C GLN A 677 9.18 5.32 -1.99
N SER A 678 8.08 5.61 -1.27
CA SER A 678 8.13 5.60 0.18
C SER A 678 8.18 4.16 0.74
N ALA A 679 7.55 3.21 0.03
CA ALA A 679 7.60 1.83 0.49
C ALA A 679 9.07 1.29 0.49
N GLN A 680 9.90 1.80 -0.41
CA GLN A 680 11.27 1.35 -0.48
C GLN A 680 12.12 2.06 0.58
N ILE A 681 11.79 3.31 0.90
CA ILE A 681 12.50 4.05 1.96
C ILE A 681 12.25 3.35 3.34
N SER A 682 10.98 3.12 3.65
CA SER A 682 10.57 2.49 4.89
C SER A 682 11.26 1.11 4.99
N LYS A 683 11.27 0.34 3.90
CA LYS A 683 11.92 -0.95 3.93
C LYS A 683 13.47 -0.86 4.18
N ALA A 684 14.13 0.17 3.63
CA ALA A 684 15.58 0.29 3.84
C ALA A 684 15.83 0.70 5.28
N LEU A 685 14.94 1.51 5.85
CA LEU A 685 15.11 1.94 7.24
C LEU A 685 14.95 0.73 8.19
N VAL A 686 13.93 -0.07 7.95
CA VAL A 686 13.67 -1.25 8.77
C VAL A 686 14.89 -2.18 8.66
N ASP A 687 15.41 -2.35 7.44
CA ASP A 687 16.55 -3.25 7.26
C ASP A 687 17.80 -2.88 8.06
N VAL A 688 18.01 -1.60 8.36
CA VAL A 688 19.14 -1.16 9.19
C VAL A 688 18.71 -0.86 10.65
N GLY A 689 17.48 -1.22 11.00
CA GLY A 689 17.06 -0.99 12.38
C GLY A 689 16.92 0.46 12.85
N VAL A 690 16.41 1.34 11.98
CA VAL A 690 16.19 2.72 12.34
C VAL A 690 14.70 2.95 12.66
N ASP A 691 14.39 3.52 13.81
CA ASP A 691 13.00 3.82 14.10
C ASP A 691 12.62 5.16 13.44
N PHE A 692 11.36 5.30 13.06
CA PHE A 692 10.85 6.53 12.43
C PHE A 692 9.29 6.57 12.54
N GLN A 693 8.67 7.67 12.17
CA GLN A 693 7.21 7.78 12.23
C GLN A 693 6.72 7.71 10.80
N ALA A 694 5.51 7.18 10.60
CA ALA A 694 4.98 7.05 9.25
C ALA A 694 3.49 7.29 9.23
N MET A 695 2.96 7.60 8.05
CA MET A 695 1.51 7.78 7.86
C MET A 695 1.18 7.61 6.37
N TRP A 696 0.35 6.63 6.05
CA TRP A 696 -0.07 6.44 4.67
C TRP A 696 -1.45 7.09 4.62
N TYR A 697 -1.87 7.59 3.44
CA TYR A 697 -3.22 8.17 3.29
C TYR A 697 -3.95 7.35 2.23
N THR A 698 -4.90 6.53 2.70
CA THR A 698 -5.67 5.65 1.84
C THR A 698 -6.37 6.42 0.73
N ASP A 699 -6.14 6.00 -0.50
CA ASP A 699 -6.75 6.54 -1.69
C ASP A 699 -6.44 8.01 -2.04
N GLU A 700 -5.45 8.63 -1.38
CA GLU A 700 -5.06 10.00 -1.73
C GLU A 700 -3.96 9.94 -2.79
N ASP A 701 -3.92 10.96 -3.63
CA ASP A 701 -2.91 10.97 -4.67
C ASP A 701 -1.78 11.93 -4.28
N HIS A 702 -1.03 12.41 -5.27
CA HIS A 702 0.10 13.27 -4.98
C HIS A 702 -0.27 14.57 -4.27
N GLY A 703 -1.53 14.98 -4.36
CA GLY A 703 -1.91 16.23 -3.73
C GLY A 703 -2.40 16.12 -2.29
N ILE A 704 -2.72 14.90 -1.85
CA ILE A 704 -3.29 14.62 -0.53
C ILE A 704 -4.19 15.82 -0.24
N ALA A 705 -4.97 16.15 -1.25
CA ALA A 705 -5.80 17.33 -1.25
C ALA A 705 -7.29 17.17 -0.89
N SER A 706 -7.77 15.97 -0.63
CA SER A 706 -9.20 15.87 -0.29
C SER A 706 -9.41 16.65 1.03
N SER A 707 -10.56 17.29 1.19
CA SER A 707 -10.82 18.08 2.37
C SER A 707 -10.44 17.43 3.73
N THR A 708 -10.84 16.20 3.96
CA THR A 708 -10.50 15.60 5.25
C THR A 708 -9.02 15.17 5.37
N ALA A 709 -8.42 14.62 4.31
CA ALA A 709 -7.00 14.22 4.41
C ALA A 709 -6.08 15.47 4.52
N HIS A 710 -6.42 16.56 3.86
CA HIS A 710 -5.59 17.79 3.92
C HIS A 710 -5.50 18.26 5.38
N GLN A 711 -6.66 18.25 6.03
CA GLN A 711 -6.73 18.68 7.41
C GLN A 711 -5.98 17.69 8.29
N HIS A 712 -6.14 16.41 7.99
CA HIS A 712 -5.48 15.41 8.79
C HIS A 712 -3.93 15.45 8.67
N ILE A 713 -3.40 15.60 7.45
CA ILE A 713 -1.98 15.61 7.31
C ILE A 713 -1.36 16.80 8.02
N TYR A 714 -1.93 17.98 7.85
CA TYR A 714 -1.35 19.13 8.51
C TYR A 714 -1.46 19.08 10.05
N THR A 715 -2.50 18.42 10.55
CA THR A 715 -2.68 18.27 12.01
C THR A 715 -1.59 17.32 12.54
N HIS A 716 -1.40 16.22 11.82
CA HIS A 716 -0.41 15.22 12.20
C HIS A 716 1.01 15.80 12.12
N MET A 717 1.33 16.54 11.07
CA MET A 717 2.64 17.16 10.92
C MET A 717 2.86 18.25 11.99
N SER A 718 1.82 18.98 12.33
CA SER A 718 1.95 20.00 13.34
C SER A 718 2.30 19.35 14.70
N HIS A 719 1.64 18.24 15.05
CA HIS A 719 1.97 17.57 16.34
C HIS A 719 3.43 17.14 16.30
N PHE A 720 3.88 16.65 15.14
CA PHE A 720 5.24 16.16 15.03
C PHE A 720 6.26 17.29 15.20
N ILE A 721 6.03 18.42 14.52
CA ILE A 721 6.93 19.53 14.67
C ILE A 721 6.93 20.08 16.09
N LYS A 722 5.77 20.22 16.72
CA LYS A 722 5.83 20.79 18.08
C LYS A 722 6.54 19.86 19.04
N GLN A 723 6.32 18.57 18.91
CA GLN A 723 6.98 17.60 19.76
C GLN A 723 8.49 17.73 19.58
N CYS A 724 8.93 17.82 18.34
CA CYS A 724 10.37 17.95 18.05
C CYS A 724 10.95 19.29 18.59
N PHE A 725 10.03 20.40 18.66
CA PHE A 725 10.46 21.74 19.10
C PHE A 725 9.96 22.14 20.48
N SER A 726 9.82 21.13 21.32
CA SER A 726 9.37 21.29 22.70
C SER A 726 8.19 22.28 22.78
N SER B 1 21.87 -4.76 41.34
CA SER B 1 21.68 -6.21 41.62
C SER B 1 20.95 -6.95 40.48
N ARG B 2 21.70 -7.69 39.66
CA ARG B 2 21.13 -8.46 38.54
C ARG B 2 20.29 -7.65 37.55
N LYS B 3 20.56 -7.81 36.27
CA LYS B 3 19.82 -7.07 35.29
C LYS B 3 18.41 -7.65 35.10
N THR B 4 17.66 -7.01 34.24
CA THR B 4 16.31 -7.44 33.94
C THR B 4 16.34 -8.11 32.55
N TYR B 5 15.20 -8.63 32.12
CA TYR B 5 15.12 -9.25 30.80
C TYR B 5 14.79 -8.02 29.92
N THR B 6 15.73 -7.59 29.09
CA THR B 6 15.52 -6.38 28.28
C THR B 6 14.92 -6.62 26.89
N LEU B 7 14.59 -5.53 26.20
CA LEU B 7 14.03 -5.65 24.84
C LEU B 7 15.09 -6.35 23.94
N THR B 8 16.34 -5.91 24.01
CA THR B 8 17.38 -6.53 23.21
C THR B 8 17.51 -8.03 23.56
N ASP B 9 17.34 -8.39 24.83
CA ASP B 9 17.42 -9.83 25.13
C ASP B 9 16.33 -10.57 24.36
N TYR B 10 15.17 -9.95 24.28
CA TYR B 10 14.06 -10.57 23.55
C TYR B 10 14.36 -10.56 22.05
N LEU B 11 14.70 -9.40 21.51
CA LEU B 11 14.95 -9.30 20.06
C LEU B 11 16.17 -10.05 19.56
N LYS B 12 17.16 -10.24 20.42
CA LYS B 12 18.36 -10.94 20.00
C LYS B 12 18.45 -12.37 20.52
N ASN B 13 17.39 -12.83 21.17
CA ASN B 13 17.34 -14.19 21.70
C ASN B 13 18.52 -14.58 22.54
N THR B 14 18.91 -13.72 23.49
CA THR B 14 20.02 -14.04 24.34
C THR B 14 19.70 -15.28 25.23
N TYR B 15 18.44 -15.45 25.60
CA TYR B 15 18.02 -16.59 26.44
C TYR B 15 17.13 -17.51 25.59
N ARG B 16 17.69 -18.64 25.23
CA ARG B 16 17.03 -19.56 24.33
C ARG B 16 16.52 -20.84 24.96
N LEU B 17 15.27 -21.18 24.64
CA LEU B 17 14.67 -22.41 25.10
C LEU B 17 15.27 -23.56 24.30
N LYS B 18 15.75 -24.60 24.96
CA LYS B 18 16.31 -25.74 24.27
C LYS B 18 15.18 -26.73 24.00
N LEU B 19 15.26 -27.39 22.85
CA LEU B 19 14.23 -28.35 22.45
C LEU B 19 14.81 -29.76 22.24
N TYR B 20 13.94 -30.71 21.91
CA TYR B 20 14.42 -32.07 21.62
C TYR B 20 13.48 -32.62 20.59
N SER B 21 13.76 -32.27 19.34
CA SER B 21 12.93 -32.74 18.22
C SER B 21 13.46 -34.06 17.69
N LEU B 22 12.70 -35.12 17.89
CA LEU B 22 13.11 -36.41 17.41
C LEU B 22 12.11 -36.84 16.37
N ARG B 23 12.48 -37.83 15.59
CA ARG B 23 11.65 -38.34 14.56
C ARG B 23 11.67 -39.86 14.63
N TRP B 24 10.57 -40.43 15.09
CA TRP B 24 10.45 -41.89 15.24
C TRP B 24 10.51 -42.57 13.87
N ILE B 25 11.40 -43.56 13.73
CA ILE B 25 11.50 -44.26 12.44
C ILE B 25 10.95 -45.68 12.59
N SER B 26 10.69 -46.08 13.81
CA SER B 26 10.13 -47.41 14.02
C SER B 26 9.54 -47.42 15.40
N ASP B 27 9.21 -48.61 15.86
CA ASP B 27 8.66 -48.71 17.17
C ASP B 27 9.76 -48.66 18.24
N HIS B 28 11.02 -48.74 17.84
CA HIS B 28 12.15 -48.76 18.77
C HIS B 28 13.22 -47.72 18.64
N GLU B 29 13.25 -47.00 17.52
CA GLU B 29 14.30 -46.00 17.28
C GLU B 29 13.79 -44.67 16.76
N TYR B 30 14.59 -43.63 16.96
CA TYR B 30 14.23 -42.32 16.47
C TYR B 30 15.50 -41.63 16.02
N LEU B 31 15.33 -40.67 15.12
CA LEU B 31 16.43 -39.88 14.58
C LEU B 31 16.46 -38.56 15.34
N TYR B 32 17.67 -38.07 15.60
CA TYR B 32 17.81 -36.81 16.30
C TYR B 32 18.77 -35.92 15.54
N LYS B 33 18.17 -34.97 14.83
CA LYS B 33 18.84 -33.98 13.99
C LYS B 33 19.74 -33.15 14.92
N GLN B 34 21.05 -33.27 14.75
CA GLN B 34 21.97 -32.55 15.63
C GLN B 34 22.82 -31.46 14.95
N GLU B 35 22.15 -30.58 14.21
CA GLU B 35 22.80 -29.46 13.48
C GLU B 35 23.90 -29.92 12.51
N ASN B 36 24.82 -30.74 13.00
CA ASN B 36 25.92 -31.21 12.17
C ASN B 36 25.66 -32.57 11.53
N ASN B 37 25.31 -33.56 12.33
CA ASN B 37 25.04 -34.87 11.77
C ASN B 37 23.73 -35.34 12.34
N ILE B 38 23.17 -36.37 11.73
CA ILE B 38 21.92 -36.89 12.22
C ILE B 38 22.17 -38.29 12.79
N LEU B 39 21.84 -38.47 14.05
CA LEU B 39 22.05 -39.74 14.72
C LEU B 39 20.77 -40.54 14.86
N VAL B 40 20.94 -41.82 15.09
CA VAL B 40 19.81 -42.69 15.31
C VAL B 40 19.95 -43.16 16.77
N PHE B 41 18.84 -43.17 17.49
CA PHE B 41 18.86 -43.56 18.89
C PHE B 41 18.00 -44.76 19.16
N ASN B 42 18.47 -45.59 20.08
CA ASN B 42 17.73 -46.77 20.52
C ASN B 42 16.98 -46.34 21.79
N ALA B 43 15.66 -46.27 21.71
CA ALA B 43 14.84 -45.81 22.84
C ALA B 43 15.04 -46.58 24.15
N GLU B 44 15.14 -47.91 24.04
CA GLU B 44 15.32 -48.79 25.19
C GLU B 44 16.50 -48.44 26.11
N TYR B 45 17.69 -48.26 25.52
CA TYR B 45 18.90 -47.98 26.28
C TYR B 45 19.48 -46.58 26.16
N GLY B 46 19.17 -45.86 25.09
CA GLY B 46 19.74 -44.54 24.96
C GLY B 46 21.02 -44.45 24.13
N ASN B 47 21.54 -45.58 23.64
CA ASN B 47 22.76 -45.57 22.82
C ASN B 47 22.45 -45.06 21.40
N SER B 48 23.41 -44.39 20.78
CA SER B 48 23.23 -43.85 19.44
C SER B 48 24.35 -44.25 18.49
N SER B 49 24.15 -43.88 17.23
CA SER B 49 25.09 -44.10 16.15
C SER B 49 24.85 -43.00 15.12
N VAL B 50 25.89 -42.58 14.41
CA VAL B 50 25.68 -41.57 13.39
C VAL B 50 24.90 -42.22 12.24
N PHE B 51 23.87 -41.54 11.75
CA PHE B 51 23.06 -42.06 10.65
C PHE B 51 23.55 -41.38 9.37
N LEU B 52 23.96 -40.13 9.51
CA LEU B 52 24.47 -39.37 8.38
C LEU B 52 25.50 -38.38 8.89
N GLU B 53 26.71 -38.39 8.33
CA GLU B 53 27.79 -37.46 8.73
C GLU B 53 27.49 -36.02 8.34
N ASN B 54 28.05 -35.08 9.07
CA ASN B 54 27.79 -33.69 8.71
C ASN B 54 28.46 -33.27 7.43
N SER B 55 29.52 -33.98 7.08
CA SER B 55 30.27 -33.64 5.87
C SER B 55 29.83 -34.43 4.65
N THR B 56 28.84 -35.29 4.82
CA THR B 56 28.37 -36.09 3.70
C THR B 56 27.95 -35.25 2.50
N PHE B 57 27.46 -34.04 2.72
CA PHE B 57 27.00 -33.22 1.61
C PHE B 57 27.70 -31.88 1.43
N ASP B 58 28.96 -31.78 1.82
CA ASP B 58 29.69 -30.52 1.70
C ASP B 58 29.76 -29.93 0.29
N GLU B 59 30.30 -30.67 -0.66
CA GLU B 59 30.38 -30.16 -2.03
C GLU B 59 29.12 -30.42 -2.82
N PHE B 60 27.99 -30.02 -2.24
CA PHE B 60 26.66 -30.14 -2.86
C PHE B 60 26.49 -28.82 -3.61
N GLY B 61 26.92 -27.73 -2.97
CA GLY B 61 26.84 -26.42 -3.57
C GLY B 61 25.56 -25.71 -3.18
N HIS B 62 24.71 -26.42 -2.45
CA HIS B 62 23.43 -25.89 -2.01
C HIS B 62 23.25 -26.10 -0.53
N SER B 63 22.71 -25.09 0.14
CA SER B 63 22.47 -25.24 1.56
C SER B 63 21.19 -26.07 1.64
N ILE B 64 21.19 -27.09 2.49
CA ILE B 64 20.03 -27.97 2.63
C ILE B 64 19.21 -27.53 3.82
N ASN B 65 17.92 -27.23 3.63
CA ASN B 65 17.13 -26.78 4.76
C ASN B 65 16.34 -27.89 5.42
N ASP B 66 16.30 -29.06 4.82
CA ASP B 66 15.57 -30.18 5.46
C ASP B 66 15.79 -31.42 4.65
N TYR B 67 15.45 -32.55 5.23
CA TYR B 67 15.57 -33.81 4.53
C TYR B 67 14.50 -34.72 5.08
N SER B 68 14.29 -35.82 4.39
CA SER B 68 13.29 -36.79 4.79
C SER B 68 13.81 -38.12 4.36
N ILE B 69 13.89 -39.06 5.29
CA ILE B 69 14.36 -40.39 4.94
C ILE B 69 13.17 -41.28 4.56
N SER B 70 13.34 -42.08 3.51
CA SER B 70 12.29 -42.98 3.09
C SER B 70 12.03 -43.94 4.25
N PRO B 71 10.79 -44.38 4.41
CA PRO B 71 10.45 -45.30 5.49
C PRO B 71 11.33 -46.54 5.54
N ASP B 72 11.76 -47.05 4.39
CA ASP B 72 12.60 -48.25 4.39
C ASP B 72 14.07 -47.98 4.61
N GLY B 73 14.40 -46.72 4.89
CA GLY B 73 15.76 -46.31 5.16
C GLY B 73 16.76 -46.36 4.03
N GLN B 74 16.29 -46.58 2.80
CA GLN B 74 17.20 -46.70 1.67
C GLN B 74 17.57 -45.42 0.96
N PHE B 75 16.75 -44.38 1.15
CA PHE B 75 16.95 -43.12 0.47
C PHE B 75 16.72 -41.93 1.37
N ILE B 76 17.29 -40.81 0.96
CA ILE B 76 17.14 -39.60 1.72
C ILE B 76 16.79 -38.49 0.74
N LEU B 77 15.68 -37.80 1.01
CA LEU B 77 15.23 -36.69 0.17
C LEU B 77 15.88 -35.42 0.70
N LEU B 78 16.54 -34.68 -0.17
CA LEU B 78 17.21 -33.45 0.23
C LEU B 78 16.46 -32.26 -0.30
N GLU B 79 16.03 -31.41 0.60
CA GLU B 79 15.26 -30.25 0.23
C GLU B 79 16.13 -29.01 0.24
N TYR B 80 16.16 -28.28 -0.87
CA TYR B 80 16.93 -27.04 -0.94
C TYR B 80 16.20 -26.03 -1.82
N ASN B 81 16.76 -24.82 -1.92
CA ASN B 81 16.12 -23.77 -2.71
C ASN B 81 14.70 -23.53 -2.17
N TYR B 82 14.56 -23.55 -0.86
CA TYR B 82 13.29 -23.32 -0.19
C TYR B 82 12.78 -21.91 -0.42
N VAL B 83 11.56 -21.80 -0.92
CA VAL B 83 10.96 -20.49 -1.14
C VAL B 83 9.54 -20.57 -0.54
N LYS B 84 9.35 -19.85 0.56
CA LYS B 84 8.09 -19.85 1.28
C LYS B 84 6.94 -19.27 0.48
N GLN B 85 5.72 -19.81 0.69
CA GLN B 85 4.54 -19.23 0.05
C GLN B 85 3.61 -18.73 1.15
N TRP B 86 2.56 -19.46 1.50
CA TRP B 86 1.66 -18.99 2.57
C TRP B 86 2.04 -19.54 3.97
N ARG B 87 1.09 -19.79 4.87
CA ARG B 87 1.46 -20.28 6.21
C ARG B 87 2.13 -21.65 6.19
N HIS B 88 1.70 -22.52 5.27
CA HIS B 88 2.27 -23.87 5.15
C HIS B 88 2.94 -24.18 3.83
N SER B 89 2.42 -23.60 2.75
CA SER B 89 2.95 -23.90 1.44
C SER B 89 4.31 -23.28 1.12
N TYR B 90 5.04 -23.91 0.20
CA TYR B 90 6.33 -23.40 -0.27
C TYR B 90 6.72 -24.23 -1.47
N THR B 91 7.73 -23.81 -2.23
CA THR B 91 8.23 -24.61 -3.37
C THR B 91 9.72 -24.88 -3.06
N ALA B 92 10.31 -25.88 -3.73
CA ALA B 92 11.71 -26.20 -3.48
C ALA B 92 12.27 -27.20 -4.48
N SER B 93 13.58 -27.35 -4.47
CA SER B 93 14.23 -28.30 -5.33
C SER B 93 14.52 -29.53 -4.48
N TYR B 94 14.67 -30.67 -5.14
CA TYR B 94 14.90 -31.89 -4.42
C TYR B 94 15.87 -32.83 -5.12
N ASP B 95 16.73 -33.47 -4.34
CA ASP B 95 17.63 -34.45 -4.87
C ASP B 95 17.44 -35.66 -3.99
N ILE B 96 17.68 -36.84 -4.54
CA ILE B 96 17.49 -38.06 -3.75
C ILE B 96 18.81 -38.78 -3.61
N TYR B 97 19.23 -39.00 -2.37
CA TYR B 97 20.50 -39.67 -2.09
C TYR B 97 20.28 -41.15 -1.77
N ASP B 98 20.91 -42.02 -2.57
CA ASP B 98 20.80 -43.46 -2.37
C ASP B 98 21.74 -43.78 -1.19
N LEU B 99 21.23 -44.46 -0.17
CA LEU B 99 22.05 -44.77 0.99
C LEU B 99 22.82 -46.07 0.90
N ASN B 100 22.41 -46.97 0.03
CA ASN B 100 23.14 -48.23 -0.07
C ASN B 100 24.27 -48.13 -1.08
N LYS B 101 24.18 -47.16 -1.98
CA LYS B 101 25.21 -46.96 -2.98
C LYS B 101 25.91 -45.68 -2.62
N ARG B 102 25.38 -45.02 -1.60
CA ARG B 102 25.94 -43.75 -1.12
C ARG B 102 26.22 -42.83 -2.30
N GLN B 103 25.25 -42.73 -3.18
CA GLN B 103 25.40 -41.93 -4.39
C GLN B 103 24.19 -41.02 -4.53
N LEU B 104 24.38 -39.82 -5.04
CA LEU B 104 23.24 -38.94 -5.30
C LEU B 104 22.67 -39.49 -6.60
N ILE B 105 21.35 -39.46 -6.75
CA ILE B 105 20.75 -39.96 -7.99
C ILE B 105 20.77 -38.79 -8.95
N THR B 106 21.21 -39.04 -10.18
CA THR B 106 21.31 -37.96 -11.14
C THR B 106 20.35 -38.03 -12.33
N GLU B 107 19.68 -39.16 -12.51
CA GLU B 107 18.73 -39.26 -13.61
C GLU B 107 17.29 -39.12 -13.12
N GLU B 108 16.41 -38.63 -13.99
CA GLU B 108 15.00 -38.47 -13.69
C GLU B 108 14.76 -37.76 -12.37
N ARG B 109 15.43 -36.64 -12.19
CA ARG B 109 15.32 -35.85 -10.95
C ARG B 109 13.95 -35.19 -10.78
N ILE B 110 13.61 -34.92 -9.53
CA ILE B 110 12.37 -34.26 -9.20
C ILE B 110 12.60 -32.87 -9.76
N PRO B 111 11.60 -32.30 -10.44
CA PRO B 111 11.76 -30.97 -11.02
C PRO B 111 11.96 -29.87 -10.01
N ASN B 112 12.54 -28.77 -10.50
CA ASN B 112 12.71 -27.61 -9.64
C ASN B 112 11.31 -27.01 -9.50
N ASN B 113 11.11 -26.17 -8.48
CA ASN B 113 9.83 -25.53 -8.29
C ASN B 113 8.74 -26.52 -7.93
N THR B 114 9.12 -27.65 -7.36
CA THR B 114 8.16 -28.65 -6.94
C THR B 114 7.40 -28.07 -5.75
N GLN B 115 6.09 -28.33 -5.72
CA GLN B 115 5.21 -27.78 -4.69
C GLN B 115 5.04 -28.66 -3.46
N TRP B 116 5.08 -29.96 -3.65
CA TRP B 116 4.93 -30.88 -2.53
C TRP B 116 5.50 -32.24 -2.91
N VAL B 117 6.12 -32.93 -1.96
CA VAL B 117 6.65 -34.27 -2.18
C VAL B 117 6.43 -35.04 -0.91
N THR B 118 6.20 -36.33 -1.03
CA THR B 118 6.05 -37.20 0.12
C THR B 118 6.36 -38.65 -0.22
N TRP B 119 7.12 -39.33 0.64
CA TRP B 119 7.38 -40.75 0.42
C TRP B 119 6.06 -41.49 0.68
N SER B 120 5.96 -42.73 0.23
CA SER B 120 4.79 -43.57 0.52
C SER B 120 5.06 -43.90 2.01
N PRO B 121 4.04 -44.37 2.76
CA PRO B 121 4.25 -44.68 4.19
C PRO B 121 5.14 -45.90 4.42
N VAL B 122 5.31 -46.72 3.40
CA VAL B 122 6.18 -47.89 3.48
C VAL B 122 6.99 -47.90 2.18
N GLY B 123 8.16 -48.55 2.21
CA GLY B 123 8.99 -48.65 1.03
C GLY B 123 9.66 -47.37 0.62
N HIS B 124 9.65 -47.09 -0.68
CA HIS B 124 10.26 -45.85 -1.16
C HIS B 124 9.61 -45.22 -2.39
N LYS B 125 8.30 -45.39 -2.55
CA LYS B 125 7.60 -44.74 -3.68
C LYS B 125 7.57 -43.26 -3.33
N LEU B 126 7.40 -42.43 -4.35
CA LEU B 126 7.35 -40.99 -4.19
C LEU B 126 6.20 -40.35 -4.95
N ALA B 127 5.52 -39.40 -4.33
CA ALA B 127 4.42 -38.68 -4.98
C ALA B 127 4.76 -37.21 -4.79
N TYR B 128 4.70 -36.45 -5.88
CA TYR B 128 5.00 -35.03 -5.80
C TYR B 128 4.08 -34.24 -6.72
N VAL B 129 3.94 -32.96 -6.43
CA VAL B 129 3.10 -32.09 -7.23
C VAL B 129 4.01 -31.01 -7.82
N TRP B 130 3.87 -30.82 -9.12
CA TRP B 130 4.66 -29.88 -9.89
C TRP B 130 3.73 -29.25 -10.92
N ASN B 131 3.70 -27.94 -10.93
CA ASN B 131 2.84 -27.20 -11.83
C ASN B 131 1.38 -27.59 -11.62
N ASN B 132 0.97 -27.79 -10.37
CA ASN B 132 -0.40 -28.16 -9.99
C ASN B 132 -0.89 -29.57 -10.44
N ASP B 133 0.01 -30.42 -10.95
CA ASP B 133 -0.37 -31.80 -11.33
C ASP B 133 0.41 -32.80 -10.48
N ILE B 134 -0.17 -33.99 -10.27
CA ILE B 134 0.44 -35.06 -9.47
C ILE B 134 1.29 -36.00 -10.34
N TYR B 135 2.42 -36.46 -9.79
CA TYR B 135 3.35 -37.38 -10.43
C TYR B 135 3.79 -38.42 -9.42
N VAL B 136 3.97 -39.66 -9.86
CA VAL B 136 4.40 -40.71 -8.91
C VAL B 136 5.62 -41.39 -9.45
N LYS B 137 6.62 -41.59 -8.59
CA LYS B 137 7.82 -42.35 -8.96
C LYS B 137 7.83 -43.68 -8.18
N ILE B 138 7.81 -44.82 -8.89
CA ILE B 138 7.86 -46.13 -8.22
C ILE B 138 9.27 -46.36 -7.67
N GLU B 139 10.28 -45.92 -8.42
CA GLU B 139 11.69 -46.00 -8.02
C GLU B 139 12.31 -44.61 -8.16
N PRO B 140 13.13 -44.18 -7.19
CA PRO B 140 13.79 -42.88 -7.16
C PRO B 140 14.51 -42.45 -8.45
N ASN B 141 15.10 -43.40 -9.16
CA ASN B 141 15.86 -43.13 -10.37
C ASN B 141 15.10 -43.31 -11.70
N LEU B 142 13.94 -43.96 -11.65
CA LEU B 142 13.17 -44.17 -12.89
C LEU B 142 12.23 -42.99 -13.19
N PRO B 143 11.74 -42.90 -14.45
CA PRO B 143 10.83 -41.82 -14.85
C PRO B 143 9.55 -41.77 -14.01
N SER B 144 9.00 -40.57 -13.85
CA SER B 144 7.75 -40.39 -13.11
C SER B 144 6.55 -40.72 -13.99
N TYR B 145 5.44 -41.09 -13.38
CA TYR B 145 4.19 -41.36 -14.07
C TYR B 145 3.31 -40.17 -13.73
N ARG B 146 2.82 -39.46 -14.76
CA ARG B 146 1.92 -38.33 -14.55
C ARG B 146 0.54 -38.90 -14.20
N ILE B 147 -0.11 -38.36 -13.16
CA ILE B 147 -1.44 -38.82 -12.70
C ILE B 147 -2.56 -37.85 -13.13
N THR B 148 -2.26 -36.55 -13.20
CA THR B 148 -3.26 -35.58 -13.62
C THR B 148 -2.74 -34.65 -14.71
N TRP B 149 -3.64 -34.14 -15.52
CA TRP B 149 -3.23 -33.26 -16.62
C TRP B 149 -4.00 -31.94 -16.57
N THR B 150 -4.89 -31.84 -15.59
CA THR B 150 -5.73 -30.66 -15.50
C THR B 150 -5.13 -29.45 -14.72
N GLY B 151 -4.00 -29.69 -14.03
CA GLY B 151 -3.32 -28.65 -13.27
C GLY B 151 -3.19 -27.33 -14.00
N LYS B 152 -3.65 -26.26 -13.36
CA LYS B 152 -3.53 -24.95 -13.97
C LYS B 152 -3.41 -23.90 -12.89
N GLU B 153 -2.32 -23.12 -12.99
CA GLU B 153 -1.98 -22.10 -12.02
C GLU B 153 -3.16 -21.22 -11.64
N ASP B 154 -3.36 -21.05 -10.33
CA ASP B 154 -4.46 -20.26 -9.78
C ASP B 154 -5.82 -20.78 -10.19
N ILE B 155 -5.85 -21.90 -10.90
CA ILE B 155 -7.12 -22.42 -11.40
C ILE B 155 -7.55 -23.81 -10.92
N ILE B 156 -6.80 -24.83 -11.31
CA ILE B 156 -7.09 -26.18 -10.92
C ILE B 156 -5.88 -26.62 -10.06
N TYR B 157 -6.14 -27.19 -8.86
CA TYR B 157 -5.09 -27.67 -7.94
C TYR B 157 -5.22 -29.18 -7.73
N ASN B 158 -4.25 -30.00 -8.15
CA ASN B 158 -4.35 -31.44 -7.93
C ASN B 158 -3.32 -31.83 -6.89
N GLY B 159 -3.78 -32.41 -5.78
CA GLY B 159 -2.82 -32.84 -4.80
C GLY B 159 -2.34 -31.77 -3.85
N ILE B 160 -2.71 -30.51 -4.08
CA ILE B 160 -2.36 -29.42 -3.15
C ILE B 160 -3.61 -28.54 -2.98
N THR B 161 -3.71 -27.89 -1.83
CA THR B 161 -4.81 -27.01 -1.46
C THR B 161 -4.67 -25.61 -2.09
N ASP B 162 -5.79 -24.92 -2.28
CA ASP B 162 -5.74 -23.56 -2.75
C ASP B 162 -5.60 -22.73 -1.46
N TRP B 163 -5.58 -21.41 -1.58
CA TRP B 163 -5.39 -20.57 -0.40
C TRP B 163 -6.30 -20.83 0.78
N VAL B 164 -7.61 -20.82 0.55
CA VAL B 164 -8.52 -20.96 1.68
C VAL B 164 -8.49 -22.37 2.29
N TYR B 165 -8.35 -23.41 1.49
CA TYR B 165 -8.24 -24.76 2.10
C TYR B 165 -6.95 -24.92 2.92
N GLU B 166 -5.86 -24.35 2.44
CA GLU B 166 -4.58 -24.47 3.16
C GLU B 166 -4.74 -23.84 4.54
N GLU B 167 -5.18 -22.59 4.56
CA GLU B 167 -5.32 -21.84 5.80
C GLU B 167 -6.44 -22.25 6.74
N GLU B 168 -7.63 -22.49 6.18
CA GLU B 168 -8.80 -22.74 7.02
C GLU B 168 -9.35 -24.15 7.20
N VAL B 169 -8.94 -25.11 6.37
CA VAL B 169 -9.44 -26.44 6.63
C VAL B 169 -8.38 -27.51 6.90
N PHE B 170 -7.37 -27.62 6.05
CA PHE B 170 -6.37 -28.65 6.26
C PHE B 170 -5.10 -28.22 6.99
N SER B 171 -4.88 -26.90 7.14
CA SER B 171 -3.68 -26.41 7.83
C SER B 171 -2.49 -27.13 7.24
N ALA B 172 -2.46 -27.18 5.91
CA ALA B 172 -1.40 -27.88 5.19
C ALA B 172 -1.59 -27.59 3.71
N TYR B 173 -0.49 -27.65 2.97
CA TYR B 173 -0.45 -27.45 1.55
C TYR B 173 -0.79 -28.76 0.83
N SER B 174 -0.40 -29.86 1.43
CA SER B 174 -0.62 -31.16 0.85
C SER B 174 -2.10 -31.58 0.72
N ALA B 175 -2.45 -32.16 -0.42
CA ALA B 175 -3.83 -32.64 -0.54
C ALA B 175 -3.79 -34.03 -1.15
N LEU B 176 -2.86 -34.85 -0.64
CA LEU B 176 -2.80 -36.22 -1.10
C LEU B 176 -2.53 -37.14 0.11
N TRP B 177 -3.10 -38.34 0.05
CA TRP B 177 -3.03 -39.26 1.14
C TRP B 177 -2.74 -40.67 0.66
N TRP B 178 -1.54 -41.18 0.94
CA TRP B 178 -1.17 -42.54 0.55
C TRP B 178 -1.93 -43.51 1.45
N SER B 179 -2.28 -44.70 0.93
CA SER B 179 -2.93 -45.71 1.76
C SER B 179 -1.83 -46.35 2.66
N PRO B 180 -2.22 -47.02 3.74
CA PRO B 180 -1.20 -47.60 4.62
C PRO B 180 -0.02 -48.37 4.02
N ASN B 181 -0.21 -49.22 3.02
CA ASN B 181 0.96 -49.86 2.51
C ASN B 181 1.42 -49.31 1.17
N GLY B 182 0.91 -48.14 0.81
CA GLY B 182 1.35 -47.54 -0.42
C GLY B 182 0.71 -47.94 -1.72
N THR B 183 -0.26 -48.84 -1.67
CA THR B 183 -0.92 -49.25 -2.92
C THR B 183 -1.72 -48.12 -3.60
N PHE B 184 -2.61 -47.48 -2.84
CA PHE B 184 -3.43 -46.43 -3.37
C PHE B 184 -2.92 -45.04 -3.01
N LEU B 185 -3.13 -44.09 -3.92
CA LEU B 185 -2.79 -42.70 -3.66
C LEU B 185 -4.12 -41.97 -3.82
N ALA B 186 -4.60 -41.38 -2.73
CA ALA B 186 -5.85 -40.64 -2.75
C ALA B 186 -5.53 -39.14 -2.84
N TYR B 187 -6.36 -38.36 -3.52
CA TYR B 187 -6.07 -36.91 -3.62
C TYR B 187 -7.28 -36.05 -3.88
N ALA B 188 -7.22 -34.78 -3.47
CA ALA B 188 -8.31 -33.85 -3.73
C ALA B 188 -7.92 -32.94 -4.89
N GLN B 189 -8.93 -32.34 -5.53
CA GLN B 189 -8.72 -31.42 -6.66
C GLN B 189 -9.61 -30.20 -6.45
N PHE B 190 -9.04 -29.00 -6.59
CA PHE B 190 -9.82 -27.76 -6.42
C PHE B 190 -9.93 -26.95 -7.66
N ASN B 191 -11.17 -26.52 -7.88
CA ASN B 191 -11.51 -25.72 -9.02
C ASN B 191 -11.77 -24.32 -8.45
N ASP B 192 -10.88 -23.40 -8.77
CA ASP B 192 -11.00 -22.00 -8.31
C ASP B 192 -11.40 -21.06 -9.44
N THR B 193 -11.95 -21.66 -10.48
CA THR B 193 -12.38 -20.90 -11.64
C THR B 193 -13.12 -19.63 -11.37
N GLU B 194 -14.14 -19.69 -10.53
CA GLU B 194 -14.90 -18.48 -10.29
C GLU B 194 -14.66 -17.76 -8.99
N VAL B 195 -13.59 -18.14 -8.30
CA VAL B 195 -13.22 -17.51 -7.03
C VAL B 195 -12.57 -16.17 -7.38
N PRO B 196 -13.04 -15.05 -6.79
CA PRO B 196 -12.44 -13.75 -7.10
C PRO B 196 -10.97 -13.72 -6.63
N LEU B 197 -10.20 -12.77 -7.19
CA LEU B 197 -8.78 -12.63 -6.84
C LEU B 197 -8.52 -11.44 -5.89
N ILE B 198 -7.76 -11.63 -4.82
CA ILE B 198 -7.38 -10.47 -4.00
C ILE B 198 -6.14 -10.04 -4.75
N GLU B 199 -6.00 -8.74 -4.99
CA GLU B 199 -4.84 -8.22 -5.68
C GLU B 199 -4.16 -7.15 -4.79
N TYR B 200 -2.82 -7.14 -4.79
CA TYR B 200 -2.06 -6.14 -3.99
C TYR B 200 -0.64 -6.04 -4.55
N SER B 201 0.00 -4.88 -4.34
CA SER B 201 1.34 -4.63 -4.86
C SER B 201 2.42 -5.27 -3.98
N PHE B 202 3.45 -5.81 -4.63
CA PHE B 202 4.61 -6.37 -3.93
C PHE B 202 5.74 -5.53 -4.51
N TYR B 203 6.51 -4.86 -3.65
CA TYR B 203 7.54 -3.93 -4.13
C TYR B 203 8.89 -4.59 -4.42
N SER B 204 9.20 -5.64 -3.68
CA SER B 204 10.42 -6.38 -3.88
C SER B 204 11.70 -5.54 -3.58
N ASP B 205 12.86 -6.06 -3.99
CA ASP B 205 14.12 -5.36 -3.78
C ASP B 205 14.08 -4.04 -4.50
N GLU B 206 14.83 -3.09 -3.99
CA GLU B 206 14.94 -1.74 -4.58
C GLU B 206 15.23 -1.79 -6.10
N SER B 207 15.84 -2.86 -6.58
CA SER B 207 16.16 -2.94 -8.02
C SER B 207 14.96 -3.07 -8.91
N LEU B 208 13.83 -3.55 -8.38
CA LEU B 208 12.64 -3.69 -9.24
C LEU B 208 12.06 -2.33 -9.62
N GLN B 209 12.12 -1.99 -10.91
CA GLN B 209 11.63 -0.67 -11.30
C GLN B 209 10.10 -0.52 -11.16
N TYR B 210 9.33 -1.53 -11.60
CA TYR B 210 7.86 -1.50 -11.49
C TYR B 210 7.35 -2.50 -10.48
N PRO B 211 6.56 -2.06 -9.49
CA PRO B 211 6.04 -2.98 -8.48
C PRO B 211 5.26 -4.10 -9.20
N LYS B 212 5.21 -5.25 -8.58
CA LYS B 212 4.50 -6.38 -9.15
C LYS B 212 3.14 -6.44 -8.46
N THR B 213 2.10 -6.87 -9.16
CA THR B 213 0.79 -7.03 -8.53
C THR B 213 0.63 -8.53 -8.27
N VAL B 214 0.46 -8.92 -7.00
CA VAL B 214 0.28 -10.32 -6.65
C VAL B 214 -1.22 -10.59 -6.77
N ARG B 215 -1.62 -11.76 -7.28
CA ARG B 215 -3.06 -12.04 -7.36
C ARG B 215 -3.34 -13.45 -6.93
N VAL B 216 -4.30 -13.58 -6.02
CA VAL B 216 -4.58 -14.84 -5.37
C VAL B 216 -6.07 -15.17 -5.31
N PRO B 217 -6.46 -16.37 -5.75
CA PRO B 217 -7.88 -16.75 -5.70
C PRO B 217 -8.16 -16.82 -4.22
N TYR B 218 -9.04 -15.94 -3.75
CA TYR B 218 -9.34 -15.83 -2.33
C TYR B 218 -10.81 -15.49 -2.15
N PRO B 219 -11.64 -16.44 -1.66
CA PRO B 219 -13.05 -16.10 -1.47
C PRO B 219 -13.32 -15.28 -0.21
N LYS B 220 -13.79 -14.04 -0.35
CA LYS B 220 -14.14 -13.26 0.86
C LYS B 220 -15.57 -13.72 1.31
N ALA B 221 -16.02 -13.31 2.48
CA ALA B 221 -17.30 -13.78 2.99
C ALA B 221 -18.45 -13.64 1.99
N GLY B 222 -19.12 -14.77 1.75
CA GLY B 222 -20.24 -14.81 0.84
C GLY B 222 -19.93 -14.88 -0.65
N ALA B 223 -18.66 -14.85 -1.03
CA ALA B 223 -18.29 -14.91 -2.43
C ALA B 223 -18.26 -16.34 -2.94
N VAL B 224 -18.13 -16.50 -4.26
CA VAL B 224 -18.06 -17.85 -4.88
C VAL B 224 -16.83 -18.64 -4.31
N ASN B 225 -17.06 -19.87 -3.81
CA ASN B 225 -16.03 -20.72 -3.18
C ASN B 225 -15.41 -21.72 -4.12
N PRO B 226 -14.24 -22.25 -3.75
CA PRO B 226 -13.69 -23.24 -4.68
C PRO B 226 -14.60 -24.49 -4.57
N THR B 227 -14.64 -25.33 -5.59
CA THR B 227 -15.43 -26.56 -5.51
C THR B 227 -14.35 -27.62 -5.38
N VAL B 228 -14.69 -28.83 -4.89
CA VAL B 228 -13.70 -29.88 -4.71
C VAL B 228 -14.23 -31.25 -5.16
N LYS B 229 -13.30 -32.10 -5.62
CA LYS B 229 -13.56 -33.47 -6.04
C LYS B 229 -12.48 -34.32 -5.38
N PHE B 230 -12.78 -35.59 -5.19
CA PHE B 230 -11.85 -36.48 -4.51
C PHE B 230 -11.63 -37.71 -5.39
N PHE B 231 -10.37 -38.14 -5.50
CA PHE B 231 -10.02 -39.30 -6.34
C PHE B 231 -9.10 -40.26 -5.64
N VAL B 232 -9.05 -41.49 -6.13
CA VAL B 232 -8.18 -42.53 -5.58
C VAL B 232 -7.62 -43.27 -6.76
N VAL B 233 -6.29 -43.38 -6.82
CA VAL B 233 -5.65 -44.08 -7.95
C VAL B 233 -4.78 -45.23 -7.46
N ASN B 234 -4.77 -46.34 -8.19
CA ASN B 234 -4.01 -47.50 -7.77
C ASN B 234 -2.59 -47.40 -8.33
N THR B 235 -1.63 -47.04 -7.50
CA THR B 235 -0.26 -46.88 -8.01
C THR B 235 0.41 -48.16 -8.52
N ASP B 236 0.00 -49.34 -8.02
CA ASP B 236 0.61 -50.61 -8.46
C ASP B 236 0.29 -50.93 -9.90
N SER B 237 -0.66 -50.22 -10.50
CA SER B 237 -0.98 -50.54 -11.88
C SER B 237 -0.30 -49.62 -12.88
N LEU B 238 0.81 -49.01 -12.53
CA LEU B 238 1.38 -48.09 -13.49
C LEU B 238 2.22 -48.67 -14.63
N SER B 239 2.84 -49.83 -14.43
CA SER B 239 3.62 -50.54 -15.45
C SER B 239 2.68 -51.00 -16.54
N SER B 240 1.66 -51.74 -16.11
CA SER B 240 0.65 -52.34 -16.97
C SER B 240 -0.16 -51.45 -17.91
N VAL B 241 -0.53 -50.25 -17.47
CA VAL B 241 -1.25 -49.41 -18.41
C VAL B 241 -0.69 -48.02 -18.43
N THR B 242 -1.03 -47.32 -19.49
CA THR B 242 -0.66 -45.94 -19.53
C THR B 242 -1.94 -45.25 -19.12
N ASN B 243 -1.76 -44.14 -18.46
CA ASN B 243 -2.85 -43.38 -17.90
C ASN B 243 -3.69 -44.15 -16.91
N ALA B 244 -3.07 -44.46 -15.78
CA ALA B 244 -3.77 -45.13 -14.68
C ALA B 244 -5.10 -44.38 -14.46
N THR B 245 -6.16 -45.12 -14.14
CA THR B 245 -7.49 -44.51 -13.91
C THR B 245 -7.66 -44.01 -12.50
N SER B 246 -7.97 -42.72 -12.33
CA SER B 246 -8.21 -42.15 -11.01
C SER B 246 -9.70 -42.37 -10.77
N ILE B 247 -10.08 -43.09 -9.72
CA ILE B 247 -11.49 -43.35 -9.47
C ILE B 247 -12.03 -42.24 -8.58
N GLN B 248 -13.10 -41.58 -9.01
CA GLN B 248 -13.67 -40.51 -8.21
C GLN B 248 -14.61 -41.00 -7.11
N ILE B 249 -14.53 -40.39 -5.94
CA ILE B 249 -15.45 -40.75 -4.88
C ILE B 249 -16.28 -39.50 -4.70
N THR B 250 -17.56 -39.61 -4.99
CA THR B 250 -18.39 -38.43 -4.89
C THR B 250 -19.17 -38.22 -3.59
N ALA B 251 -19.80 -37.06 -3.59
CA ALA B 251 -20.65 -36.55 -2.53
C ALA B 251 -21.73 -37.43 -1.96
N PRO B 252 -22.09 -37.24 -0.67
CA PRO B 252 -23.14 -37.94 0.07
C PRO B 252 -24.60 -37.45 -0.18
N ALA B 253 -24.86 -36.80 -1.31
CA ALA B 253 -26.22 -36.33 -1.60
C ALA B 253 -26.67 -35.21 -0.67
N SER B 254 -26.53 -35.40 0.63
CA SER B 254 -26.88 -34.37 1.57
C SER B 254 -25.90 -33.21 1.50
N MET B 255 -24.79 -33.41 0.77
CA MET B 255 -23.80 -32.35 0.58
C MET B 255 -23.93 -31.76 -0.81
N LEU B 256 -24.19 -32.63 -1.79
CA LEU B 256 -24.31 -32.19 -3.19
C LEU B 256 -25.41 -31.16 -3.46
N ILE B 257 -26.38 -31.12 -2.55
CA ILE B 257 -27.51 -30.23 -2.66
C ILE B 257 -27.11 -28.75 -2.66
N GLY B 258 -25.88 -28.44 -2.21
CA GLY B 258 -25.40 -27.05 -2.17
C GLY B 258 -23.89 -26.94 -2.00
N ASP B 259 -23.38 -25.74 -1.68
CA ASP B 259 -21.94 -25.53 -1.50
C ASP B 259 -21.50 -26.35 -0.28
N HIS B 260 -20.35 -27.02 -0.40
CA HIS B 260 -19.79 -27.82 0.67
C HIS B 260 -18.26 -27.83 0.61
N TYR B 261 -17.67 -28.50 1.60
CA TYR B 261 -16.22 -28.64 1.73
C TYR B 261 -15.84 -30.09 2.08
N LEU B 262 -14.64 -30.50 1.66
CA LEU B 262 -14.08 -31.78 2.06
C LEU B 262 -13.24 -31.31 3.28
N CYS B 263 -13.52 -31.84 4.49
CA CYS B 263 -12.77 -31.38 5.67
C CYS B 263 -11.88 -32.42 6.35
N ASP B 264 -12.00 -33.68 5.92
CA ASP B 264 -11.16 -34.72 6.50
C ASP B 264 -11.05 -36.00 5.68
N VAL B 265 -9.82 -36.52 5.55
CA VAL B 265 -9.67 -37.79 4.91
C VAL B 265 -8.72 -38.59 5.79
N THR B 266 -9.14 -39.79 6.15
CA THR B 266 -8.35 -40.67 7.01
C THR B 266 -8.48 -42.10 6.51
N TRP B 267 -7.35 -42.73 6.21
CA TRP B 267 -7.35 -44.09 5.75
C TRP B 267 -7.55 -44.97 6.98
N ALA B 268 -8.45 -45.95 6.84
CA ALA B 268 -8.82 -46.90 7.89
C ALA B 268 -8.03 -48.19 7.73
N THR B 269 -7.98 -48.75 6.53
CA THR B 269 -7.22 -49.97 6.30
C THR B 269 -6.62 -49.86 4.91
N GLN B 270 -6.08 -50.96 4.42
CA GLN B 270 -5.50 -50.99 3.07
C GLN B 270 -6.58 -50.76 2.02
N GLU B 271 -7.84 -50.99 2.37
CA GLU B 271 -8.91 -50.85 1.36
C GLU B 271 -10.14 -50.09 1.84
N ARG B 272 -9.96 -49.27 2.87
CA ARG B 272 -11.06 -48.49 3.42
C ARG B 272 -10.61 -47.10 3.77
N ILE B 273 -11.31 -46.11 3.24
CA ILE B 273 -10.99 -44.74 3.55
C ILE B 273 -12.24 -44.03 4.06
N SER B 274 -12.09 -43.11 5.01
CA SER B 274 -13.22 -42.36 5.50
C SER B 274 -13.00 -40.90 5.13
N LEU B 275 -14.07 -40.24 4.76
CA LEU B 275 -14.09 -38.86 4.34
C LEU B 275 -15.15 -38.16 5.12
N GLN B 276 -14.85 -36.94 5.56
CA GLN B 276 -15.84 -36.13 6.24
C GLN B 276 -16.06 -34.95 5.33
N TRP B 277 -17.33 -34.56 5.20
CA TRP B 277 -17.73 -33.46 4.34
C TRP B 277 -18.50 -32.50 5.23
N LEU B 278 -18.50 -31.22 4.88
CA LEU B 278 -19.13 -30.22 5.71
C LEU B 278 -19.85 -29.21 4.82
N ARG B 279 -21.12 -28.91 5.13
CA ARG B 279 -21.82 -27.93 4.29
C ARG B 279 -21.23 -26.53 4.52
N ARG B 280 -21.40 -25.66 3.52
CA ARG B 280 -20.95 -24.30 3.67
C ARG B 280 -21.57 -23.67 4.94
N ILE B 281 -22.82 -23.99 5.25
CA ILE B 281 -23.40 -23.51 6.53
C ILE B 281 -22.85 -24.61 7.44
N GLN B 282 -21.74 -24.30 8.11
CA GLN B 282 -20.98 -25.27 8.87
C GLN B 282 -21.48 -25.93 10.14
N ASN B 283 -22.80 -26.18 10.22
CA ASN B 283 -23.37 -26.82 11.41
C ASN B 283 -23.84 -28.27 11.16
N TYR B 284 -23.48 -28.77 9.98
CA TYR B 284 -23.82 -30.11 9.52
C TYR B 284 -22.67 -30.79 8.72
N SER B 285 -22.22 -31.94 9.21
CA SER B 285 -21.16 -32.66 8.50
C SER B 285 -21.55 -34.14 8.40
N VAL B 286 -20.99 -34.83 7.43
CA VAL B 286 -21.28 -36.24 7.23
C VAL B 286 -19.98 -37.00 7.04
N MET B 287 -19.86 -38.19 7.64
CA MET B 287 -18.67 -38.98 7.43
C MET B 287 -19.08 -40.13 6.52
N ASP B 288 -18.28 -40.42 5.50
CA ASP B 288 -18.56 -41.53 4.59
C ASP B 288 -17.48 -42.58 4.84
N ILE B 289 -17.84 -43.84 4.74
CA ILE B 289 -16.84 -44.92 4.91
C ILE B 289 -16.88 -45.68 3.59
N CYS B 290 -15.76 -45.64 2.86
CA CYS B 290 -15.69 -46.25 1.53
C CYS B 290 -14.70 -47.37 1.39
N ASP B 291 -15.21 -48.46 0.82
CA ASP B 291 -14.44 -49.67 0.63
C ASP B 291 -14.16 -49.92 -0.83
N TYR B 292 -12.97 -50.43 -1.11
CA TYR B 292 -12.60 -50.74 -2.45
C TYR B 292 -13.34 -52.01 -2.86
N ASP B 293 -13.89 -52.02 -4.06
CA ASP B 293 -14.63 -53.19 -4.57
C ASP B 293 -13.72 -53.88 -5.60
N GLU B 294 -13.04 -54.92 -5.13
CA GLU B 294 -12.11 -55.67 -5.93
C GLU B 294 -12.60 -56.17 -7.30
N SER B 295 -13.91 -56.39 -7.43
CA SER B 295 -14.45 -56.88 -8.69
C SER B 295 -15.19 -55.82 -9.47
N SER B 296 -15.02 -54.57 -9.05
CA SER B 296 -15.69 -53.46 -9.70
C SER B 296 -14.62 -52.42 -10.01
N GLY B 297 -13.62 -52.37 -9.15
CA GLY B 297 -12.56 -51.40 -9.31
C GLY B 297 -13.02 -50.09 -8.74
N ARG B 298 -14.24 -50.06 -8.20
CA ARG B 298 -14.78 -48.85 -7.63
C ARG B 298 -14.61 -48.77 -6.14
N TRP B 299 -15.02 -47.61 -5.62
CA TRP B 299 -15.01 -47.36 -4.20
C TRP B 299 -16.45 -47.08 -3.89
N ASN B 300 -17.04 -47.92 -3.05
CA ASN B 300 -18.44 -47.75 -2.67
C ASN B 300 -18.53 -47.35 -1.21
N CYS B 301 -19.38 -46.37 -0.95
CA CYS B 301 -19.58 -45.85 0.41
C CYS B 301 -21.04 -46.18 0.82
N LEU B 302 -21.24 -47.28 1.56
CA LEU B 302 -22.58 -47.69 1.97
C LEU B 302 -23.27 -46.59 2.74
N VAL B 303 -24.49 -46.25 2.35
CA VAL B 303 -25.21 -45.19 3.04
C VAL B 303 -25.47 -45.55 4.49
N ALA B 304 -25.69 -46.84 4.79
CA ALA B 304 -25.94 -47.25 6.18
C ALA B 304 -24.68 -47.03 7.02
N ARG B 305 -23.57 -46.79 6.34
CA ARG B 305 -22.30 -46.58 7.04
C ARG B 305 -21.99 -45.12 7.38
N GLN B 306 -22.79 -44.20 6.84
CA GLN B 306 -22.48 -42.82 7.11
C GLN B 306 -22.86 -42.36 8.50
N HIS B 307 -22.13 -41.36 8.99
CA HIS B 307 -22.32 -40.78 10.32
C HIS B 307 -22.43 -39.28 10.21
N ILE B 308 -23.54 -38.77 10.71
CA ILE B 308 -23.84 -37.36 10.67
C ILE B 308 -23.40 -36.73 11.99
N GLU B 309 -22.80 -35.55 11.91
CA GLU B 309 -22.35 -34.83 13.11
C GLU B 309 -22.81 -33.40 12.88
N MET B 310 -23.62 -32.91 13.80
CA MET B 310 -24.18 -31.57 13.65
C MET B 310 -24.26 -30.83 14.97
N SER B 311 -24.55 -29.54 14.87
CA SER B 311 -24.69 -28.73 16.06
C SER B 311 -25.89 -27.81 15.95
N THR B 312 -26.65 -27.68 17.04
CA THR B 312 -27.82 -26.81 17.05
C THR B 312 -27.45 -25.44 17.60
N THR B 313 -26.36 -25.36 18.36
CA THR B 313 -25.93 -24.08 18.95
C THR B 313 -24.76 -23.36 18.23
N GLY B 314 -24.13 -24.03 17.26
CA GLY B 314 -22.99 -23.40 16.60
C GLY B 314 -22.54 -24.19 15.40
N TRP B 315 -21.24 -24.14 15.14
CA TRP B 315 -20.65 -24.84 14.01
C TRP B 315 -20.21 -26.22 14.52
N VAL B 316 -19.71 -27.09 13.63
CA VAL B 316 -19.23 -28.43 14.00
C VAL B 316 -17.69 -28.44 14.26
N GLY B 317 -17.30 -28.95 15.42
CA GLY B 317 -15.88 -29.06 15.76
C GLY B 317 -15.29 -27.80 16.37
N ARG B 318 -14.04 -27.88 16.81
CA ARG B 318 -13.44 -26.66 17.35
C ARG B 318 -13.21 -25.68 16.22
N PHE B 319 -12.57 -26.12 15.13
CA PHE B 319 -12.35 -25.28 13.97
C PHE B 319 -12.84 -26.07 12.77
N ARG B 320 -13.13 -27.34 12.99
CA ARG B 320 -13.65 -28.24 11.94
C ARG B 320 -13.95 -29.60 12.58
N PRO B 321 -14.75 -30.45 11.91
CA PRO B 321 -15.06 -31.77 12.47
C PRO B 321 -13.77 -32.53 12.79
N SER B 322 -13.69 -33.15 13.98
CA SER B 322 -12.50 -33.91 14.42
C SER B 322 -12.22 -35.15 13.58
N GLU B 323 -11.01 -35.64 13.72
CA GLU B 323 -10.61 -36.78 12.94
C GLU B 323 -10.84 -38.11 13.67
N PRO B 324 -11.18 -39.18 12.92
CA PRO B 324 -11.41 -40.48 13.54
C PRO B 324 -10.11 -41.22 13.75
N HIS B 325 -10.07 -42.09 14.76
CA HIS B 325 -8.92 -42.95 15.05
C HIS B 325 -9.41 -44.40 14.98
N PHE B 326 -9.23 -45.03 13.81
CA PHE B 326 -9.69 -46.39 13.59
C PHE B 326 -8.92 -47.49 14.35
N THR B 327 -9.61 -48.57 14.67
CA THR B 327 -8.97 -49.69 15.32
C THR B 327 -8.25 -50.45 14.18
N LEU B 328 -7.50 -51.46 14.58
CA LEU B 328 -6.76 -52.32 13.67
C LEU B 328 -7.53 -52.78 12.43
N ASP B 329 -8.65 -53.45 12.61
CA ASP B 329 -9.44 -53.98 11.50
C ASP B 329 -10.32 -52.93 10.85
N GLY B 330 -10.16 -51.67 11.27
CA GLY B 330 -11.00 -50.61 10.71
C GLY B 330 -12.50 -50.82 10.85
N ASN B 331 -12.97 -51.67 11.78
CA ASN B 331 -14.42 -51.83 11.91
C ASN B 331 -15.03 -50.92 12.96
N SER B 332 -14.17 -50.24 13.72
CA SER B 332 -14.63 -49.29 14.72
C SER B 332 -13.64 -48.13 14.84
N PHE B 333 -14.03 -47.02 15.46
CA PHE B 333 -13.16 -45.87 15.60
C PHE B 333 -13.57 -44.96 16.76
N TYR B 334 -12.61 -44.18 17.26
CA TYR B 334 -12.87 -43.22 18.35
C TYR B 334 -12.78 -41.82 17.78
N LYS B 335 -13.58 -40.90 18.31
CA LYS B 335 -13.61 -39.56 17.76
C LYS B 335 -14.02 -38.56 18.83
N ILE B 336 -13.42 -37.38 18.83
CA ILE B 336 -13.82 -36.42 19.84
C ILE B 336 -14.99 -35.58 19.36
N ILE B 337 -16.13 -35.67 20.04
CA ILE B 337 -17.29 -34.85 19.66
C ILE B 337 -17.94 -34.26 20.92
N SER B 338 -18.74 -33.23 20.70
CA SER B 338 -19.42 -32.54 21.78
C SER B 338 -20.56 -33.42 22.35
N ASN B 339 -20.54 -33.72 23.65
CA ASN B 339 -21.63 -34.51 24.20
C ASN B 339 -22.90 -33.70 24.46
N GLU B 340 -23.86 -34.30 25.15
CA GLU B 340 -25.12 -33.62 25.42
C GLU B 340 -25.01 -32.40 26.31
N GLU B 341 -23.90 -32.27 27.03
CA GLU B 341 -23.69 -31.09 27.85
C GLU B 341 -22.81 -30.05 27.20
N GLY B 342 -22.43 -30.27 25.95
CA GLY B 342 -21.58 -29.29 25.30
C GLY B 342 -20.08 -29.48 25.55
N TYR B 343 -19.69 -30.56 26.22
CA TYR B 343 -18.27 -30.83 26.46
C TYR B 343 -17.75 -31.90 25.48
N ARG B 344 -16.59 -31.60 24.88
CA ARG B 344 -15.97 -32.50 23.92
C ARG B 344 -15.28 -33.69 24.57
N HIS B 345 -15.86 -34.85 24.30
CA HIS B 345 -15.37 -36.13 24.80
C HIS B 345 -15.19 -37.19 23.72
N ILE B 346 -14.49 -38.26 24.05
CA ILE B 346 -14.25 -39.33 23.09
C ILE B 346 -15.44 -40.26 22.99
N CYS B 347 -15.96 -40.51 21.80
CA CYS B 347 -16.96 -41.54 21.79
C CYS B 347 -16.57 -42.61 20.77
N TYR B 348 -17.04 -43.82 21.08
CA TYR B 348 -16.74 -45.04 20.35
C TYR B 348 -17.81 -45.42 19.36
N PHE B 349 -17.37 -45.58 18.11
CA PHE B 349 -18.24 -45.92 17.00
C PHE B 349 -17.93 -47.30 16.40
N GLN B 350 -18.98 -47.92 15.84
CA GLN B 350 -18.94 -49.21 15.14
C GLN B 350 -19.31 -48.72 13.74
N ILE B 351 -18.53 -49.06 12.70
CA ILE B 351 -18.79 -48.50 11.37
C ILE B 351 -20.20 -48.55 10.79
N ASP B 352 -20.99 -49.55 11.18
CA ASP B 352 -22.36 -49.65 10.71
C ASP B 352 -23.44 -49.42 11.80
N LYS B 353 -23.05 -48.78 12.91
CA LYS B 353 -23.98 -48.46 14.00
C LYS B 353 -24.09 -46.98 14.17
N LYS B 354 -25.30 -46.47 13.99
CA LYS B 354 -25.60 -45.05 14.07
C LYS B 354 -25.20 -44.35 15.36
N ASP B 355 -25.35 -45.02 16.50
CA ASP B 355 -25.01 -44.37 17.72
C ASP B 355 -23.62 -44.74 18.20
N CYS B 356 -22.97 -43.77 18.85
CA CYS B 356 -21.65 -43.99 19.39
C CYS B 356 -21.83 -43.91 20.89
N THR B 357 -20.85 -44.44 21.61
CA THR B 357 -20.88 -44.43 23.07
C THR B 357 -19.71 -43.60 23.58
N PHE B 358 -20.00 -42.66 24.46
CA PHE B 358 -18.95 -41.83 25.03
C PHE B 358 -18.14 -42.65 26.03
N ILE B 359 -16.82 -42.60 25.96
CA ILE B 359 -16.02 -43.34 26.91
C ILE B 359 -15.39 -42.43 27.97
N THR B 360 -15.51 -41.11 27.80
CA THR B 360 -15.01 -40.13 28.79
C THR B 360 -16.16 -39.16 28.98
N LYS B 361 -16.19 -38.47 30.11
CA LYS B 361 -17.24 -37.49 30.39
C LYS B 361 -16.81 -36.58 31.55
N GLY B 362 -17.53 -35.48 31.73
CA GLY B 362 -17.19 -34.55 32.80
C GLY B 362 -17.13 -33.11 32.30
N THR B 363 -16.98 -32.18 33.24
CA THR B 363 -16.92 -30.78 32.88
C THR B 363 -15.49 -30.34 32.60
N TRP B 364 -14.91 -30.96 31.56
CA TRP B 364 -13.57 -30.66 31.08
C TRP B 364 -13.53 -31.25 29.67
N GLU B 365 -12.49 -31.01 28.90
CA GLU B 365 -12.50 -31.60 27.56
C GLU B 365 -11.28 -32.37 27.18
N VAL B 366 -11.49 -33.34 26.30
CA VAL B 366 -10.41 -34.10 25.75
C VAL B 366 -9.85 -33.16 24.63
N ILE B 367 -8.56 -32.88 24.66
CA ILE B 367 -7.93 -32.03 23.67
C ILE B 367 -7.69 -32.82 22.38
N GLY B 368 -7.12 -34.01 22.51
CA GLY B 368 -6.87 -34.82 21.33
C GLY B 368 -6.55 -36.26 21.65
N ILE B 369 -6.82 -37.14 20.70
CA ILE B 369 -6.51 -38.56 20.85
C ILE B 369 -5.07 -38.68 20.33
N GLU B 370 -4.17 -39.24 21.12
CA GLU B 370 -2.76 -39.35 20.74
C GLU B 370 -2.23 -40.68 20.23
N ALA B 371 -2.84 -41.78 20.67
CA ALA B 371 -2.40 -43.12 20.25
C ALA B 371 -3.44 -44.16 20.65
N LEU B 372 -3.54 -45.20 19.83
CA LEU B 372 -4.50 -46.28 20.06
C LEU B 372 -3.86 -47.65 19.91
N THR B 373 -3.98 -48.47 20.94
CA THR B 373 -3.46 -49.84 20.87
C THR B 373 -4.65 -50.80 21.09
N SER B 374 -4.41 -52.10 21.05
CA SER B 374 -5.54 -53.03 21.23
C SER B 374 -5.99 -52.95 22.69
N ASP B 375 -5.07 -52.51 23.53
CA ASP B 375 -5.25 -52.36 24.97
C ASP B 375 -5.83 -51.02 25.48
N TYR B 376 -5.20 -49.93 25.05
CA TYR B 376 -5.56 -48.60 25.50
C TYR B 376 -5.68 -47.55 24.41
N LEU B 377 -6.25 -46.42 24.81
CA LEU B 377 -6.39 -45.25 23.96
C LEU B 377 -5.71 -44.17 24.82
N TYR B 378 -4.80 -43.43 24.21
CA TYR B 378 -4.06 -42.40 24.92
C TYR B 378 -4.63 -41.05 24.47
N TYR B 379 -4.76 -40.11 25.40
CA TYR B 379 -5.31 -38.81 25.05
C TYR B 379 -4.90 -37.76 26.04
N ILE B 380 -4.94 -36.53 25.56
CA ILE B 380 -4.59 -35.37 26.35
C ILE B 380 -5.90 -34.63 26.73
N SER B 381 -5.97 -34.11 27.96
CA SER B 381 -7.16 -33.37 28.35
C SER B 381 -6.81 -32.34 29.42
N ASN B 382 -7.74 -31.44 29.73
CA ASN B 382 -7.47 -30.44 30.74
C ASN B 382 -8.22 -30.80 32.01
N GLU B 383 -8.39 -32.09 32.23
CA GLU B 383 -9.12 -32.54 33.41
C GLU B 383 -8.39 -32.20 34.70
N TYR B 384 -7.09 -32.41 34.76
CA TYR B 384 -6.36 -32.15 36.01
C TYR B 384 -6.64 -30.82 36.73
N LYS B 385 -6.95 -30.92 38.02
CA LYS B 385 -7.19 -29.75 38.86
C LYS B 385 -8.28 -28.84 38.31
N GLY B 386 -9.10 -29.35 37.40
CA GLY B 386 -10.12 -28.50 36.83
C GLY B 386 -9.56 -27.26 36.09
N MET B 387 -8.29 -27.27 35.64
CA MET B 387 -7.80 -26.06 34.93
C MET B 387 -7.82 -26.22 33.42
N PRO B 388 -8.70 -25.44 32.74
CA PRO B 388 -8.77 -25.55 31.28
C PRO B 388 -7.50 -25.22 30.51
N GLY B 389 -6.57 -24.51 31.16
CA GLY B 389 -5.31 -24.14 30.54
C GLY B 389 -4.15 -25.07 30.85
N GLY B 390 -4.47 -26.21 31.47
CA GLY B 390 -3.44 -27.21 31.77
C GLY B 390 -3.70 -28.35 30.77
N ARG B 391 -2.70 -29.21 30.56
CA ARG B 391 -2.81 -30.32 29.62
C ARG B 391 -2.03 -31.54 30.16
N ASN B 392 -2.72 -32.68 30.20
CA ASN B 392 -2.02 -33.86 30.67
C ASN B 392 -2.37 -35.04 29.82
N LEU B 393 -1.48 -36.04 29.85
CA LEU B 393 -1.65 -37.27 29.09
C LEU B 393 -2.34 -38.32 29.96
N TYR B 394 -3.41 -38.91 29.44
CA TYR B 394 -4.14 -39.95 30.13
C TYR B 394 -4.20 -41.19 29.27
N LYS B 395 -4.53 -42.32 29.89
CA LYS B 395 -4.73 -43.54 29.12
C LYS B 395 -5.97 -44.22 29.68
N ILE B 396 -6.90 -44.59 28.80
CA ILE B 396 -8.11 -45.26 29.23
C ILE B 396 -8.15 -46.70 28.72
N GLN B 397 -8.45 -47.64 29.61
CA GLN B 397 -8.51 -49.07 29.27
C GLN B 397 -9.73 -49.29 28.37
N LEU B 398 -9.53 -49.82 27.17
CA LEU B 398 -10.63 -50.03 26.23
C LEU B 398 -11.66 -51.07 26.69
N SER B 399 -11.23 -52.03 27.52
CA SER B 399 -12.13 -53.06 28.02
C SER B 399 -12.84 -52.60 29.28
N ASP B 400 -12.41 -51.49 29.87
CA ASP B 400 -13.06 -50.99 31.08
C ASP B 400 -12.84 -49.48 31.25
N TYR B 401 -13.79 -48.68 30.79
CA TYR B 401 -13.64 -47.23 30.83
C TYR B 401 -13.49 -46.63 32.22
N THR B 402 -13.50 -47.50 33.23
CA THR B 402 -13.36 -47.12 34.64
C THR B 402 -11.88 -46.94 34.94
N LYS B 403 -11.04 -47.61 34.16
CA LYS B 403 -9.60 -47.59 34.33
C LYS B 403 -8.95 -46.46 33.53
N VAL B 404 -8.95 -45.27 34.10
CA VAL B 404 -8.35 -44.11 33.46
C VAL B 404 -7.19 -43.74 34.35
N THR B 405 -6.03 -43.60 33.75
CA THR B 405 -4.80 -43.29 34.46
C THR B 405 -4.22 -41.99 33.88
N CYS B 406 -3.69 -41.14 34.73
CA CYS B 406 -3.06 -39.92 34.21
C CYS B 406 -1.55 -40.23 34.23
N LEU B 407 -0.89 -40.18 33.07
CA LEU B 407 0.52 -40.50 32.95
C LEU B 407 1.50 -39.38 33.23
N SER B 408 1.04 -38.13 33.15
CA SER B 408 1.92 -36.98 33.35
C SER B 408 1.60 -36.08 34.52
N CYS B 409 0.36 -36.13 35.00
CA CYS B 409 -0.06 -35.25 36.09
C CYS B 409 0.93 -35.12 37.24
N GLU B 410 1.40 -36.25 37.71
CA GLU B 410 2.27 -36.28 38.87
C GLU B 410 3.78 -36.25 38.70
N LEU B 411 4.29 -36.34 37.46
CA LEU B 411 5.74 -36.35 37.22
C LEU B 411 6.51 -35.23 37.91
N ASN B 412 5.96 -34.02 37.87
CA ASN B 412 6.59 -32.88 38.52
C ASN B 412 5.51 -31.79 38.46
N PRO B 413 4.49 -31.93 39.32
CA PRO B 413 3.34 -31.00 39.41
C PRO B 413 3.68 -29.54 39.55
N GLU B 414 4.85 -29.28 40.09
CA GLU B 414 5.31 -27.91 40.29
C GLU B 414 5.79 -27.23 39.01
N ARG B 415 6.60 -27.94 38.26
CA ARG B 415 7.18 -27.43 37.04
C ARG B 415 6.38 -27.71 35.79
N CYS B 416 5.64 -28.80 35.80
CA CYS B 416 4.93 -29.22 34.59
C CYS B 416 3.44 -29.44 34.65
N GLN B 417 2.72 -28.58 33.96
CA GLN B 417 1.26 -28.63 33.90
C GLN B 417 0.74 -28.52 32.47
N TYR B 418 1.63 -28.56 31.49
CA TYR B 418 1.19 -28.46 30.10
C TYR B 418 2.07 -29.40 29.30
N TYR B 419 1.48 -30.51 28.83
CA TYR B 419 2.18 -31.53 28.06
C TYR B 419 1.59 -31.81 26.64
N SER B 420 2.47 -32.22 25.72
CA SER B 420 2.13 -32.69 24.37
C SER B 420 2.93 -34.03 24.30
N VAL B 421 2.65 -34.89 23.35
CA VAL B 421 3.35 -36.16 23.36
C VAL B 421 3.64 -36.71 21.96
N SER B 422 4.66 -37.57 21.88
CA SER B 422 5.05 -38.21 20.63
C SER B 422 5.37 -39.67 20.86
N PHE B 423 4.48 -40.53 20.37
CA PHE B 423 4.60 -41.97 20.51
C PHE B 423 5.39 -42.59 19.37
N SER B 424 6.09 -43.67 19.66
CA SER B 424 6.83 -44.39 18.65
C SER B 424 5.82 -45.08 17.74
N LYS B 425 6.27 -45.75 16.69
CA LYS B 425 5.35 -46.34 15.71
C LYS B 425 4.21 -47.22 16.16
N GLU B 426 4.46 -48.07 17.15
CA GLU B 426 3.42 -48.96 17.66
C GLU B 426 3.09 -48.59 19.11
N ALA B 427 3.38 -47.34 19.46
CA ALA B 427 3.11 -46.87 20.79
C ALA B 427 3.88 -47.64 21.89
N LYS B 428 5.04 -48.19 21.55
CA LYS B 428 5.88 -48.93 22.51
C LYS B 428 6.56 -47.95 23.46
N TYR B 429 6.90 -46.77 22.96
CA TYR B 429 7.56 -45.72 23.74
C TYR B 429 6.90 -44.40 23.44
N TYR B 430 7.21 -43.39 24.24
CA TYR B 430 6.69 -42.07 24.03
C TYR B 430 7.54 -40.98 24.70
N GLN B 431 7.68 -39.88 23.98
CA GLN B 431 8.44 -38.75 24.48
C GLN B 431 7.41 -37.78 25.01
N LEU B 432 7.57 -37.35 26.26
CA LEU B 432 6.68 -36.35 26.87
C LEU B 432 7.33 -34.97 26.81
N ARG B 433 6.56 -33.97 26.39
CA ARG B 433 7.12 -32.62 26.35
C ARG B 433 6.30 -31.73 27.25
N CYS B 434 6.95 -31.21 28.27
CA CYS B 434 6.34 -30.32 29.23
C CYS B 434 6.72 -28.91 28.81
N SER B 435 5.75 -28.01 28.67
CA SER B 435 6.09 -26.65 28.25
C SER B 435 5.84 -25.54 29.28
N GLY B 436 5.45 -25.91 30.48
CA GLY B 436 5.23 -24.89 31.50
C GLY B 436 4.52 -25.50 32.69
N PRO B 437 4.35 -24.75 33.79
CA PRO B 437 4.79 -23.36 33.96
C PRO B 437 6.28 -23.15 34.19
N GLY B 438 7.05 -24.21 34.39
CA GLY B 438 8.50 -24.06 34.58
C GLY B 438 9.22 -24.19 33.22
N LEU B 439 10.55 -24.34 33.21
CA LEU B 439 11.28 -24.48 31.93
C LEU B 439 10.93 -25.80 31.25
N PRO B 440 10.86 -25.81 29.91
CA PRO B 440 10.53 -27.04 29.17
C PRO B 440 11.33 -28.23 29.63
N LEU B 441 10.68 -29.39 29.67
CA LEU B 441 11.35 -30.63 30.11
C LEU B 441 10.97 -31.78 29.20
N TYR B 442 11.95 -32.46 28.61
CA TYR B 442 11.62 -33.56 27.69
C TYR B 442 12.05 -34.90 28.27
N THR B 443 11.14 -35.85 28.32
CA THR B 443 11.51 -37.14 28.87
C THR B 443 11.03 -38.23 27.95
N LEU B 444 11.65 -39.40 28.05
CA LEU B 444 11.29 -40.58 27.27
C LEU B 444 10.72 -41.69 28.20
N HIS B 445 9.66 -42.37 27.76
CA HIS B 445 9.02 -43.40 28.59
C HIS B 445 8.75 -44.68 27.81
N SER B 446 8.61 -45.83 28.51
CA SER B 446 8.23 -47.07 27.84
C SER B 446 6.78 -47.28 28.21
N SER B 447 5.95 -47.63 27.24
CA SER B 447 4.54 -47.80 27.50
C SER B 447 4.19 -49.02 28.35
N VAL B 448 5.07 -50.01 28.35
CA VAL B 448 4.79 -51.24 29.09
C VAL B 448 4.29 -50.95 30.51
N ASN B 449 5.11 -50.22 31.27
CA ASN B 449 4.79 -49.85 32.62
C ASN B 449 4.83 -48.33 32.86
N ASP B 450 4.92 -47.56 31.77
CA ASP B 450 4.96 -46.11 31.84
C ASP B 450 6.16 -45.58 32.62
N LYS B 451 7.20 -46.41 32.76
CA LYS B 451 8.40 -45.97 33.45
C LYS B 451 9.02 -44.81 32.69
N GLY B 452 9.70 -43.94 33.40
CA GLY B 452 10.35 -42.82 32.76
C GLY B 452 11.81 -43.20 32.52
N LEU B 453 12.15 -43.67 31.32
CA LEU B 453 13.51 -44.09 30.99
C LEU B 453 14.58 -43.05 31.25
N ARG B 454 14.33 -41.81 30.84
CA ARG B 454 15.36 -40.81 31.08
C ARG B 454 14.97 -39.44 30.65
N VAL B 455 15.78 -38.48 31.09
CA VAL B 455 15.61 -37.09 30.77
C VAL B 455 16.39 -36.79 29.48
N LEU B 456 15.66 -36.30 28.48
CA LEU B 456 16.25 -36.00 27.18
C LEU B 456 16.82 -34.59 27.16
N GLU B 457 16.12 -33.65 27.75
CA GLU B 457 16.57 -32.27 27.78
C GLU B 457 15.80 -31.60 28.91
N ASP B 458 16.54 -30.94 29.78
CA ASP B 458 15.93 -30.26 30.92
C ASP B 458 16.22 -28.76 31.00
N ASN B 459 16.84 -28.21 29.95
CA ASN B 459 17.15 -26.79 29.94
C ASN B 459 17.90 -26.32 31.17
N SER B 460 18.73 -27.17 31.77
CA SER B 460 19.48 -26.74 32.96
C SER B 460 20.38 -25.54 32.64
N ALA B 461 20.90 -25.47 31.40
CA ALA B 461 21.75 -24.33 30.99
C ALA B 461 20.98 -22.99 31.00
N LEU B 462 19.76 -22.98 30.47
CA LEU B 462 18.98 -21.72 30.52
C LEU B 462 18.69 -21.36 31.99
N ASP B 463 18.35 -22.37 32.78
CA ASP B 463 18.04 -22.15 34.19
C ASP B 463 19.18 -21.45 34.96
N LYS B 464 20.43 -21.82 34.68
CA LYS B 464 21.55 -21.17 35.37
C LYS B 464 21.63 -19.72 34.95
N MET B 465 21.50 -19.50 33.64
CA MET B 465 21.52 -18.15 33.08
C MET B 465 20.42 -17.24 33.63
N LEU B 466 19.20 -17.75 33.76
CA LEU B 466 18.12 -16.92 34.26
C LEU B 466 18.15 -16.59 35.74
N GLN B 467 18.81 -17.38 36.57
CA GLN B 467 18.76 -16.98 37.98
C GLN B 467 19.55 -15.72 38.21
N ASN B 468 20.25 -15.28 37.18
CA ASN B 468 21.04 -14.08 37.25
C ASN B 468 20.31 -12.83 36.70
N VAL B 469 19.03 -12.98 36.39
CA VAL B 469 18.23 -11.86 35.91
C VAL B 469 16.91 -11.82 36.66
N GLN B 470 16.38 -10.64 36.90
CA GLN B 470 15.12 -10.52 37.61
C GLN B 470 13.98 -10.84 36.64
N MET B 471 13.58 -12.09 36.63
CA MET B 471 12.52 -12.51 35.72
C MET B 471 11.15 -12.26 36.31
N PRO B 472 10.14 -12.04 35.46
CA PRO B 472 8.80 -11.79 36.00
C PRO B 472 8.16 -13.11 36.45
N SER B 473 7.04 -13.03 37.16
CA SER B 473 6.36 -14.25 37.56
C SER B 473 5.04 -14.25 36.79
N LYS B 474 4.28 -15.33 36.89
CA LYS B 474 3.03 -15.44 36.18
C LYS B 474 1.92 -16.02 37.05
N LYS B 475 0.80 -15.31 37.20
CA LYS B 475 -0.32 -15.82 37.99
C LYS B 475 -1.39 -16.30 37.01
N LEU B 476 -1.99 -17.45 37.30
CA LEU B 476 -3.04 -18.02 36.46
C LEU B 476 -4.17 -18.22 37.44
N ASP B 477 -5.30 -17.57 37.22
CA ASP B 477 -6.42 -17.69 38.16
C ASP B 477 -7.71 -17.39 37.45
N PHE B 478 -8.75 -17.11 38.22
CA PHE B 478 -10.04 -16.83 37.59
C PHE B 478 -10.90 -15.83 38.36
N ILE B 479 -11.91 -15.33 37.67
CA ILE B 479 -12.87 -14.43 38.27
C ILE B 479 -14.20 -15.05 37.88
N ILE B 480 -15.24 -14.71 38.61
CA ILE B 480 -16.57 -15.24 38.33
C ILE B 480 -17.45 -14.13 37.77
N LEU B 481 -18.16 -14.42 36.70
CA LEU B 481 -19.05 -13.46 36.08
C LEU B 481 -20.35 -14.22 35.79
N ASN B 482 -21.46 -13.77 36.39
CA ASN B 482 -22.76 -14.39 36.22
C ASN B 482 -22.70 -15.90 36.45
N GLU B 483 -22.16 -16.30 37.59
CA GLU B 483 -22.08 -17.70 37.93
C GLU B 483 -21.11 -18.53 37.09
N THR B 484 -20.46 -17.92 36.11
CA THR B 484 -19.51 -18.68 35.30
C THR B 484 -18.10 -18.21 35.62
N LYS B 485 -17.15 -19.12 35.74
CA LYS B 485 -15.80 -18.64 35.99
C LYS B 485 -15.03 -18.49 34.70
N PHE B 486 -14.31 -17.38 34.59
CA PHE B 486 -13.48 -17.12 33.44
C PHE B 486 -12.03 -16.99 33.89
N TRP B 487 -11.13 -17.63 33.15
CA TRP B 487 -9.74 -17.61 33.50
C TRP B 487 -8.96 -16.43 32.90
N TYR B 488 -7.94 -16.00 33.64
CA TYR B 488 -7.07 -14.91 33.19
C TYR B 488 -5.66 -15.24 33.64
N GLN B 489 -4.67 -14.55 33.08
CA GLN B 489 -3.29 -14.72 33.47
C GLN B 489 -2.66 -13.34 33.55
N MET B 490 -1.63 -13.21 34.39
CA MET B 490 -0.95 -11.93 34.47
C MET B 490 0.51 -12.20 34.55
N ILE B 491 1.30 -11.50 33.74
CA ILE B 491 2.77 -11.62 33.77
C ILE B 491 3.09 -10.49 34.73
N LEU B 492 3.56 -10.84 35.93
CA LEU B 492 3.84 -9.84 36.99
C LEU B 492 5.27 -9.34 37.12
N PRO B 493 5.49 -8.01 37.20
CA PRO B 493 6.85 -7.49 37.33
C PRO B 493 7.60 -8.20 38.48
N PRO B 494 8.95 -8.22 38.42
CA PRO B 494 9.72 -8.87 39.48
C PRO B 494 9.48 -8.10 40.79
N HIS B 495 9.45 -8.83 41.91
CA HIS B 495 9.25 -8.21 43.22
C HIS B 495 7.88 -7.55 43.27
N PHE B 496 6.89 -8.18 42.63
CA PHE B 496 5.54 -7.64 42.59
C PHE B 496 5.07 -7.30 43.97
N ASP B 497 4.58 -6.09 44.12
CA ASP B 497 4.11 -5.58 45.40
C ASP B 497 2.67 -5.09 45.25
N LYS B 498 1.69 -5.89 45.67
CA LYS B 498 0.30 -5.49 45.51
C LYS B 498 -0.12 -4.23 46.26
N SER B 499 0.85 -3.63 46.93
CA SER B 499 0.63 -2.41 47.68
C SER B 499 0.76 -1.23 46.71
N LYS B 500 1.53 -1.44 45.66
CA LYS B 500 1.79 -0.43 44.63
C LYS B 500 0.77 -0.44 43.50
N LYS B 501 0.76 0.60 42.69
CA LYS B 501 -0.14 0.72 41.55
C LYS B 501 0.66 0.60 40.24
N TYR B 502 0.42 -0.46 39.47
CA TYR B 502 1.14 -0.68 38.22
C TYR B 502 0.32 -0.40 36.98
N PRO B 503 0.98 0.07 35.91
CA PRO B 503 0.24 0.32 34.67
C PRO B 503 -0.10 -1.08 34.17
N LEU B 504 -1.20 -1.25 33.45
CA LEU B 504 -1.55 -2.59 32.95
C LEU B 504 -1.77 -2.63 31.43
N LEU B 505 -1.28 -3.68 30.77
CA LEU B 505 -1.45 -3.86 29.30
C LEU B 505 -2.25 -5.15 29.12
N LEU B 506 -3.40 -5.07 28.46
CA LEU B 506 -4.25 -6.22 28.20
C LEU B 506 -3.81 -6.82 26.86
N ASP B 507 -3.23 -8.01 26.88
CA ASP B 507 -2.76 -8.66 25.65
C ASP B 507 -3.94 -9.59 25.24
N VAL B 508 -4.58 -9.27 24.13
CA VAL B 508 -5.77 -10.00 23.70
C VAL B 508 -5.67 -10.71 22.35
N TYR B 509 -6.43 -11.80 22.22
CA TYR B 509 -6.59 -12.48 20.94
C TYR B 509 -8.12 -12.63 20.90
N ALA B 510 -8.65 -13.53 21.72
CA ALA B 510 -10.11 -13.73 21.88
C ALA B 510 -10.97 -14.17 20.70
N GLY B 511 -10.37 -14.78 19.69
CA GLY B 511 -11.16 -15.27 18.59
C GLY B 511 -11.84 -16.53 19.15
N PRO B 512 -12.79 -17.12 18.42
CA PRO B 512 -13.54 -18.31 18.80
C PRO B 512 -12.63 -19.51 19.06
N CYS B 513 -12.81 -20.15 20.22
CA CYS B 513 -12.01 -21.30 20.61
C CYS B 513 -10.53 -20.94 20.96
N SER B 514 -10.27 -19.65 21.16
CA SER B 514 -8.92 -19.21 21.55
C SER B 514 -8.72 -19.43 23.05
N GLN B 515 -7.47 -19.42 23.48
CA GLN B 515 -7.13 -19.56 24.89
C GLN B 515 -5.82 -18.80 25.13
N LYS B 516 -5.93 -17.70 25.89
CA LYS B 516 -4.78 -16.88 26.18
C LYS B 516 -4.32 -17.05 27.64
N ALA B 517 -5.11 -17.77 28.43
CA ALA B 517 -4.77 -18.02 29.82
C ALA B 517 -4.43 -19.50 29.95
N ASP B 518 -3.14 -19.81 30.06
CA ASP B 518 -2.66 -21.18 30.19
C ASP B 518 -1.44 -21.27 31.06
N THR B 519 -0.88 -22.45 31.16
CA THR B 519 0.27 -22.68 32.04
C THR B 519 1.61 -22.75 31.30
N VAL B 520 1.63 -22.39 30.01
CA VAL B 520 2.85 -22.43 29.22
C VAL B 520 3.90 -21.35 29.63
N PHE B 521 5.18 -21.74 29.63
CA PHE B 521 6.27 -20.82 29.94
C PHE B 521 6.72 -20.13 28.65
N ARG B 522 6.66 -18.81 28.62
CA ARG B 522 7.09 -18.09 27.40
C ARG B 522 8.08 -16.99 27.70
N LEU B 523 8.98 -16.73 26.75
CA LEU B 523 9.92 -15.61 26.80
C LEU B 523 9.51 -14.79 25.51
N ASN B 524 8.82 -13.70 25.74
CA ASN B 524 8.31 -12.90 24.63
C ASN B 524 8.28 -11.42 25.03
N TRP B 525 7.65 -10.59 24.22
CA TRP B 525 7.59 -9.16 24.52
C TRP B 525 7.04 -8.85 25.93
N ALA B 526 6.03 -9.61 26.36
CA ALA B 526 5.46 -9.37 27.70
C ALA B 526 6.52 -9.59 28.79
N THR B 527 7.38 -10.59 28.61
CA THR B 527 8.43 -10.86 29.59
C THR B 527 9.25 -9.61 29.81
N TYR B 528 9.61 -8.92 28.72
CA TYR B 528 10.37 -7.67 28.80
C TYR B 528 9.54 -6.54 29.45
N LEU B 529 8.29 -6.37 29.01
CA LEU B 529 7.47 -5.29 29.56
C LEU B 529 7.32 -5.45 31.07
N ALA B 530 7.21 -6.69 31.52
CA ALA B 530 7.06 -6.88 32.94
C ALA B 530 8.40 -6.77 33.67
N SER B 531 9.42 -7.45 33.16
CA SER B 531 10.71 -7.40 33.81
C SER B 531 11.42 -6.06 33.85
N THR B 532 11.53 -5.38 32.70
CA THR B 532 12.22 -4.11 32.59
C THR B 532 11.37 -2.84 32.75
N GLU B 533 10.11 -2.84 32.27
CA GLU B 533 9.26 -1.65 32.38
C GLU B 533 8.24 -1.71 33.54
N ASN B 534 8.23 -2.83 34.25
CA ASN B 534 7.33 -2.95 35.38
C ASN B 534 5.87 -2.72 35.02
N ILE B 535 5.44 -3.39 33.95
CA ILE B 535 4.05 -3.30 33.48
C ILE B 535 3.45 -4.69 33.70
N ILE B 536 2.21 -4.74 34.16
CA ILE B 536 1.57 -6.03 34.34
C ILE B 536 0.96 -6.34 32.96
N VAL B 537 1.18 -7.54 32.43
CA VAL B 537 0.61 -7.87 31.11
C VAL B 537 -0.35 -9.01 31.34
N ALA B 538 -1.62 -8.71 31.18
CA ALA B 538 -2.69 -9.67 31.43
C ALA B 538 -3.39 -10.12 30.18
N SER B 539 -4.05 -11.27 30.30
CA SER B 539 -4.87 -11.82 29.25
C SER B 539 -6.08 -12.46 29.90
N PHE B 540 -7.21 -12.46 29.19
CA PHE B 540 -8.46 -12.97 29.70
C PHE B 540 -9.19 -13.83 28.67
N ASP B 541 -9.71 -14.98 29.10
CA ASP B 541 -10.46 -15.85 28.20
C ASP B 541 -11.95 -15.72 28.57
N GLY B 542 -12.69 -14.92 27.79
CA GLY B 542 -14.11 -14.74 28.05
C GLY B 542 -15.00 -15.55 27.12
N ARG B 543 -16.24 -15.10 26.94
CA ARG B 543 -17.15 -15.81 26.05
C ARG B 543 -16.57 -16.01 24.65
N GLY B 544 -16.72 -17.22 24.14
CA GLY B 544 -16.18 -17.51 22.85
C GLY B 544 -14.88 -18.32 23.00
N SER B 545 -14.22 -18.21 24.14
CA SER B 545 -12.96 -18.91 24.36
C SER B 545 -13.17 -20.44 24.29
N GLY B 546 -12.10 -21.22 24.08
CA GLY B 546 -12.32 -22.65 23.95
C GLY B 546 -11.89 -23.58 25.08
N TYR B 547 -12.12 -24.87 24.88
CA TYR B 547 -11.74 -25.91 25.82
C TYR B 547 -12.49 -25.92 27.16
N GLN B 548 -13.64 -25.23 27.22
CA GLN B 548 -14.43 -25.16 28.43
C GLN B 548 -15.90 -25.49 28.13
N GLY B 549 -16.18 -26.11 26.99
CA GLY B 549 -17.57 -26.43 26.69
C GLY B 549 -18.19 -25.46 25.71
N ASP B 550 -19.20 -25.92 24.99
CA ASP B 550 -19.87 -25.10 24.00
C ASP B 550 -20.71 -23.95 24.53
N LYS B 551 -21.11 -24.02 25.79
CA LYS B 551 -21.91 -22.95 26.40
C LYS B 551 -21.08 -21.67 26.31
N ILE B 552 -19.82 -21.76 26.69
CA ILE B 552 -18.97 -20.60 26.59
C ILE B 552 -18.51 -20.38 25.11
N MET B 553 -18.01 -21.44 24.45
CA MET B 553 -17.49 -21.29 23.09
C MET B 553 -18.47 -20.77 22.06
N HIS B 554 -19.69 -21.31 22.02
CA HIS B 554 -20.70 -20.86 21.06
C HIS B 554 -21.47 -19.59 21.45
N ALA B 555 -21.13 -18.98 22.58
CA ALA B 555 -21.87 -17.80 23.00
C ALA B 555 -21.77 -16.65 21.99
N ILE B 556 -20.77 -16.67 21.11
CA ILE B 556 -20.64 -15.60 20.13
C ILE B 556 -21.13 -16.04 18.77
N ASN B 557 -21.83 -17.17 18.71
CA ASN B 557 -22.28 -17.66 17.39
C ASN B 557 -23.11 -16.59 16.65
N ARG B 558 -22.72 -16.28 15.42
CA ARG B 558 -23.39 -15.27 14.60
C ARG B 558 -23.28 -13.88 15.18
N ARG B 559 -22.52 -13.73 16.26
CA ARG B 559 -22.35 -12.44 16.94
C ARG B 559 -20.90 -12.00 17.23
N LEU B 560 -20.00 -12.19 16.26
CA LEU B 560 -18.59 -11.80 16.42
C LEU B 560 -18.50 -10.28 16.67
N GLY B 561 -17.56 -9.88 17.51
CA GLY B 561 -17.45 -8.47 17.82
C GLY B 561 -18.46 -8.05 18.89
N THR B 562 -18.97 -8.96 19.71
CA THR B 562 -19.89 -8.52 20.78
C THR B 562 -19.42 -8.97 22.15
N PHE B 563 -19.84 -10.14 22.60
CA PHE B 563 -19.43 -10.58 23.95
C PHE B 563 -17.93 -10.73 24.18
N GLU B 564 -17.17 -11.20 23.18
CA GLU B 564 -15.72 -11.36 23.41
C GLU B 564 -15.06 -10.00 23.60
N VAL B 565 -15.68 -8.97 23.03
CA VAL B 565 -15.22 -7.59 23.14
C VAL B 565 -15.64 -7.05 24.54
N GLU B 566 -16.93 -7.18 24.86
CA GLU B 566 -17.43 -6.72 26.16
C GLU B 566 -16.69 -7.41 27.29
N ASP B 567 -16.44 -8.72 27.16
CA ASP B 567 -15.78 -9.46 28.24
C ASP B 567 -14.35 -8.97 28.49
N GLN B 568 -13.67 -8.48 27.43
CA GLN B 568 -12.33 -7.95 27.64
C GLN B 568 -12.46 -6.62 28.41
N ILE B 569 -13.47 -5.83 28.08
CA ILE B 569 -13.60 -4.57 28.82
C ILE B 569 -13.90 -4.90 30.30
N GLU B 570 -14.91 -5.73 30.54
CA GLU B 570 -15.23 -6.11 31.91
C GLU B 570 -13.98 -6.61 32.64
N ALA B 571 -13.18 -7.46 32.00
CA ALA B 571 -12.00 -7.99 32.68
C ALA B 571 -11.06 -6.89 33.15
N ALA B 572 -10.87 -5.88 32.29
CA ALA B 572 -10.02 -4.75 32.67
C ALA B 572 -10.66 -4.03 33.87
N ARG B 573 -11.99 -3.97 33.91
CA ARG B 573 -12.65 -3.29 35.03
C ARG B 573 -12.37 -4.05 36.31
N GLN B 574 -12.51 -5.38 36.23
CA GLN B 574 -12.25 -6.23 37.38
C GLN B 574 -10.79 -6.11 37.81
N PHE B 575 -9.86 -6.20 36.85
CA PHE B 575 -8.46 -6.08 37.23
C PHE B 575 -8.22 -4.78 37.99
N SER B 576 -8.71 -3.66 37.47
CA SER B 576 -8.50 -2.37 38.12
C SER B 576 -9.01 -2.35 39.57
N LYS B 577 -10.05 -3.13 39.83
CA LYS B 577 -10.63 -3.19 41.16
C LYS B 577 -9.90 -4.18 42.04
N MET B 578 -8.71 -4.60 41.61
CA MET B 578 -7.92 -5.53 42.40
C MET B 578 -6.99 -4.73 43.29
N GLY B 579 -6.85 -3.43 43.03
CA GLY B 579 -6.02 -2.57 43.86
C GLY B 579 -4.60 -2.27 43.46
N PHE B 580 -3.96 -3.16 42.69
CA PHE B 580 -2.59 -2.90 42.28
C PHE B 580 -2.50 -2.39 40.86
N VAL B 581 -3.64 -1.96 40.31
CA VAL B 581 -3.69 -1.44 38.95
C VAL B 581 -3.94 0.05 38.89
N ASP B 582 -3.04 0.77 38.25
CA ASP B 582 -3.19 2.21 38.07
C ASP B 582 -4.30 2.45 37.04
N ASN B 583 -5.44 2.94 37.50
CA ASN B 583 -6.58 3.17 36.63
C ASN B 583 -6.33 4.03 35.43
N LYS B 584 -5.41 4.98 35.56
CA LYS B 584 -5.11 5.91 34.51
C LYS B 584 -4.15 5.37 33.47
N ARG B 585 -3.59 4.20 33.72
CA ARG B 585 -2.64 3.63 32.79
C ARG B 585 -2.97 2.20 32.40
N ILE B 586 -4.11 2.02 31.73
CA ILE B 586 -4.54 0.72 31.23
C ILE B 586 -4.53 0.83 29.69
N ALA B 587 -3.87 -0.14 29.05
CA ALA B 587 -3.73 -0.18 27.59
C ALA B 587 -4.16 -1.54 27.11
N ILE B 588 -4.33 -1.67 25.81
CA ILE B 588 -4.70 -2.95 25.23
C ILE B 588 -4.01 -3.16 23.87
N TRP B 589 -3.70 -4.40 23.50
CA TRP B 589 -3.09 -4.61 22.17
C TRP B 589 -3.38 -6.03 21.75
N GLY B 590 -3.34 -6.24 20.45
CA GLY B 590 -3.57 -7.57 19.92
C GLY B 590 -3.16 -7.62 18.46
N TRP B 591 -2.95 -8.82 17.95
CA TRP B 591 -2.55 -9.01 16.55
C TRP B 591 -3.74 -9.72 15.93
N SER B 592 -3.88 -9.79 14.61
CA SER B 592 -4.97 -10.54 13.96
C SER B 592 -6.07 -11.13 14.87
N TYR B 593 -7.32 -10.76 14.67
CA TYR B 593 -8.47 -11.13 15.53
C TYR B 593 -8.21 -10.46 16.83
N GLY B 594 -6.97 -10.36 17.28
CA GLY B 594 -6.69 -9.67 18.52
C GLY B 594 -6.62 -8.18 18.21
N GLY B 595 -6.25 -7.88 16.96
CA GLY B 595 -6.17 -6.49 16.53
C GLY B 595 -7.59 -5.97 16.35
N TYR B 596 -8.46 -6.86 15.86
CA TYR B 596 -9.86 -6.52 15.66
C TYR B 596 -10.52 -6.20 17.01
N VAL B 597 -10.39 -7.12 17.97
CA VAL B 597 -10.98 -6.91 19.27
C VAL B 597 -10.42 -5.65 19.93
N THR B 598 -9.11 -5.44 19.80
CA THR B 598 -8.49 -4.26 20.37
C THR B 598 -9.10 -2.98 19.80
N SER B 599 -9.27 -2.94 18.50
CA SER B 599 -9.82 -1.75 17.86
C SER B 599 -11.32 -1.58 18.27
N MET B 600 -12.07 -2.68 18.37
CA MET B 600 -13.48 -2.62 18.77
C MET B 600 -13.56 -2.10 20.21
N VAL B 601 -12.65 -2.57 21.05
CA VAL B 601 -12.61 -2.11 22.42
C VAL B 601 -12.30 -0.62 22.46
N LEU B 602 -11.28 -0.21 21.71
CA LEU B 602 -10.87 1.18 21.71
C LEU B 602 -11.92 2.11 21.16
N GLY B 603 -12.80 1.58 20.30
CA GLY B 603 -13.85 2.43 19.76
C GLY B 603 -15.18 2.24 20.48
N SER B 604 -15.15 1.60 21.65
CA SER B 604 -16.37 1.33 22.43
C SER B 604 -16.82 2.52 23.28
N GLY B 605 -15.93 3.51 23.44
CA GLY B 605 -16.21 4.65 24.27
C GLY B 605 -16.32 4.24 25.74
N SER B 606 -15.73 3.10 26.13
CA SER B 606 -15.87 2.69 27.53
C SER B 606 -15.10 3.53 28.53
N GLY B 607 -14.17 4.36 28.05
CA GLY B 607 -13.34 5.18 28.92
C GLY B 607 -12.28 4.41 29.74
N VAL B 608 -12.30 3.09 29.69
CA VAL B 608 -11.34 2.27 30.47
C VAL B 608 -9.90 2.29 29.98
N PHE B 609 -9.73 2.39 28.67
CA PHE B 609 -8.39 2.34 28.08
C PHE B 609 -7.78 3.65 27.62
N LYS B 610 -6.55 3.89 28.05
CA LYS B 610 -5.86 5.10 27.65
C LYS B 610 -5.34 5.00 26.21
N CYS B 611 -4.82 3.83 25.83
CA CYS B 611 -4.27 3.69 24.48
C CYS B 611 -4.28 2.22 24.06
N GLY B 612 -3.85 1.95 22.84
CA GLY B 612 -3.88 0.56 22.36
C GLY B 612 -3.23 0.39 20.99
N ILE B 613 -2.84 -0.83 20.66
CA ILE B 613 -2.16 -1.09 19.39
C ILE B 613 -2.83 -2.25 18.69
N ALA B 614 -3.14 -2.07 17.40
CA ALA B 614 -3.76 -3.17 16.64
C ALA B 614 -2.80 -3.57 15.53
N VAL B 615 -2.36 -4.82 15.50
CA VAL B 615 -1.47 -5.22 14.44
C VAL B 615 -2.25 -6.14 13.47
N ALA B 616 -2.23 -5.83 12.18
CA ALA B 616 -2.93 -6.57 11.13
C ALA B 616 -4.37 -6.95 11.53
N PRO B 617 -5.16 -5.95 11.95
CA PRO B 617 -6.53 -6.29 12.38
C PRO B 617 -7.55 -6.53 11.31
N VAL B 618 -8.54 -7.36 11.63
CA VAL B 618 -9.69 -7.51 10.72
C VAL B 618 -10.44 -6.21 11.10
N SER B 619 -11.11 -5.57 10.11
CA SER B 619 -11.90 -4.36 10.32
C SER B 619 -13.37 -4.52 9.93
N ARG B 620 -13.66 -5.43 8.99
CA ARG B 620 -15.07 -5.71 8.64
C ARG B 620 -15.09 -7.15 8.13
N TRP B 621 -15.98 -7.96 8.67
CA TRP B 621 -15.97 -9.37 8.30
C TRP B 621 -16.15 -9.69 6.83
N GLU B 622 -16.75 -8.80 6.08
CA GLU B 622 -16.96 -9.07 4.67
C GLU B 622 -15.62 -9.12 3.91
N TYR B 623 -14.57 -8.58 4.53
CA TYR B 623 -13.22 -8.54 3.96
C TYR B 623 -12.42 -9.83 4.21
N TYR B 624 -12.83 -10.63 5.20
CA TYR B 624 -12.08 -11.84 5.52
C TYR B 624 -12.58 -13.07 4.76
N ASP B 625 -11.85 -14.18 4.84
CA ASP B 625 -12.28 -15.30 4.01
C ASP B 625 -13.58 -16.03 4.43
N SER B 626 -14.21 -16.66 3.45
CA SER B 626 -15.48 -17.37 3.62
C SER B 626 -15.51 -18.50 4.63
N VAL B 627 -14.51 -19.38 4.56
CA VAL B 627 -14.48 -20.55 5.44
C VAL B 627 -14.39 -20.20 6.91
N TYR B 628 -13.50 -19.26 7.28
CA TYR B 628 -13.39 -18.90 8.71
C TYR B 628 -14.56 -18.00 9.11
N THR B 629 -14.80 -16.94 8.33
CA THR B 629 -15.84 -16.01 8.68
C THR B 629 -17.24 -16.60 8.75
N GLU B 630 -17.67 -17.29 7.72
CA GLU B 630 -19.00 -17.88 7.72
C GLU B 630 -19.16 -18.94 8.81
N ARG B 631 -18.09 -19.59 9.20
CA ARG B 631 -18.27 -20.57 10.23
C ARG B 631 -18.90 -19.94 11.48
N TYR B 632 -18.58 -18.69 11.74
CA TYR B 632 -19.12 -18.06 12.94
C TYR B 632 -20.25 -17.06 12.68
N MET B 633 -20.26 -16.54 11.46
CA MET B 633 -21.18 -15.45 11.10
C MET B 633 -22.25 -15.81 10.05
N GLY B 634 -22.27 -17.04 9.55
CA GLY B 634 -23.24 -17.35 8.52
C GLY B 634 -22.94 -16.50 7.28
N LEU B 635 -23.92 -16.29 6.42
CA LEU B 635 -23.70 -15.54 5.18
C LEU B 635 -24.05 -14.05 5.30
N PRO B 636 -23.36 -13.20 4.52
CA PRO B 636 -23.69 -11.77 4.56
C PRO B 636 -24.81 -11.41 3.59
N THR B 637 -26.02 -11.86 3.90
CA THR B 637 -27.19 -11.60 3.04
C THR B 637 -28.36 -11.19 3.92
N PRO B 638 -29.29 -10.38 3.37
CA PRO B 638 -30.47 -9.93 4.13
C PRO B 638 -31.18 -11.05 4.83
N GLU B 639 -31.35 -12.13 4.08
CA GLU B 639 -32.02 -13.31 4.56
C GLU B 639 -31.46 -13.88 5.85
N ASP B 640 -30.12 -14.00 5.91
CA ASP B 640 -29.38 -14.64 7.02
C ASP B 640 -28.55 -13.76 7.98
N ASN B 641 -27.30 -13.42 7.70
CA ASN B 641 -26.62 -12.54 8.67
C ASN B 641 -25.90 -11.43 7.93
N LEU B 642 -26.62 -10.37 7.59
CA LEU B 642 -25.97 -9.26 6.93
C LEU B 642 -26.07 -8.11 7.89
N ASP B 643 -27.15 -8.04 8.66
CA ASP B 643 -27.28 -6.94 9.61
C ASP B 643 -26.16 -6.96 10.62
N HIS B 644 -25.83 -8.14 11.16
CA HIS B 644 -24.77 -8.13 12.13
C HIS B 644 -23.39 -7.98 11.46
N TYR B 645 -23.22 -8.43 10.20
CA TYR B 645 -21.96 -8.21 9.50
C TYR B 645 -21.72 -6.68 9.38
N ARG B 646 -22.79 -5.93 9.17
CA ARG B 646 -22.68 -4.47 8.99
C ARG B 646 -22.62 -3.71 10.28
N ASN B 647 -22.96 -4.35 11.39
CA ASN B 647 -23.00 -3.72 12.70
C ASN B 647 -21.71 -3.96 13.52
N SER B 648 -20.82 -4.82 13.03
CA SER B 648 -19.61 -5.15 13.79
C SER B 648 -18.30 -4.72 13.13
N THR B 649 -18.33 -3.62 12.39
CA THR B 649 -17.12 -3.15 11.72
C THR B 649 -16.38 -2.17 12.67
N VAL B 650 -15.09 -2.01 12.45
CA VAL B 650 -14.31 -1.08 13.27
C VAL B 650 -14.63 0.32 12.74
N MET B 651 -14.79 0.43 11.42
CA MET B 651 -15.08 1.72 10.81
C MET B 651 -16.24 2.51 11.43
N SER B 652 -17.32 1.82 11.82
CA SER B 652 -18.50 2.49 12.39
C SER B 652 -18.23 3.08 13.76
N ARG B 653 -17.08 2.75 14.35
CA ARG B 653 -16.77 3.31 15.65
C ARG B 653 -15.71 4.40 15.63
N ALA B 654 -15.35 4.85 14.43
CA ALA B 654 -14.30 5.84 14.25
C ALA B 654 -14.33 7.02 15.21
N GLU B 655 -15.51 7.59 15.37
CA GLU B 655 -15.74 8.75 16.23
C GLU B 655 -15.23 8.56 17.64
N ASN B 656 -15.47 7.40 18.23
CA ASN B 656 -15.03 7.15 19.60
C ASN B 656 -13.54 7.10 19.74
N PHE B 657 -12.79 7.04 18.63
CA PHE B 657 -11.33 7.02 18.75
C PHE B 657 -10.77 8.37 19.17
N LYS B 658 -11.60 9.39 19.17
CA LYS B 658 -11.16 10.71 19.61
C LYS B 658 -10.75 10.65 21.11
N GLN B 659 -11.22 9.64 21.84
CA GLN B 659 -10.95 9.49 23.27
C GLN B 659 -9.70 8.72 23.64
N VAL B 660 -8.99 8.16 22.65
CA VAL B 660 -7.85 7.31 22.95
C VAL B 660 -6.65 7.53 22.03
N GLU B 661 -5.51 6.94 22.39
CA GLU B 661 -4.31 7.00 21.56
C GLU B 661 -4.26 5.65 20.86
N TYR B 662 -4.19 5.69 19.52
CA TYR B 662 -4.22 4.46 18.73
C TYR B 662 -3.02 4.30 17.81
N LEU B 663 -2.46 3.09 17.76
CA LEU B 663 -1.33 2.79 16.89
C LEU B 663 -1.84 1.62 16.03
N LEU B 664 -1.86 1.83 14.70
CA LEU B 664 -2.38 0.88 13.71
C LEU B 664 -1.21 0.42 12.86
N ILE B 665 -1.00 -0.90 12.74
CA ILE B 665 0.18 -1.42 12.03
C ILE B 665 -0.25 -2.55 11.11
N HIS B 666 0.25 -2.58 9.88
CA HIS B 666 -0.11 -3.65 8.96
C HIS B 666 0.95 -3.91 7.86
N GLY B 667 1.19 -5.17 7.52
CA GLY B 667 2.13 -5.44 6.42
C GLY B 667 1.44 -5.26 5.07
N THR B 668 2.11 -4.62 4.13
CA THR B 668 1.50 -4.38 2.85
C THR B 668 1.28 -5.64 2.00
N ALA B 669 2.01 -6.71 2.27
CA ALA B 669 1.86 -7.95 1.49
C ALA B 669 1.17 -9.01 2.32
N ASP B 670 0.23 -8.60 3.18
CA ASP B 670 -0.51 -9.52 4.02
C ASP B 670 -1.54 -10.17 3.10
N ASP B 671 -1.35 -11.45 2.83
CA ASP B 671 -2.25 -12.22 1.96
C ASP B 671 -3.44 -12.77 2.76
N ASN B 672 -3.34 -12.70 4.08
CA ASN B 672 -4.35 -13.30 4.95
C ASN B 672 -5.36 -12.24 5.39
N VAL B 673 -4.97 -11.28 6.23
CA VAL B 673 -5.85 -10.12 6.59
C VAL B 673 -5.30 -9.04 5.67
N HIS B 674 -5.97 -8.81 4.56
CA HIS B 674 -5.48 -7.86 3.56
C HIS B 674 -5.23 -6.45 4.02
N PHE B 675 -4.14 -5.81 3.55
CA PHE B 675 -3.80 -4.42 3.94
C PHE B 675 -5.08 -3.56 3.85
N GLN B 676 -5.91 -3.91 2.89
CA GLN B 676 -7.26 -3.31 2.72
C GLN B 676 -7.94 -3.03 4.04
N GLN B 677 -7.97 -4.02 4.92
CA GLN B 677 -8.68 -3.88 6.20
C GLN B 677 -8.21 -2.69 7.01
N SER B 678 -6.88 -2.50 7.14
CA SER B 678 -6.37 -1.34 7.86
C SER B 678 -6.50 -0.08 7.01
N ALA B 679 -6.36 -0.21 5.69
CA ALA B 679 -6.51 0.99 4.84
C ALA B 679 -7.93 1.61 5.01
N GLN B 680 -8.92 0.77 5.33
CA GLN B 680 -10.29 1.29 5.49
C GLN B 680 -10.45 1.89 6.89
N ILE B 681 -9.73 1.34 7.87
CA ILE B 681 -9.81 1.89 9.22
C ILE B 681 -9.20 3.30 9.19
N SER B 682 -8.01 3.41 8.59
CA SER B 682 -7.34 4.71 8.57
C SER B 682 -8.19 5.75 7.83
N LYS B 683 -8.87 5.35 6.76
CA LYS B 683 -9.69 6.27 5.99
C LYS B 683 -10.89 6.77 6.80
N ALA B 684 -11.48 5.89 7.61
CA ALA B 684 -12.63 6.29 8.42
C ALA B 684 -12.18 7.19 9.55
N LEU B 685 -10.96 6.97 10.06
CA LEU B 685 -10.45 7.83 11.14
C LEU B 685 -10.15 9.19 10.53
N VAL B 686 -9.55 9.20 9.35
CA VAL B 686 -9.26 10.49 8.73
C VAL B 686 -10.58 11.23 8.49
N ASP B 687 -11.60 10.52 8.01
CA ASP B 687 -12.89 11.13 7.71
C ASP B 687 -13.58 11.80 8.89
N VAL B 688 -13.41 11.29 10.11
CA VAL B 688 -14.02 11.94 11.25
C VAL B 688 -13.02 12.85 11.97
N GLY B 689 -11.85 13.07 11.35
CA GLY B 689 -10.88 13.94 11.97
C GLY B 689 -10.23 13.39 13.23
N VAL B 690 -9.94 12.10 13.29
CA VAL B 690 -9.30 11.57 14.47
C VAL B 690 -7.81 11.38 14.20
N ASP B 691 -6.98 11.92 15.06
CA ASP B 691 -5.53 11.73 14.92
C ASP B 691 -5.14 10.37 15.57
N PHE B 692 -4.18 9.68 14.96
CA PHE B 692 -3.70 8.38 15.44
C PHE B 692 -2.29 8.13 14.88
N GLN B 693 -1.62 7.08 15.37
CA GLN B 693 -0.27 6.70 14.92
C GLN B 693 -0.34 5.51 13.94
N ALA B 694 0.51 5.52 12.91
CA ALA B 694 0.49 4.46 11.93
C ALA B 694 1.86 3.95 11.55
N MET B 695 1.90 2.70 11.09
CA MET B 695 3.14 2.12 10.58
C MET B 695 2.80 1.03 9.59
N TRP B 696 3.25 1.16 8.34
CA TRP B 696 3.04 0.06 7.38
C TRP B 696 4.38 -0.71 7.29
N TYR B 697 4.37 -2.01 6.96
CA TYR B 697 5.65 -2.73 6.80
C TYR B 697 5.77 -3.25 5.34
N THR B 698 6.58 -2.57 4.54
CA THR B 698 6.69 -2.96 3.16
C THR B 698 7.01 -4.42 2.96
N ASP B 699 6.18 -5.09 2.16
CA ASP B 699 6.33 -6.49 1.80
C ASP B 699 6.27 -7.55 2.91
N GLU B 700 5.87 -7.19 4.12
CA GLU B 700 5.75 -8.17 5.21
C GLU B 700 4.32 -8.70 5.09
N ASP B 701 4.09 -9.92 5.57
CA ASP B 701 2.78 -10.53 5.49
C ASP B 701 2.13 -10.59 6.83
N HIS B 702 1.16 -11.48 7.00
CA HIS B 702 0.45 -11.50 8.28
C HIS B 702 1.34 -11.74 9.50
N GLY B 703 2.50 -12.37 9.33
CA GLY B 703 3.35 -12.60 10.49
C GLY B 703 4.36 -11.49 10.82
N ILE B 704 4.53 -10.50 9.92
CA ILE B 704 5.56 -9.43 10.08
C ILE B 704 6.73 -10.09 10.80
N ALA B 705 7.19 -11.17 10.22
CA ALA B 705 8.19 -11.98 10.84
C ALA B 705 9.59 -12.00 10.29
N SER B 706 9.90 -11.22 9.25
CA SER B 706 11.29 -11.27 8.80
C SER B 706 12.10 -10.74 10.00
N SER B 707 13.35 -11.17 10.07
CA SER B 707 14.24 -10.77 11.16
C SER B 707 14.22 -9.26 11.45
N THR B 708 14.51 -8.43 10.46
CA THR B 708 14.51 -6.97 10.67
C THR B 708 13.14 -6.37 10.98
N ALA B 709 12.08 -6.82 10.31
CA ALA B 709 10.76 -6.23 10.56
C ALA B 709 10.27 -6.56 11.95
N HIS B 710 10.47 -7.82 12.35
CA HIS B 710 10.09 -8.30 13.69
C HIS B 710 10.75 -7.39 14.74
N GLN B 711 12.05 -7.15 14.63
CA GLN B 711 12.72 -6.27 15.59
C GLN B 711 12.19 -4.86 15.52
N HIS B 712 11.97 -4.37 14.31
CA HIS B 712 11.52 -2.99 14.15
C HIS B 712 10.12 -2.76 14.74
N ILE B 713 9.20 -3.71 14.55
CA ILE B 713 7.84 -3.48 15.06
C ILE B 713 7.79 -3.53 16.59
N TYR B 714 8.45 -4.51 17.19
CA TYR B 714 8.42 -4.53 18.66
C TYR B 714 9.15 -3.33 19.26
N THR B 715 10.09 -2.76 18.52
CA THR B 715 10.80 -1.55 19.01
C THR B 715 9.84 -0.37 18.96
N HIS B 716 9.13 -0.24 17.84
CA HIS B 716 8.21 0.87 17.62
C HIS B 716 7.06 0.80 18.61
N MET B 717 6.62 -0.41 18.92
CA MET B 717 5.49 -0.58 19.84
C MET B 717 5.91 -0.34 21.28
N SER B 718 7.17 -0.64 21.59
CA SER B 718 7.67 -0.44 22.97
C SER B 718 7.72 1.07 23.21
N HIS B 719 8.19 1.84 22.23
CA HIS B 719 8.22 3.31 22.37
C HIS B 719 6.82 3.87 22.58
N PHE B 720 5.86 3.35 21.84
CA PHE B 720 4.49 3.85 21.96
C PHE B 720 3.90 3.57 23.33
N ILE B 721 4.17 2.38 23.87
CA ILE B 721 3.62 2.00 25.17
C ILE B 721 4.26 2.80 26.31
N LYS B 722 5.56 3.01 26.26
CA LYS B 722 6.20 3.77 27.33
C LYS B 722 5.81 5.22 27.28
N GLN B 723 5.56 5.75 26.09
CA GLN B 723 5.10 7.12 26.01
C GLN B 723 3.73 7.25 26.63
N CYS B 724 2.88 6.31 26.25
CA CYS B 724 1.52 6.29 26.73
C CYS B 724 1.59 6.07 28.23
N PHE B 725 2.64 5.35 28.71
CA PHE B 725 2.71 5.14 30.17
C PHE B 725 3.62 6.12 30.90
N SER B 726 4.09 7.19 30.26
CA SER B 726 4.93 8.19 30.98
C SER B 726 6.11 7.56 31.66
N LEU B 727 6.88 6.78 30.92
CA LEU B 727 8.06 6.11 31.42
C LEU B 727 9.08 5.83 30.30
N PRO B 728 10.35 5.66 30.69
CA PRO B 728 11.41 5.25 29.71
C PRO B 728 11.12 3.96 28.95
C1 NAG C . 1.42 1.54 -31.97
C2 NAG C . 0.72 1.18 -33.29
C3 NAG C . 0.72 -0.36 -33.49
C4 NAG C . 2.13 -0.95 -33.29
C5 NAG C . 2.70 -0.47 -31.94
C6 NAG C . 4.09 -0.97 -31.63
C7 NAG C . -1.15 2.35 -34.31
C8 NAG C . -2.61 2.77 -34.20
N2 NAG C . -0.65 1.66 -33.29
O3 NAG C . 0.27 -0.71 -34.80
O4 NAG C . 2.08 -2.37 -33.30
O5 NAG C . 2.74 0.98 -31.91
O6 NAG C . 5.07 -0.29 -32.40
O7 NAG C . -0.50 2.65 -35.32
C1 NAG C . 2.33 -3.37 -34.07
C2 NAG C . 3.25 -4.64 -33.92
C3 NAG C . 4.21 -5.16 -35.07
C4 NAG C . 3.60 -5.19 -36.46
C5 NAG C . 2.92 -3.77 -36.64
C6 NAG C . 2.13 -3.81 -37.94
C7 NAG C . 3.44 -4.62 -31.57
C8 NAG C . 2.20 -5.51 -31.49
N2 NAG C . 4.04 -4.47 -32.74
O3 NAG C . 4.58 -6.50 -34.72
O4 NAG C . 4.62 -5.49 -37.56
O5 NAG C . 1.91 -3.37 -35.54
O6 NAG C . 2.96 -3.61 -39.08
O7 NAG C . 3.86 -4.08 -30.55
C1 MAN C . 5.31 -6.75 -37.83
C2 MAN C . 6.70 -6.60 -38.55
C3 MAN C . 6.60 -6.46 -40.09
C4 MAN C . 5.81 -7.62 -40.67
C5 MAN C . 4.42 -7.64 -40.02
C6 MAN C . 3.65 -8.86 -40.54
O2 MAN C . 7.50 -7.75 -38.27
O3 MAN C . 7.89 -6.45 -40.70
O4 MAN C . 5.69 -7.44 -42.09
O5 MAN C . 4.47 -7.74 -38.54
O6 MAN C . 3.71 -9.96 -39.63
C1 NAG D . 23.74 16.35 -25.26
C2 NAG D . 25.10 16.83 -25.80
C3 NAG D . 25.89 15.61 -26.31
C4 NAG D . 26.14 14.65 -25.15
C5 NAG D . 24.78 14.26 -24.50
C6 NAG D . 24.96 13.45 -23.21
C7 NAG D . 25.41 19.10 -26.51
C8 NAG D . 24.82 20.24 -27.33
N2 NAG D . 24.97 17.87 -26.80
O3 NAG D . 27.14 16.03 -26.86
O4 NAG D . 26.83 13.47 -25.65
O5 NAG D . 23.99 15.45 -24.15
O6 NAG D . 25.80 14.10 -22.26
O7 NAG D . 26.23 19.34 -25.62
C1 NAG D . 27.76 12.84 -24.82
C2 NAG D . 28.39 11.62 -25.51
C3 NAG D . 29.32 10.93 -24.49
C4 NAG D . 30.36 11.92 -23.95
C5 NAG D . 29.71 13.24 -23.49
C6 NAG D . 30.76 14.30 -23.23
C7 NAG D . 26.75 10.83 -27.14
C8 NAG D . 27.56 11.27 -28.36
N2 NAG D . 27.36 10.68 -25.97
O3 NAG D . 29.99 9.83 -25.09
O4 NAG D . 31.04 11.31 -22.85
O5 NAG D . 28.82 13.77 -24.50
O6 NAG D . 30.58 14.89 -21.95
O7 NAG D . 25.55 10.58 -27.29
C1 NAG E . 22.47 -50.07 20.84
C2 NAG E . 22.66 -50.27 19.31
C3 NAG E . 22.35 -51.73 18.87
C4 NAG E . 22.97 -52.79 19.80
C5 NAG E . 22.57 -52.43 21.25
C6 NAG E . 23.03 -53.41 22.33
C7 NAG E . 22.17 -48.21 18.12
C8 NAG E . 21.14 -47.39 17.36
N2 NAG E . 21.76 -49.37 18.61
O3 NAG E . 22.80 -51.94 17.52
O4 NAG E . 22.49 -54.12 19.44
O5 NAG E . 23.08 -51.13 21.59
O6 NAG E . 24.42 -53.70 22.22
O7 NAG E . 23.32 -47.77 18.26
C1 NAG E . 23.44 -55.11 19.20
C2 NAG E . 22.85 -56.54 19.23
C3 NAG E . 24.02 -57.52 19.10
C4 NAG E . 24.86 -57.24 17.84
C5 NAG E . 25.18 -55.74 17.67
C6 NAG E . 25.67 -55.43 16.26
C7 NAG E . 20.84 -56.41 20.60
C8 NAG E . 19.87 -56.61 19.44
N2 NAG E . 22.11 -56.81 20.45
O3 NAG E . 23.56 -58.87 19.09
O4 NAG E . 26.07 -57.98 17.89
O5 NAG E . 24.02 -54.90 17.90
O6 NAG E . 26.91 -54.72 16.28
O7 NAG E . 20.44 -55.90 21.65
C1 NAG F . -1.11 -53.70 0.26
C2 NAG F . -0.56 -55.15 0.28
C3 NAG F . -1.10 -55.91 -0.94
C4 NAG F . -2.62 -55.71 -1.13
C5 NAG F . -3.01 -54.23 -1.02
C6 NAG F . -4.49 -53.95 -1.07
C7 NAG F . 1.57 -55.88 1.16
C8 NAG F . 3.06 -56.12 0.92
N2 NAG F . 0.89 -55.14 0.29
O3 NAG F . -0.84 -57.31 -0.76
O4 NAG F . -3.03 -56.19 -2.43
O5 NAG F . -2.54 -53.71 0.22
O6 NAG F . -5.16 -54.57 0.01
O7 NAG F . 1.04 -56.39 2.16
C1 NAG F . -4.01 -57.17 -2.42
C2 NAG F . -4.60 -57.33 -3.82
C3 NAG F . -5.64 -58.48 -3.84
C4 NAG F . -5.18 -59.75 -3.09
C5 NAG F . -4.40 -59.47 -1.80
C6 NAG F . -3.62 -60.71 -1.39
C7 NAG F . -4.66 -55.36 -5.23
C8 NAG F . -4.08 -56.10 -6.45
N2 NAG F . -5.21 -56.08 -4.26
O3 NAG F . -5.90 -58.83 -5.20
O4 NAG F . -6.31 -60.56 -2.78
O5 NAG F . -3.42 -58.41 -2.00
O6 NAG F . -3.65 -60.92 0.01
O7 NAG F . -4.61 -54.13 -5.20
C1 NAG G . -5.48 -39.73 -19.53
C2 NAG G . -6.29 -38.73 -18.75
C3 NAG G . -6.49 -37.48 -19.61
C4 NAG G . -5.23 -37.05 -20.43
C5 NAG G . -4.50 -38.28 -20.99
C6 NAG G . -3.25 -38.20 -21.87
C7 NAG G . -8.57 -38.68 -17.91
C8 NAG G . -9.98 -39.23 -18.04
N2 NAG G . -7.56 -39.36 -18.45
O3 NAG G . -6.94 -36.41 -18.79
O4 NAG G . -5.71 -36.35 -21.54
O5 NAG G . -4.24 -39.18 -19.94
O6 NAG G . -2.08 -37.90 -21.13
O7 NAG G . -8.40 -37.63 -17.31
C1 NAG G . -5.42 -35.04 -21.81
C2 NAG G . -6.10 -34.81 -23.14
C3 NAG G . -6.03 -33.37 -23.57
C4 NAG G . -6.71 -32.57 -22.47
C5 NAG G . -6.11 -32.85 -21.08
C6 NAG G . -7.00 -32.26 -20.00
C7 NAG G . -5.76 -37.02 -24.02
C8 NAG G . -7.21 -37.52 -23.90
N2 NAG G . -5.58 -35.69 -24.14
O3 NAG G . -6.73 -33.23 -24.79
O4 NAG G . -6.61 -31.17 -22.76
O5 NAG G . -6.04 -34.26 -20.78
O6 NAG G . -6.24 -31.96 -18.84
O7 NAG G . -4.84 -37.83 -24.00
C1 NAG H . -27.83 -24.65 10.72
C2 NAG H . -29.11 -25.03 11.47
C3 NAG H . -30.33 -24.59 10.64
C4 NAG H . -30.32 -23.08 10.45
C5 NAG H . -28.96 -22.64 9.82
C6 NAG H . -28.78 -21.12 9.91
C7 NAG H . -29.19 -26.83 13.07
C8 NAG H . -28.88 -28.30 13.38
N2 NAG H . -29.15 -26.44 11.80
O3 NAG H . -31.53 -24.98 11.29
O4 NAG H . -31.44 -22.69 9.60
O5 NAG H . -27.80 -23.22 10.50
O6 NAG H . -28.65 -20.72 11.28
O7 NAG H . -29.45 -26.08 14.00
C1 NAG H . -32.09 -21.48 9.85
C2 NAG H . -33.13 -21.15 8.77
C3 NAG H . -33.70 -19.76 9.09
C4 NAG H . -34.22 -19.65 10.53
C5 NAG H . -33.22 -20.25 11.56
C6 NAG H . -33.88 -20.44 12.91
C7 NAG H . -32.50 -22.23 6.68
C8 NAG H . -33.47 -23.38 6.96
N2 NAG H . -32.54 -21.13 7.44
O3 NAG H . -34.76 -19.46 8.20
O4 NAG H . -34.42 -18.27 10.83
O5 NAG H . -32.75 -21.56 11.12
O6 NAG H . -33.11 -19.86 13.96
O7 NAG H . -31.72 -22.33 5.74
CAP AJH I . 6.85 25.84 -13.91
CAX AJH I . 7.73 26.72 -14.55
CAO AJH I . 7.36 27.33 -15.75
CAJ AJH I . 8.32 28.29 -16.45
OAW AJH I . 8.46 28.21 -17.69
OBD AJH I . 8.97 29.09 -15.73
CAY AJH I . 6.11 27.05 -16.29
CAQ AJH I . 5.24 26.20 -15.64
CAB AJH I . 5.59 25.56 -14.44
CAA AJH I . 4.78 24.60 -13.97
OAN AJH I . 3.64 24.59 -14.42
NAD AJH I . 5.14 23.72 -13.03
CAR AJH I . 6.55 23.54 -12.66
CAS AJH I . 7.17 22.54 -13.65
CBE AJH I . 4.18 22.74 -12.52
CBC AJH I . 3.93 21.57 -13.47
CBF AJH I . 5.11 21.21 -14.38
NAE AJH I . 6.40 21.29 -13.68
CAC AJH I . 6.93 20.22 -13.08
OAU AJH I . 8.02 20.25 -12.51
CAF AJH I . 6.14 18.90 -13.13
CAV AJH I . 6.80 17.82 -12.25
NBG AJH I . 6.22 16.50 -12.52
CAT AJH I . 6.65 18.17 -10.78
CAG AJH I . 7.12 17.02 -9.88
CAM AJH I . 8.49 16.87 -9.73
CAL AJH I . 9.03 15.86 -8.92
FBB AJH I . 10.36 15.75 -8.82
CAK AJH I . 8.16 15.01 -8.24
FBA AJH I . 8.59 14.11 -7.34
CAH AJH I . 6.78 15.16 -8.40
CAI AJH I . 6.27 16.16 -9.22
FAZ AJH I . 4.92 16.27 -9.31
C1 NAG J . -22.10 50.93 -21.26
C2 NAG J . -23.10 50.50 -22.41
C3 NAG J . -22.93 51.44 -23.64
C4 NAG J . -23.03 52.91 -23.23
C5 NAG J . -22.00 53.18 -22.13
C6 NAG J . -21.92 54.65 -21.66
C7 NAG J . -23.85 48.56 -23.66
C8 NAG J . -23.42 47.46 -24.63
N2 NAG J . -22.95 49.11 -22.84
O3 NAG J . -23.88 51.15 -24.65
O4 NAG J . -22.79 53.74 -24.36
O5 NAG J . -22.28 52.34 -20.98
O6 NAG J . -23.19 55.22 -21.39
O7 NAG J . -25.03 48.91 -23.68
C1 NAG K . -28.55 34.64 -7.30
C2 NAG K . -29.01 35.94 -6.65
C3 NAG K . -28.76 35.95 -5.14
C4 NAG K . -29.41 34.74 -4.50
C5 NAG K . -28.96 33.44 -5.23
C6 NAG K . -29.57 32.14 -4.68
C7 NAG K . -28.88 37.67 -8.32
C8 NAG K . -28.17 38.92 -8.82
N2 NAG K . -28.32 37.04 -7.29
O3 NAG K . -29.29 37.15 -4.59
O4 NAG K . -29.02 34.71 -3.12
O5 NAG K . -29.25 33.51 -6.68
O6 NAG K . -30.22 32.32 -3.41
O7 NAG K . -29.95 37.31 -8.84
C1 NAG L . -25.93 10.22 -20.45
C2 NAG L . -27.25 9.94 -19.73
C3 NAG L . -28.36 9.58 -20.77
C4 NAG L . -28.40 10.63 -21.92
C5 NAG L . -26.96 10.79 -22.49
C6 NAG L . -26.70 11.79 -23.62
C7 NAG L . -27.44 8.83 -17.58
C8 NAG L . -27.26 7.51 -16.80
N2 NAG L . -27.04 8.80 -18.86
O3 NAG L . -29.63 9.50 -20.12
O4 NAG L . -29.34 10.23 -22.97
O5 NAG L . -26.11 11.22 -21.42
O6 NAG L . -27.43 12.96 -23.35
O7 NAG L . -27.91 9.84 -17.02
C1 NAG M . -9.95 31.07 -42.97
C2 NAG M . -10.79 32.03 -43.87
C3 NAG M . -10.96 31.40 -45.28
C4 NAG M . -9.62 30.91 -45.85
C5 NAG M . -8.91 30.01 -44.83
C6 NAG M . -7.57 29.49 -45.28
C7 NAG M . -12.57 33.50 -43.14
C8 NAG M . -13.97 33.62 -42.54
N2 NAG M . -12.09 32.26 -43.27
O3 NAG M . -11.54 32.34 -46.18
O4 NAG M . -9.83 30.20 -47.06
O5 NAG M . -8.71 30.73 -43.60
O6 NAG M . -6.57 30.49 -45.22
O7 NAG M . -11.95 34.51 -43.48
C1 NAG N . -12.69 5.67 -42.02
C2 NAG N . -13.86 4.64 -42.14
C3 NAG N . -13.72 3.54 -41.05
C4 NAG N . -12.30 2.93 -41.08
C5 NAG N . -11.28 4.05 -40.91
C6 NAG N . -9.85 3.52 -40.93
C7 NAG N . -16.28 4.71 -42.36
C8 NAG N . -17.56 5.25 -41.72
N2 NAG N . -15.15 5.33 -42.02
O3 NAG N . -14.68 2.50 -41.22
O4 NAG N . -12.14 1.97 -40.06
O5 NAG N . -11.41 5.01 -41.99
O6 NAG N . -9.72 2.42 -41.83
O7 NAG N . -16.34 3.75 -43.14
C1 NAG O . 31.46 26.80 -2.54
C2 NAG O . 30.46 25.74 -3.05
C3 NAG O . 30.57 24.44 -2.23
C4 NAG O . 32.01 23.95 -2.36
C5 NAG O . 32.99 25.02 -1.85
C6 NAG O . 34.42 24.60 -2.14
C7 NAG O . 28.61 26.72 -4.26
C8 NAG O . 27.28 27.44 -4.23
N2 NAG O . 29.11 26.27 -3.09
O3 NAG O . 29.68 23.44 -2.72
O4 NAG O . 32.20 22.74 -1.65
O5 NAG O . 32.80 26.27 -2.56
O6 NAG O . 34.68 24.64 -3.54
O7 NAG O . 29.19 26.55 -5.34
CAP AJH P . -6.00 -24.39 16.78
CAX AJH P . -6.85 -25.24 17.49
CAO AJH P . -6.91 -26.59 17.22
CAJ AJH P . -7.83 -27.53 18.00
OAW AJH P . -8.41 -28.44 17.38
OBD AJH P . -8.00 -27.30 19.22
CAY AJH P . -6.09 -27.11 16.21
CAQ AJH P . -5.23 -26.26 15.51
CAB AJH P . -5.17 -24.89 15.77
CAA AJH P . -4.51 -24.11 14.90
OAN AJH P . -3.71 -24.70 14.17
NAD AJH P . -4.65 -22.79 14.83
CAR AJH P . -5.80 -22.10 15.42
CAS AJH P . -6.97 -22.19 14.45
CBE AJH P . -3.82 -22.00 13.89
CBC AJH P . -4.26 -22.12 12.43
CBF AJH P . -5.74 -22.47 12.23
NAE AJH P . -6.62 -21.68 13.11
CAC AJH P . -7.17 -20.52 12.73
OAU AJH P . -7.89 -19.89 13.49
CAF AJH P . -6.85 -19.97 11.33
CAV AJH P . -7.34 -18.52 11.18
NBG AJH P . -7.31 -18.05 9.79
CAT AJH P . -6.52 -17.58 12.07
CAG AJH P . -6.81 -16.10 11.81
CAM AJH P . -7.99 -15.59 12.35
CAL AJH P . -8.37 -14.26 12.17
FBB AJH P . -9.52 -13.82 12.70
CAK AJH P . -7.55 -13.42 11.40
FBA AJH P . -7.86 -12.13 11.18
CAH AJH P . -6.38 -13.93 10.85
CAI AJH P . -6.01 -15.25 11.06
FAZ AJH P . -4.82 -15.67 10.57
C1 NAG Q . 30.71 -32.72 12.59
C2 NAG Q . 30.64 -31.47 13.49
C3 NAG Q . 31.80 -31.45 14.50
C4 NAG Q . 31.95 -32.80 15.23
C5 NAG Q . 32.04 -33.93 14.20
C6 NAG Q . 32.21 -35.33 14.76
C7 NAG Q . 29.71 -29.37 12.67
C8 NAG Q . 29.59 -28.49 11.44
N2 NAG Q . 30.69 -30.26 12.68
O3 NAG Q . 31.59 -30.42 15.46
O4 NAG Q . 33.13 -32.78 16.02
O5 NAG Q . 30.84 -33.92 13.38
O6 NAG Q . 31.61 -35.48 16.04
O7 NAG Q . 28.93 -29.20 13.60
C1 NAG R . 17.09 -27.16 -11.73
C2 NAG R . 17.38 -28.11 -12.90
C3 NAG R . 18.91 -28.28 -13.10
C4 NAG R . 19.60 -26.91 -13.18
C5 NAG R . 19.16 -26.01 -12.01
C6 NAG R . 19.71 -24.59 -12.06
C7 NAG R . 16.81 -30.06 -11.52
C8 NAG R . 15.87 -31.25 -11.35
N2 NAG R . 16.74 -29.41 -12.69
O3 NAG R . 19.18 -29.02 -14.29
O4 NAG R . 21.01 -27.08 -13.14
O5 NAG R . 17.73 -25.89 -11.98
O6 NAG R . 19.87 -24.07 -10.74
O7 NAG R . 17.59 -29.75 -10.59
C1 NAG S . -14.09 -25.94 -13.26
C2 NAG S . -14.21 -27.11 -14.20
C3 NAG S . -14.71 -26.60 -15.56
C4 NAG S . -15.83 -25.51 -15.46
C5 NAG S . -15.53 -24.52 -14.32
C6 NAG S . -16.40 -23.31 -14.00
C7 NAG S . -12.68 -29.00 -14.21
C8 NAG S . -11.41 -29.59 -14.80
N2 NAG S . -12.88 -27.69 -14.32
O3 NAG S . -15.16 -27.71 -16.34
O4 NAG S . -15.73 -24.76 -16.65
O5 NAG S . -15.32 -25.24 -13.14
O6 NAG S . -17.59 -23.66 -13.33
O7 NAG S . -13.48 -29.73 -13.66
C1 NAG T . -23.98 -11.07 32.80
C2 NAG T . -23.16 -10.74 31.56
C3 NAG T . -23.20 -9.21 31.42
C4 NAG T . -24.68 -8.73 31.33
C5 NAG T . -25.53 -9.31 32.49
C6 NAG T . -27.03 -9.05 32.37
C7 NAG T . -21.46 -12.43 31.16
C8 NAG T . -20.14 -13.04 31.59
N2 NAG T . -21.79 -11.22 31.66
O3 NAG T . -22.48 -8.79 30.26
O4 NAG T . -24.72 -7.31 31.38
O5 NAG T . -25.35 -10.74 32.58
O6 NAG T . -27.48 -9.22 31.03
O7 NAG T . -22.21 -13.06 30.40
#